data_5WS9
#
_entry.id   5WS9
#
_cell.length_a   127.190
_cell.length_b   127.190
_cell.length_c   144.924
_cell.angle_alpha   90.00
_cell.angle_beta   90.00
_cell.angle_gamma   120.00
#
_symmetry.space_group_name_H-M   'P 31'
#
loop_
_entity.id
_entity.type
_entity.pdbx_description
1 polymer 'Pyruvate kinase'
2 non-polymer 'MAGNESIUM ION'
3 non-polymer 'OXALATE ION'
4 non-polymer 'ADENOSINE MONOPHOSPHATE'
5 non-polymer 'POTASSIUM ION'
6 non-polymer "ADENOSINE-5'-TRIPHOSPHATE"
7 non-polymer 'PHOSPHATE ION'
8 water water
#
_entity_poly.entity_id   1
_entity_poly.type   'polypeptide(L)'
_entity_poly.pdbx_seq_one_letter_code
;GGHMTRRGKIVCTLGPATQRDDLVRALVEAGMDVARMNFSHGDYDDHKVAYERVRVASDATGRAVGVLADLQGPKIRLGR
FASGATHWAEGETVRITVGACEGSHDRVSTTYKRLAQDAVAGDRVLVDDGKVALVVDAVEGDDVVCTVVEGGPVSDNKGI
SLPGMNVTAPALSEKDIEDLTFALNLGVDMVALSFVRSPADVELVHEVMDRIGRRVPVIAKLEKPEAIDNLEAIVLAFDA
VMVARGDLGVELPLEEVPLVQKRAIQMARENAKPVIVATQMLDSMIENSRPTRAEASDVANAVLDGADALMLSGETSVGK
YPLAAVRTMSRIICAVEENSTAAPPLTHIPRTKRGVISYAARDIGERLDAKALVAFTQSGDTVRRLARLHTPLPLLAFTA
WPEVRSQLAMTWGTETFIVPKMQSTDGMIRQVDKSLLELARYKRGDLVVIVAGAPPGTVGSTNLIHVHRIGEDDV
;
_entity_poly.pdbx_strand_id   A,B,C,D
#
loop_
_chem_comp.id
_chem_comp.type
_chem_comp.name
_chem_comp.formula
AMP non-polymer 'ADENOSINE MONOPHOSPHATE' 'C10 H14 N5 O7 P'
ATP non-polymer ADENOSINE-5'-TRIPHOSPHATE 'C10 H16 N5 O13 P3'
K non-polymer 'POTASSIUM ION' 'K 1'
MG non-polymer 'MAGNESIUM ION' 'Mg 2'
OXL non-polymer 'OXALATE ION' 'C2 O4 -2'
PO4 non-polymer 'PHOSPHATE ION' 'O4 P -3'
#
# COMPACT_ATOMS: atom_id res chain seq x y z
N THR A 5 -9.49 -19.88 -23.40
CA THR A 5 -10.91 -19.61 -23.66
C THR A 5 -11.49 -18.46 -22.85
N ARG A 6 -12.66 -18.06 -23.29
CA ARG A 6 -13.38 -16.96 -22.73
C ARG A 6 -13.82 -17.28 -21.33
N ARG A 7 -13.72 -16.29 -20.45
CA ARG A 7 -14.17 -16.45 -19.07
C ARG A 7 -15.54 -15.81 -18.85
N GLY A 8 -15.69 -14.52 -19.21
CA GLY A 8 -16.98 -13.87 -19.12
C GLY A 8 -18.08 -14.55 -19.93
N LYS A 9 -19.30 -14.50 -19.43
CA LYS A 9 -20.40 -15.26 -20.00
C LYS A 9 -21.25 -14.36 -20.88
N ILE A 10 -21.92 -14.96 -21.84
CA ILE A 10 -22.79 -14.26 -22.81
C ILE A 10 -24.21 -14.80 -22.72
N VAL A 11 -25.13 -13.88 -22.50
CA VAL A 11 -26.55 -14.13 -22.52
C VAL A 11 -27.14 -13.62 -23.82
N CYS A 12 -27.91 -14.47 -24.53
CA CYS A 12 -28.57 -14.07 -25.74
C CYS A 12 -30.07 -14.17 -25.61
N THR A 13 -30.78 -13.26 -26.28
CA THR A 13 -32.23 -13.30 -26.27
C THR A 13 -32.74 -13.97 -27.54
N LEU A 14 -33.67 -14.90 -27.37
CA LEU A 14 -34.31 -15.57 -28.47
C LEU A 14 -35.49 -14.78 -29.00
N GLY A 15 -35.75 -14.93 -30.29
CA GLY A 15 -36.90 -14.35 -30.93
C GLY A 15 -36.94 -14.66 -32.43
N PRO A 16 -37.67 -13.85 -33.20
CA PRO A 16 -37.88 -14.15 -34.61
C PRO A 16 -36.61 -14.45 -35.38
N ALA A 17 -35.52 -13.74 -35.06
CA ALA A 17 -34.29 -13.90 -35.79
C ALA A 17 -33.54 -15.19 -35.45
N THR A 18 -33.90 -15.84 -34.34
CA THR A 18 -33.29 -17.10 -33.99
C THR A 18 -34.18 -18.30 -34.30
N GLN A 19 -35.37 -18.07 -34.87
CA GLN A 19 -36.33 -19.15 -35.08
C GLN A 19 -36.02 -19.98 -36.30
N ARG A 20 -35.32 -19.42 -37.27
CA ARG A 20 -34.97 -20.21 -38.44
C ARG A 20 -34.13 -21.39 -38.05
N ASP A 21 -34.40 -22.51 -38.68
CA ASP A 21 -33.79 -23.78 -38.36
C ASP A 21 -32.28 -23.67 -38.12
N ASP A 22 -31.85 -24.37 -37.10
CA ASP A 22 -30.46 -24.43 -36.65
C ASP A 22 -29.73 -23.15 -36.27
N LEU A 23 -30.43 -22.01 -36.21
CA LEU A 23 -29.80 -20.80 -35.63
C LEU A 23 -29.50 -20.91 -34.15
N VAL A 24 -30.41 -21.50 -33.39
CA VAL A 24 -30.17 -21.65 -31.95
C VAL A 24 -28.94 -22.53 -31.72
N ARG A 25 -28.84 -23.62 -32.45
CA ARG A 25 -27.65 -24.43 -32.42
C ARG A 25 -26.40 -23.62 -32.75
N ALA A 26 -26.48 -22.82 -33.82
CA ALA A 26 -25.31 -22.01 -34.21
C ALA A 26 -24.94 -20.99 -33.12
N LEU A 27 -25.92 -20.49 -32.37
CA LEU A 27 -25.61 -19.60 -31.24
C LEU A 27 -24.85 -20.31 -30.14
N VAL A 28 -25.30 -21.52 -29.84
CA VAL A 28 -24.63 -22.34 -28.80
C VAL A 28 -23.21 -22.60 -29.23
N GLU A 29 -23.03 -22.97 -30.48
CA GLU A 29 -21.68 -23.26 -30.94
C GLU A 29 -20.79 -22.03 -30.97
N ALA A 30 -21.41 -20.85 -31.18
CA ALA A 30 -20.71 -19.58 -31.17
C ALA A 30 -20.39 -19.05 -29.75
N GLY A 31 -20.98 -19.69 -28.72
CA GLY A 31 -20.62 -19.39 -27.36
C GLY A 31 -21.73 -18.97 -26.42
N MET A 32 -22.97 -18.92 -26.87
CA MET A 32 -24.09 -18.53 -25.97
C MET A 32 -24.05 -19.39 -24.72
N ASP A 33 -24.05 -18.74 -23.55
CA ASP A 33 -24.03 -19.44 -22.29
C ASP A 33 -25.41 -19.51 -21.62
N VAL A 34 -26.24 -18.51 -21.90
CA VAL A 34 -27.59 -18.41 -21.34
C VAL A 34 -28.51 -17.89 -22.42
N ALA A 35 -29.65 -18.57 -22.61
CA ALA A 35 -30.69 -18.12 -23.55
C ALA A 35 -31.81 -17.48 -22.75
N ARG A 36 -32.11 -16.22 -23.06
CA ARG A 36 -33.21 -15.47 -22.45
C ARG A 36 -34.47 -15.60 -23.30
N MET A 37 -35.53 -16.05 -22.63
CA MET A 37 -36.85 -16.04 -23.19
C MET A 37 -37.61 -14.83 -22.67
N ASN A 38 -37.97 -13.92 -23.55
CA ASN A 38 -38.62 -12.65 -23.13
C ASN A 38 -40.09 -12.75 -23.24
N PHE A 39 -40.76 -12.85 -22.09
CA PHE A 39 -42.23 -13.06 -22.11
C PHE A 39 -43.07 -11.83 -22.45
N SER A 40 -42.41 -10.72 -22.75
CA SER A 40 -43.11 -9.56 -23.36
C SER A 40 -43.62 -9.85 -24.78
N HIS A 41 -43.04 -10.82 -25.46
CA HIS A 41 -43.43 -11.16 -26.83
C HIS A 41 -43.58 -12.67 -26.99
N GLY A 42 -44.18 -13.08 -28.10
CA GLY A 42 -44.30 -14.49 -28.44
C GLY A 42 -45.44 -15.16 -27.70
N ASP A 43 -45.91 -16.30 -28.21
CA ASP A 43 -46.84 -17.12 -27.46
C ASP A 43 -46.15 -18.36 -26.86
N TYR A 44 -46.92 -19.15 -26.11
CA TYR A 44 -46.34 -20.27 -25.37
C TYR A 44 -45.76 -21.34 -26.31
N ASP A 45 -46.40 -21.54 -27.45
CA ASP A 45 -45.87 -22.44 -28.48
C ASP A 45 -44.48 -21.99 -28.95
N ASP A 46 -44.31 -20.68 -29.19
CA ASP A 46 -43.01 -20.12 -29.59
C ASP A 46 -41.94 -20.45 -28.57
N HIS A 47 -42.24 -20.19 -27.30
CA HIS A 47 -41.28 -20.35 -26.25
C HIS A 47 -40.92 -21.83 -26.07
N LYS A 48 -41.93 -22.69 -26.21
CA LYS A 48 -41.68 -24.12 -26.08
C LYS A 48 -40.70 -24.58 -27.18
N VAL A 49 -40.98 -24.22 -28.42
CA VAL A 49 -40.10 -24.59 -29.53
C VAL A 49 -38.68 -24.10 -29.31
N ALA A 50 -38.53 -22.86 -28.85
CA ALA A 50 -37.22 -22.30 -28.64
C ALA A 50 -36.47 -23.01 -27.46
N TYR A 51 -37.20 -23.26 -26.37
CA TYR A 51 -36.67 -24.03 -25.23
C TYR A 51 -36.10 -25.39 -25.66
N GLU A 52 -36.86 -26.10 -26.47
CA GLU A 52 -36.48 -27.41 -26.95
C GLU A 52 -35.21 -27.32 -27.81
N ARG A 53 -35.13 -26.26 -28.63
CA ARG A 53 -33.95 -26.08 -29.48
C ARG A 53 -32.70 -25.85 -28.65
N VAL A 54 -32.84 -25.13 -27.54
CA VAL A 54 -31.70 -24.86 -26.64
C VAL A 54 -31.24 -26.14 -25.94
N ARG A 55 -32.18 -26.87 -25.37
CA ARG A 55 -31.85 -28.16 -24.71
C ARG A 55 -31.19 -29.14 -25.67
N VAL A 56 -31.70 -29.25 -26.89
CA VAL A 56 -31.08 -30.14 -27.87
C VAL A 56 -29.64 -29.70 -28.18
N ALA A 57 -29.46 -28.40 -28.46
CA ALA A 57 -28.17 -27.87 -28.83
C ALA A 57 -27.14 -28.01 -27.68
N SER A 58 -27.60 -27.78 -26.46
CA SER A 58 -26.77 -27.96 -25.26
C SER A 58 -26.34 -29.42 -25.09
N ASP A 59 -27.29 -30.35 -25.22
CA ASP A 59 -26.96 -31.76 -25.08
C ASP A 59 -26.13 -32.29 -26.25
N ALA A 60 -26.42 -31.81 -27.47
CA ALA A 60 -25.66 -32.25 -28.65
C ALA A 60 -24.18 -31.75 -28.59
N THR A 61 -23.98 -30.52 -28.14
CA THR A 61 -22.64 -29.94 -28.15
C THR A 61 -21.85 -30.26 -26.90
N GLY A 62 -22.55 -30.55 -25.82
CA GLY A 62 -21.93 -30.73 -24.55
C GLY A 62 -21.71 -29.45 -23.77
N ARG A 63 -22.09 -28.30 -24.33
CA ARG A 63 -21.92 -27.03 -23.65
C ARG A 63 -23.12 -26.78 -22.72
N ALA A 64 -22.84 -26.33 -21.50
CA ALA A 64 -23.90 -25.90 -20.61
C ALA A 64 -24.55 -24.62 -21.20
N VAL A 65 -25.86 -24.60 -21.26
CA VAL A 65 -26.57 -23.41 -21.65
C VAL A 65 -27.76 -23.25 -20.74
N GLY A 66 -27.74 -22.22 -19.90
CA GLY A 66 -28.86 -21.96 -19.02
C GLY A 66 -30.03 -21.34 -19.80
N VAL A 67 -31.26 -21.56 -19.31
CA VAL A 67 -32.44 -20.94 -19.86
C VAL A 67 -33.06 -20.03 -18.83
N LEU A 68 -33.15 -18.75 -19.20
CA LEU A 68 -33.66 -17.68 -18.34
C LEU A 68 -35.02 -17.19 -18.84
N ALA A 69 -36.07 -17.31 -18.01
CA ALA A 69 -37.38 -16.74 -18.30
C ALA A 69 -37.47 -15.31 -17.77
N ASP A 70 -37.65 -14.35 -18.65
CA ASP A 70 -37.73 -12.92 -18.26
C ASP A 70 -39.20 -12.51 -18.22
N LEU A 71 -39.70 -12.26 -17.02
CA LEU A 71 -41.08 -11.81 -16.84
C LEU A 71 -41.23 -10.31 -17.09
N GLN A 72 -42.28 -9.95 -17.81
CA GLN A 72 -42.52 -8.59 -18.25
C GLN A 72 -42.67 -7.62 -17.09
N GLY A 73 -43.31 -8.04 -16.02
CA GLY A 73 -43.51 -7.16 -14.86
C GLY A 73 -44.58 -6.12 -15.10
N PRO A 74 -44.65 -5.12 -14.21
CA PRO A 74 -45.68 -4.11 -14.26
C PRO A 74 -45.43 -3.06 -15.34
N LYS A 75 -45.26 -3.51 -16.56
CA LYS A 75 -45.01 -2.62 -17.67
C LYS A 75 -46.29 -1.82 -18.03
N ILE A 76 -46.16 -0.51 -18.17
CA ILE A 76 -47.28 0.33 -18.61
C ILE A 76 -47.25 0.49 -20.11
N ARG A 77 -48.41 0.39 -20.73
CA ARG A 77 -48.51 0.35 -22.16
C ARG A 77 -49.67 1.21 -22.64
N LEU A 78 -49.58 1.63 -23.89
CA LEU A 78 -50.73 2.18 -24.57
C LEU A 78 -51.67 1.04 -24.96
N GLY A 79 -52.91 1.40 -25.27
CA GLY A 79 -53.88 0.44 -25.80
C GLY A 79 -53.73 0.29 -27.29
N ARG A 80 -54.84 -0.06 -27.95
CA ARG A 80 -54.85 -0.17 -29.41
C ARG A 80 -55.36 1.10 -30.08
N PHE A 81 -54.90 1.31 -31.32
CA PHE A 81 -55.37 2.39 -32.18
C PHE A 81 -56.27 1.83 -33.27
N ALA A 82 -57.20 2.64 -33.74
CA ALA A 82 -58.12 2.23 -34.82
C ALA A 82 -57.35 1.79 -36.08
N SER A 83 -56.29 2.51 -36.45
CA SER A 83 -55.53 2.13 -37.66
C SER A 83 -54.24 1.35 -37.35
N GLY A 84 -54.05 0.99 -36.08
CA GLY A 84 -52.92 0.12 -35.66
C GLY A 84 -51.69 0.96 -35.31
N ALA A 85 -51.58 2.13 -35.94
CA ALA A 85 -50.49 3.07 -35.70
C ALA A 85 -50.92 4.47 -36.06
N THR A 86 -50.21 5.44 -35.51
CA THR A 86 -50.40 6.82 -35.90
C THR A 86 -49.06 7.57 -35.76
N HIS A 87 -49.06 8.84 -36.16
CA HIS A 87 -47.88 9.67 -36.01
C HIS A 87 -48.22 10.81 -35.05
N TRP A 88 -47.44 10.91 -33.99
CA TRP A 88 -47.59 11.97 -33.01
C TRP A 88 -46.47 12.96 -33.25
N ALA A 89 -46.80 14.04 -33.92
CA ALA A 89 -45.84 15.06 -34.34
C ALA A 89 -45.65 16.13 -33.27
N GLU A 90 -44.43 16.62 -33.16
CA GLU A 90 -44.12 17.74 -32.31
C GLU A 90 -45.18 18.84 -32.49
N GLY A 91 -45.70 19.34 -31.37
CA GLY A 91 -46.67 20.42 -31.41
C GLY A 91 -48.09 19.94 -31.16
N GLU A 92 -48.40 18.68 -31.44
CA GLU A 92 -49.82 18.33 -31.29
C GLU A 92 -50.26 17.89 -29.92
N THR A 93 -51.56 17.97 -29.70
CA THR A 93 -52.18 17.63 -28.43
C THR A 93 -52.71 16.21 -28.51
N VAL A 94 -52.40 15.39 -27.51
CA VAL A 94 -52.96 14.06 -27.45
C VAL A 94 -53.49 13.78 -26.05
N ARG A 95 -54.48 12.92 -25.99
CA ARG A 95 -55.08 12.49 -24.75
C ARG A 95 -54.78 11.02 -24.52
N ILE A 96 -54.19 10.73 -23.37
CA ILE A 96 -54.04 9.35 -22.93
C ILE A 96 -55.06 9.12 -21.81
N THR A 97 -56.00 8.21 -22.03
CA THR A 97 -57.12 8.03 -21.13
C THR A 97 -57.04 6.69 -20.37
N VAL A 98 -57.56 6.70 -19.15
CA VAL A 98 -57.74 5.51 -18.41
C VAL A 98 -59.04 4.82 -18.74
N GLY A 99 -59.91 5.47 -19.51
CA GLY A 99 -61.13 4.81 -20.01
C GLY A 99 -60.82 3.87 -21.18
N ALA A 100 -61.68 2.87 -21.39
CA ALA A 100 -61.55 2.01 -22.57
C ALA A 100 -62.01 2.74 -23.84
N CYS A 101 -61.24 2.58 -24.91
CA CYS A 101 -61.64 3.03 -26.25
C CYS A 101 -60.73 2.34 -27.25
N GLU A 102 -61.21 2.19 -28.49
CA GLU A 102 -60.30 2.02 -29.60
C GLU A 102 -59.72 3.40 -29.88
N GLY A 103 -58.41 3.46 -29.95
CA GLY A 103 -57.71 4.68 -30.02
C GLY A 103 -57.80 5.34 -31.37
N SER A 104 -57.36 6.57 -31.39
CA SER A 104 -57.17 7.30 -32.61
C SER A 104 -55.96 8.16 -32.35
N HIS A 105 -55.56 8.89 -33.36
CA HIS A 105 -54.49 9.85 -33.22
C HIS A 105 -54.65 10.73 -31.96
N ASP A 106 -55.88 11.22 -31.72
CA ASP A 106 -56.16 12.22 -30.68
C ASP A 106 -56.27 11.64 -29.28
N ARG A 107 -56.68 10.37 -29.19
CA ARG A 107 -57.03 9.80 -27.90
C ARG A 107 -56.82 8.31 -27.91
N VAL A 108 -56.00 7.81 -26.97
CA VAL A 108 -55.70 6.37 -26.86
C VAL A 108 -55.72 5.95 -25.39
N SER A 109 -56.11 4.71 -25.12
CA SER A 109 -56.09 4.16 -23.77
C SER A 109 -54.67 3.87 -23.26
N THR A 110 -54.57 3.63 -21.96
CA THR A 110 -53.37 3.07 -21.34
C THR A 110 -53.78 2.00 -20.38
N THR A 111 -52.86 1.07 -20.10
CA THR A 111 -53.14 -0.02 -19.20
C THR A 111 -53.08 0.39 -17.75
N TYR A 112 -52.44 1.54 -17.47
CA TYR A 112 -52.22 2.01 -16.12
C TYR A 112 -53.41 2.85 -15.71
N LYS A 113 -54.32 2.24 -14.97
CA LYS A 113 -55.62 2.84 -14.72
C LYS A 113 -55.57 3.94 -13.70
N ARG A 114 -54.42 4.12 -13.05
CA ARG A 114 -54.23 5.22 -12.11
C ARG A 114 -53.59 6.46 -12.75
N LEU A 115 -53.40 6.46 -14.07
CA LEU A 115 -52.66 7.55 -14.73
C LEU A 115 -53.28 8.92 -14.44
N ALA A 116 -54.61 9.03 -14.54
CA ALA A 116 -55.28 10.32 -14.35
C ALA A 116 -55.26 10.76 -12.88
N GLN A 117 -55.32 9.78 -11.98
CA GLN A 117 -55.18 10.08 -10.56
C GLN A 117 -53.75 10.53 -10.18
N ASP A 118 -52.74 10.01 -10.87
CA ASP A 118 -51.34 10.14 -10.42
C ASP A 118 -50.53 11.21 -11.20
N ALA A 119 -50.99 11.55 -12.41
CA ALA A 119 -50.26 12.48 -13.25
C ALA A 119 -50.55 13.91 -12.85
N VAL A 120 -49.57 14.80 -13.02
CA VAL A 120 -49.82 16.23 -12.88
C VAL A 120 -49.18 17.00 -14.00
N ALA A 121 -49.68 18.20 -14.25
CA ALA A 121 -49.11 19.07 -15.28
C ALA A 121 -47.60 19.14 -15.09
N GLY A 122 -46.84 19.05 -16.17
CA GLY A 122 -45.40 19.04 -16.08
C GLY A 122 -44.74 17.66 -16.10
N ASP A 123 -45.47 16.61 -15.80
CA ASP A 123 -44.93 15.27 -15.92
C ASP A 123 -44.59 14.95 -17.36
N ARG A 124 -43.52 14.20 -17.53
CA ARG A 124 -43.13 13.69 -18.82
C ARG A 124 -43.68 12.28 -19.06
N VAL A 125 -44.12 12.04 -20.29
CA VAL A 125 -44.47 10.72 -20.76
C VAL A 125 -43.52 10.37 -21.90
N LEU A 126 -42.75 9.30 -21.76
CA LEU A 126 -41.85 8.87 -22.82
C LEU A 126 -42.38 7.57 -23.40
N VAL A 127 -42.53 7.51 -24.71
CA VAL A 127 -42.99 6.29 -25.39
C VAL A 127 -41.79 5.47 -25.85
N ASP A 128 -41.89 4.15 -25.76
CA ASP A 128 -40.90 3.30 -26.45
C ASP A 128 -39.47 3.63 -26.01
N ASP A 129 -39.31 3.97 -24.72
CA ASP A 129 -38.05 4.41 -24.15
C ASP A 129 -37.50 5.73 -24.74
N GLY A 130 -38.39 6.57 -25.27
CA GLY A 130 -38.07 7.97 -25.63
C GLY A 130 -37.70 8.25 -27.09
N LYS A 131 -38.42 7.72 -28.06
CA LYS A 131 -38.41 8.38 -29.36
C LYS A 131 -39.44 9.48 -29.34
N VAL A 132 -40.59 9.17 -28.74
CA VAL A 132 -41.66 10.14 -28.60
C VAL A 132 -41.68 10.59 -27.16
N ALA A 133 -41.76 11.91 -26.96
CA ALA A 133 -41.83 12.48 -25.63
C ALA A 133 -42.98 13.48 -25.52
N LEU A 134 -43.78 13.36 -24.47
CA LEU A 134 -44.92 14.26 -24.26
C LEU A 134 -44.75 14.94 -22.90
N VAL A 135 -45.42 16.08 -22.74
CA VAL A 135 -45.52 16.71 -21.45
C VAL A 135 -47.02 16.88 -21.07
N VAL A 136 -47.36 16.52 -19.85
CA VAL A 136 -48.74 16.64 -19.40
C VAL A 136 -49.09 18.12 -19.19
N ASP A 137 -50.23 18.54 -19.74
CA ASP A 137 -50.75 19.92 -19.58
C ASP A 137 -51.90 19.97 -18.57
N ALA A 138 -52.71 18.91 -18.55
CA ALA A 138 -53.94 18.92 -17.74
C ALA A 138 -54.48 17.50 -17.57
N VAL A 139 -55.21 17.29 -16.50
CA VAL A 139 -56.02 16.10 -16.31
C VAL A 139 -57.50 16.52 -16.29
N GLU A 140 -58.28 16.00 -17.23
CA GLU A 140 -59.71 16.25 -17.28
C GLU A 140 -60.42 14.89 -17.18
N GLY A 141 -60.96 14.60 -16.00
CA GLY A 141 -61.57 13.32 -15.73
C GLY A 141 -60.62 12.17 -15.97
N ASP A 142 -60.97 11.35 -16.95
CA ASP A 142 -60.25 10.13 -17.25
C ASP A 142 -59.05 10.42 -18.15
N ASP A 143 -58.98 11.64 -18.69
CA ASP A 143 -58.04 11.96 -19.77
C ASP A 143 -56.81 12.76 -19.28
N VAL A 144 -55.63 12.31 -19.69
CA VAL A 144 -54.41 13.04 -19.44
C VAL A 144 -54.03 13.73 -20.74
N VAL A 145 -54.18 15.05 -20.74
CA VAL A 145 -54.02 15.86 -21.94
C VAL A 145 -52.57 16.30 -22.03
N CYS A 146 -51.91 15.95 -23.14
CA CYS A 146 -50.47 16.12 -23.29
C CYS A 146 -50.12 16.86 -24.55
N THR A 147 -48.96 17.52 -24.52
CA THR A 147 -48.39 18.11 -25.70
C THR A 147 -47.19 17.30 -26.13
N VAL A 148 -47.14 16.97 -27.40
CA VAL A 148 -46.01 16.23 -27.94
C VAL A 148 -44.82 17.17 -28.11
N VAL A 149 -43.74 16.90 -27.39
CA VAL A 149 -42.56 17.72 -27.51
C VAL A 149 -41.46 17.13 -28.37
N GLU A 150 -41.55 15.83 -28.61
CA GLU A 150 -40.68 15.14 -29.55
C GLU A 150 -41.53 14.12 -30.25
N GLY A 151 -41.61 14.24 -31.58
CA GLY A 151 -42.56 13.49 -32.36
C GLY A 151 -42.03 12.20 -32.92
N GLY A 152 -42.94 11.36 -33.36
CA GLY A 152 -42.57 10.06 -33.88
C GLY A 152 -43.76 9.16 -33.99
N PRO A 153 -43.53 7.94 -34.50
CA PRO A 153 -44.62 6.97 -34.69
C PRO A 153 -44.96 6.32 -33.39
N VAL A 154 -46.24 6.04 -33.17
CA VAL A 154 -46.63 5.17 -32.07
C VAL A 154 -47.57 4.10 -32.64
N SER A 155 -47.70 3.01 -31.91
CA SER A 155 -48.49 1.91 -32.38
C SER A 155 -49.11 1.16 -31.22
N ASP A 156 -50.01 0.22 -31.56
CA ASP A 156 -50.72 -0.58 -30.58
C ASP A 156 -49.76 -1.11 -29.53
N ASN A 157 -50.14 -0.94 -28.28
CA ASN A 157 -49.55 -1.63 -27.15
C ASN A 157 -48.09 -1.20 -26.85
N LYS A 158 -47.63 -0.09 -27.43
CA LYS A 158 -46.26 0.40 -27.11
C LYS A 158 -46.11 0.79 -25.65
N GLY A 159 -44.92 0.56 -25.11
CA GLY A 159 -44.65 0.82 -23.71
C GLY A 159 -44.49 2.30 -23.49
N ILE A 160 -44.87 2.79 -22.30
CA ILE A 160 -44.56 4.14 -21.91
C ILE A 160 -43.90 4.18 -20.55
N SER A 161 -43.15 5.24 -20.31
CA SER A 161 -42.52 5.46 -19.04
C SER A 161 -42.94 6.80 -18.49
N LEU A 162 -43.08 6.86 -17.17
CA LEU A 162 -43.46 8.06 -16.47
C LEU A 162 -42.33 8.42 -15.49
N PRO A 163 -41.21 8.91 -16.00
CA PRO A 163 -40.07 9.09 -15.13
C PRO A 163 -40.36 10.10 -14.05
N GLY A 164 -40.02 9.77 -12.81
CA GLY A 164 -40.27 10.65 -11.70
C GLY A 164 -41.61 10.39 -11.03
N MET A 165 -42.50 9.64 -11.66
CA MET A 165 -43.79 9.40 -11.11
C MET A 165 -43.77 8.15 -10.25
N ASN A 166 -44.40 8.20 -9.11
CA ASN A 166 -44.47 7.05 -8.24
C ASN A 166 -45.55 6.14 -8.80
N VAL A 167 -45.15 5.03 -9.41
CA VAL A 167 -46.11 4.09 -9.99
C VAL A 167 -46.54 3.09 -8.91
N THR A 168 -47.84 2.86 -8.79
CA THR A 168 -48.37 1.91 -7.83
C THR A 168 -48.91 0.71 -8.63
N ALA A 169 -48.32 -0.45 -8.43
CA ALA A 169 -48.62 -1.61 -9.24
C ALA A 169 -48.03 -2.85 -8.58
N PRO A 170 -48.67 -4.00 -8.73
CA PRO A 170 -48.13 -5.18 -8.11
C PRO A 170 -46.87 -5.66 -8.84
N ALA A 171 -45.92 -6.23 -8.08
CA ALA A 171 -44.63 -6.68 -8.61
C ALA A 171 -44.81 -7.77 -9.64
N LEU A 172 -45.81 -8.64 -9.42
CA LEU A 172 -46.23 -9.62 -10.43
C LEU A 172 -47.66 -9.34 -10.90
N SER A 173 -47.83 -9.20 -12.22
CA SER A 173 -49.20 -9.11 -12.82
C SER A 173 -49.79 -10.52 -12.94
N GLU A 174 -51.06 -10.60 -13.31
CA GLU A 174 -51.67 -11.90 -13.54
C GLU A 174 -50.97 -12.63 -14.70
N LYS A 175 -50.65 -11.88 -15.76
CA LYS A 175 -49.86 -12.38 -16.87
C LYS A 175 -48.48 -12.94 -16.43
N ASP A 176 -47.79 -12.22 -15.56
CA ASP A 176 -46.53 -12.70 -15.04
C ASP A 176 -46.69 -14.06 -14.32
N ILE A 177 -47.74 -14.19 -13.55
CA ILE A 177 -47.96 -15.41 -12.78
C ILE A 177 -48.23 -16.60 -13.73
N GLU A 178 -49.04 -16.35 -14.76
CA GLU A 178 -49.29 -17.35 -15.79
C GLU A 178 -47.98 -17.72 -16.49
N ASP A 179 -47.23 -16.71 -16.90
CA ASP A 179 -45.96 -16.92 -17.60
C ASP A 179 -44.94 -17.71 -16.73
N LEU A 180 -44.88 -17.36 -15.45
CA LEU A 180 -43.95 -17.98 -14.53
C LEU A 180 -44.33 -19.44 -14.33
N THR A 181 -45.62 -19.72 -14.24
CA THR A 181 -46.11 -21.07 -14.06
C THR A 181 -45.76 -21.89 -15.29
N PHE A 182 -46.01 -21.34 -16.48
CA PHE A 182 -45.66 -22.00 -17.73
C PHE A 182 -44.15 -22.27 -17.80
N ALA A 183 -43.36 -21.28 -17.41
CA ALA A 183 -41.91 -21.40 -17.50
C ALA A 183 -41.32 -22.44 -16.49
N LEU A 184 -41.88 -22.47 -15.29
CA LEU A 184 -41.49 -23.44 -14.29
C LEU A 184 -41.83 -24.85 -14.75
N ASN A 185 -43.06 -25.04 -15.25
CA ASN A 185 -43.50 -26.31 -15.75
C ASN A 185 -42.65 -26.74 -16.97
N LEU A 186 -42.31 -25.78 -17.82
CA LEU A 186 -41.53 -26.09 -18.99
C LEU A 186 -40.10 -26.59 -18.62
N GLY A 187 -39.56 -26.07 -17.51
CA GLY A 187 -38.28 -26.51 -17.01
C GLY A 187 -37.15 -25.50 -17.06
N VAL A 188 -37.47 -24.20 -17.22
CA VAL A 188 -36.41 -23.17 -17.24
C VAL A 188 -35.54 -23.20 -15.97
N ASP A 189 -34.32 -22.66 -16.08
CA ASP A 189 -33.30 -22.81 -15.02
C ASP A 189 -33.21 -21.61 -14.09
N MET A 190 -33.62 -20.45 -14.56
CA MET A 190 -33.76 -19.28 -13.70
C MET A 190 -34.81 -18.32 -14.27
N VAL A 191 -35.21 -17.38 -13.44
CA VAL A 191 -36.26 -16.43 -13.75
C VAL A 191 -35.75 -15.00 -13.45
N ALA A 192 -36.06 -14.08 -14.34
CA ALA A 192 -35.77 -12.64 -14.12
C ALA A 192 -37.08 -11.87 -13.95
N LEU A 193 -37.14 -11.03 -12.93
CA LEU A 193 -38.29 -10.15 -12.73
C LEU A 193 -37.96 -8.69 -13.10
N SER A 194 -38.70 -8.15 -14.06
CA SER A 194 -38.60 -6.76 -14.48
C SER A 194 -39.18 -5.79 -13.41
N PHE A 195 -38.61 -4.60 -13.36
CA PHE A 195 -39.14 -3.48 -12.57
C PHE A 195 -39.19 -3.74 -11.06
N VAL A 196 -38.24 -4.53 -10.58
CA VAL A 196 -38.09 -4.78 -9.15
C VAL A 196 -37.92 -3.44 -8.45
N ARG A 197 -38.57 -3.29 -7.31
CA ARG A 197 -38.47 -2.06 -6.51
C ARG A 197 -37.98 -2.32 -5.09
N SER A 198 -38.17 -3.53 -4.61
CA SER A 198 -38.03 -3.83 -3.19
C SER A 198 -37.50 -5.25 -3.01
N PRO A 199 -36.74 -5.49 -1.93
CA PRO A 199 -36.33 -6.85 -1.62
C PRO A 199 -37.52 -7.80 -1.42
N ALA A 200 -38.67 -7.27 -0.98
CA ALA A 200 -39.83 -8.10 -0.74
C ALA A 200 -40.46 -8.63 -2.02
N ASP A 201 -40.07 -8.10 -3.18
CA ASP A 201 -40.59 -8.59 -4.45
C ASP A 201 -40.24 -10.04 -4.67
N VAL A 202 -39.10 -10.48 -4.12
CA VAL A 202 -38.67 -11.86 -4.31
C VAL A 202 -39.62 -12.83 -3.62
N GLU A 203 -40.21 -12.37 -2.51
CA GLU A 203 -41.18 -13.14 -1.78
C GLU A 203 -42.41 -13.50 -2.61
N LEU A 204 -42.85 -12.58 -3.47
CA LEU A 204 -43.99 -12.90 -4.34
C LEU A 204 -43.63 -13.94 -5.38
N VAL A 205 -42.42 -13.87 -5.91
CA VAL A 205 -41.97 -14.86 -6.88
C VAL A 205 -41.89 -16.25 -6.19
N HIS A 206 -41.35 -16.27 -4.97
CA HIS A 206 -41.22 -17.50 -4.19
C HIS A 206 -42.59 -18.12 -3.87
N GLU A 207 -43.58 -17.28 -3.56
CA GLU A 207 -44.95 -17.74 -3.35
C GLU A 207 -45.47 -18.60 -4.52
N VAL A 208 -45.35 -18.08 -5.73
CA VAL A 208 -45.77 -18.81 -6.92
C VAL A 208 -44.99 -20.10 -7.05
N MET A 209 -43.67 -19.99 -6.93
CA MET A 209 -42.80 -21.15 -7.03
C MET A 209 -43.22 -22.26 -6.06
N ASP A 210 -43.55 -21.89 -4.84
CA ASP A 210 -43.86 -22.87 -3.80
C ASP A 210 -45.21 -23.54 -4.02
N ARG A 211 -46.17 -22.76 -4.50
CA ARG A 211 -47.44 -23.31 -4.93
C ARG A 211 -47.26 -24.31 -6.10
N ILE A 212 -46.41 -23.99 -7.05
CA ILE A 212 -46.18 -24.85 -8.21
C ILE A 212 -45.30 -26.04 -7.84
N GLY A 213 -44.46 -25.87 -6.84
CA GLY A 213 -43.63 -26.95 -6.33
C GLY A 213 -42.23 -26.98 -6.93
N ARG A 214 -41.77 -25.83 -7.45
CA ARG A 214 -40.46 -25.77 -8.07
C ARG A 214 -39.85 -24.40 -7.90
N ARG A 215 -38.71 -24.30 -7.21
CA ARG A 215 -37.94 -23.05 -7.19
C ARG A 215 -36.78 -23.11 -8.16
N VAL A 216 -36.46 -21.95 -8.74
CA VAL A 216 -35.20 -21.78 -9.44
C VAL A 216 -34.68 -20.41 -8.98
N PRO A 217 -33.41 -20.12 -9.27
CA PRO A 217 -32.87 -18.79 -8.92
C PRO A 217 -33.61 -17.62 -9.54
N VAL A 218 -33.77 -16.56 -8.75
CA VAL A 218 -34.45 -15.34 -9.18
C VAL A 218 -33.46 -14.20 -9.36
N ILE A 219 -33.49 -13.62 -10.55
CA ILE A 219 -32.69 -12.44 -10.91
C ILE A 219 -33.56 -11.18 -10.84
N ALA A 220 -33.11 -10.20 -10.07
CA ALA A 220 -33.76 -8.90 -10.05
C ALA A 220 -33.22 -8.06 -11.17
N LYS A 221 -34.10 -7.63 -12.06
CA LYS A 221 -33.73 -6.58 -13.03
C LYS A 221 -33.76 -5.19 -12.38
N LEU A 222 -32.67 -4.47 -12.52
CA LEU A 222 -32.52 -3.15 -11.94
C LEU A 222 -32.78 -2.07 -12.99
N GLU A 223 -33.92 -1.43 -12.88
CA GLU A 223 -34.37 -0.48 -13.88
C GLU A 223 -35.32 0.57 -13.35
N LYS A 224 -35.29 0.78 -12.04
CA LYS A 224 -36.14 1.77 -11.37
C LYS A 224 -35.27 2.45 -10.31
N PRO A 225 -35.51 3.72 -10.04
CA PRO A 225 -34.74 4.36 -8.98
C PRO A 225 -34.88 3.67 -7.63
N GLU A 226 -36.07 3.15 -7.33
CA GLU A 226 -36.32 2.48 -6.03
C GLU A 226 -35.38 1.28 -5.87
N ALA A 227 -35.15 0.58 -6.97
CA ALA A 227 -34.24 -0.54 -6.99
C ALA A 227 -32.82 -0.11 -6.63
N ILE A 228 -32.40 1.02 -7.17
CA ILE A 228 -31.04 1.52 -6.89
C ILE A 228 -30.94 2.05 -5.45
N ASP A 229 -31.98 2.69 -4.96
CA ASP A 229 -32.01 3.09 -3.56
C ASP A 229 -31.91 1.89 -2.60
N ASN A 230 -32.44 0.75 -3.02
CA ASN A 230 -32.49 -0.43 -2.16
C ASN A 230 -31.50 -1.48 -2.67
N LEU A 231 -30.44 -1.03 -3.33
CA LEU A 231 -29.57 -1.93 -4.10
C LEU A 231 -29.00 -3.05 -3.26
N GLU A 232 -28.45 -2.74 -2.10
CA GLU A 232 -27.83 -3.78 -1.30
C GLU A 232 -28.90 -4.80 -0.82
N ALA A 233 -30.05 -4.31 -0.34
CA ALA A 233 -31.06 -5.21 0.15
C ALA A 233 -31.57 -6.12 -0.97
N ILE A 234 -31.62 -5.59 -2.18
CA ILE A 234 -32.07 -6.37 -3.34
C ILE A 234 -31.05 -7.45 -3.74
N VAL A 235 -29.79 -7.07 -3.78
CA VAL A 235 -28.71 -8.04 -4.06
C VAL A 235 -28.72 -9.18 -3.03
N LEU A 236 -29.01 -8.85 -1.78
CA LEU A 236 -29.01 -9.82 -0.71
C LEU A 236 -30.20 -10.76 -0.82
N ALA A 237 -31.37 -10.20 -1.19
CA ALA A 237 -32.61 -10.97 -1.21
C ALA A 237 -32.76 -11.82 -2.47
N PHE A 238 -32.25 -11.36 -3.60
CA PHE A 238 -32.36 -12.11 -4.85
C PHE A 238 -31.11 -12.97 -5.07
N ASP A 239 -31.11 -13.81 -6.08
CA ASP A 239 -30.00 -14.74 -6.33
C ASP A 239 -28.98 -14.13 -7.28
N ALA A 240 -29.41 -13.10 -7.99
CA ALA A 240 -28.57 -12.43 -8.96
C ALA A 240 -29.22 -11.10 -9.36
N VAL A 241 -28.48 -10.25 -10.05
CA VAL A 241 -29.04 -9.01 -10.57
C VAL A 241 -28.64 -8.79 -12.03
N MET A 242 -29.48 -8.05 -12.74
CA MET A 242 -29.26 -7.62 -14.12
C MET A 242 -29.38 -6.09 -14.16
N VAL A 243 -28.35 -5.45 -14.69
CA VAL A 243 -28.39 -4.01 -14.89
C VAL A 243 -29.15 -3.83 -16.21
N ALA A 244 -30.42 -3.50 -16.08
CA ALA A 244 -31.33 -3.45 -17.22
C ALA A 244 -31.36 -2.01 -17.76
N ARG A 245 -30.35 -1.68 -18.56
CA ARG A 245 -30.00 -0.28 -18.82
C ARG A 245 -30.99 0.47 -19.67
N GLY A 246 -31.75 -0.26 -20.47
CA GLY A 246 -32.77 0.37 -21.34
C GLY A 246 -33.77 1.20 -20.54
N ASP A 247 -34.53 0.52 -19.70
CA ASP A 247 -35.49 1.19 -18.86
C ASP A 247 -34.78 2.02 -17.76
N LEU A 248 -33.64 1.55 -17.25
CA LEU A 248 -32.94 2.31 -16.19
C LEU A 248 -32.59 3.72 -16.64
N GLY A 249 -32.19 3.86 -17.91
CA GLY A 249 -31.79 5.15 -18.48
C GLY A 249 -32.94 6.03 -18.95
N VAL A 250 -34.17 5.55 -18.75
CA VAL A 250 -35.33 6.38 -18.90
C VAL A 250 -35.90 6.71 -17.53
N GLU A 251 -35.89 5.73 -16.64
CA GLU A 251 -36.42 5.95 -15.28
C GLU A 251 -35.52 6.83 -14.45
N LEU A 252 -34.21 6.79 -14.76
CA LEU A 252 -33.19 7.66 -14.15
C LEU A 252 -32.59 8.48 -15.28
N PRO A 253 -31.99 9.63 -14.98
CA PRO A 253 -31.30 10.35 -16.04
C PRO A 253 -30.23 9.47 -16.66
N LEU A 254 -30.18 9.44 -17.99
CA LEU A 254 -29.31 8.49 -18.68
C LEU A 254 -27.86 8.69 -18.31
N GLU A 255 -27.50 9.90 -17.92
CA GLU A 255 -26.11 10.20 -17.53
C GLU A 255 -25.67 9.54 -16.18
N GLU A 256 -26.65 9.07 -15.41
CA GLU A 256 -26.35 8.41 -14.13
C GLU A 256 -26.15 6.92 -14.27
N VAL A 257 -26.49 6.34 -15.42
CA VAL A 257 -26.43 4.91 -15.58
C VAL A 257 -25.01 4.31 -15.47
N PRO A 258 -24.00 4.98 -16.09
CA PRO A 258 -22.65 4.35 -16.03
C PRO A 258 -22.12 4.12 -14.62
N LEU A 259 -22.32 5.07 -13.72
CA LEU A 259 -21.85 4.83 -12.38
C LEU A 259 -22.78 3.88 -11.59
N VAL A 260 -24.08 3.89 -11.89
CA VAL A 260 -24.96 2.90 -11.29
C VAL A 260 -24.52 1.50 -11.66
N GLN A 261 -24.25 1.27 -12.95
CA GLN A 261 -23.79 -0.01 -13.45
C GLN A 261 -22.61 -0.50 -12.65
N LYS A 262 -21.63 0.37 -12.48
CA LYS A 262 -20.40 0.00 -11.80
C LYS A 262 -20.62 -0.31 -10.32
N ARG A 263 -21.47 0.49 -9.67
CA ARG A 263 -21.85 0.21 -8.28
C ARG A 263 -22.56 -1.14 -8.12
N ALA A 264 -23.43 -1.46 -9.05
CA ALA A 264 -24.23 -2.67 -8.97
C ALA A 264 -23.36 -3.91 -9.17
N ILE A 265 -22.44 -3.84 -10.11
CA ILE A 265 -21.49 -4.92 -10.35
C ILE A 265 -20.63 -5.17 -9.10
N GLN A 266 -20.11 -4.11 -8.51
CA GLN A 266 -19.29 -4.23 -7.32
C GLN A 266 -20.08 -4.86 -6.18
N MET A 267 -21.30 -4.39 -5.97
CA MET A 267 -22.15 -4.91 -4.90
C MET A 267 -22.42 -6.41 -5.08
N ALA A 268 -22.77 -6.81 -6.31
CA ALA A 268 -23.02 -8.23 -6.62
C ALA A 268 -21.78 -9.06 -6.30
N ARG A 269 -20.61 -8.61 -6.75
CA ARG A 269 -19.37 -9.35 -6.50
C ARG A 269 -19.03 -9.45 -5.01
N GLU A 270 -19.22 -8.36 -4.25
CA GLU A 270 -18.98 -8.39 -2.80
C GLU A 270 -19.85 -9.43 -2.12
N ASN A 271 -21.02 -9.67 -2.69
CA ASN A 271 -21.97 -10.63 -2.11
C ASN A 271 -22.04 -11.99 -2.83
N ALA A 272 -21.11 -12.19 -3.76
CA ALA A 272 -20.96 -13.44 -4.48
C ALA A 272 -22.27 -13.81 -5.19
N LYS A 273 -22.90 -12.82 -5.80
CA LYS A 273 -24.09 -13.05 -6.63
C LYS A 273 -23.74 -12.72 -8.06
N PRO A 274 -24.22 -13.52 -9.01
CA PRO A 274 -24.07 -13.14 -10.42
C PRO A 274 -24.67 -11.79 -10.81
N VAL A 275 -23.96 -11.07 -11.68
CA VAL A 275 -24.47 -9.82 -12.27
C VAL A 275 -24.34 -9.85 -13.79
N ILE A 276 -25.45 -9.54 -14.44
CA ILE A 276 -25.53 -9.46 -15.89
C ILE A 276 -25.70 -7.97 -16.28
N VAL A 277 -24.94 -7.52 -17.27
CA VAL A 277 -25.09 -6.19 -17.83
C VAL A 277 -25.83 -6.30 -19.15
N ALA A 278 -26.92 -5.53 -19.29
CA ALA A 278 -27.84 -5.73 -20.41
C ALA A 278 -28.17 -4.45 -21.16
N THR A 279 -28.38 -4.62 -22.47
CA THR A 279 -29.14 -3.71 -23.28
C THR A 279 -28.29 -2.70 -24.02
N GLN A 280 -28.39 -2.76 -25.35
CA GLN A 280 -27.74 -1.89 -26.30
C GLN A 280 -26.21 -1.99 -26.33
N MET A 281 -25.69 -3.11 -25.85
CA MET A 281 -24.26 -3.28 -25.81
C MET A 281 -23.65 -3.27 -27.20
N LEU A 282 -24.36 -3.87 -28.17
CA LEU A 282 -23.90 -3.87 -29.55
C LEU A 282 -25.05 -3.46 -30.45
N ASP A 283 -25.83 -2.49 -29.97
CA ASP A 283 -27.13 -2.12 -30.58
C ASP A 283 -27.07 -1.99 -32.12
N SER A 284 -26.07 -1.30 -32.65
CA SER A 284 -26.01 -1.01 -34.08
C SER A 284 -25.90 -2.32 -34.92
N MET A 285 -25.50 -3.40 -34.31
CA MET A 285 -25.45 -4.70 -34.99
C MET A 285 -26.81 -5.31 -35.29
N ILE A 286 -27.89 -4.67 -34.81
CA ILE A 286 -29.22 -4.98 -35.31
C ILE A 286 -29.30 -4.80 -36.84
N GLU A 287 -28.60 -3.77 -37.35
N GLU A 287 -28.60 -3.77 -37.35
CA GLU A 287 -28.59 -3.49 -38.79
CA GLU A 287 -28.58 -3.51 -38.79
C GLU A 287 -27.21 -3.69 -39.47
C GLU A 287 -27.21 -3.70 -39.47
N ASN A 288 -26.12 -3.67 -38.70
CA ASN A 288 -24.76 -3.57 -39.28
C ASN A 288 -23.92 -4.77 -38.86
N SER A 289 -23.03 -5.19 -39.75
CA SER A 289 -22.19 -6.37 -39.54
C SER A 289 -21.06 -6.15 -38.51
N ARG A 290 -20.75 -4.89 -38.25
N ARG A 290 -20.75 -4.89 -38.25
CA ARG A 290 -19.73 -4.52 -37.28
CA ARG A 290 -19.73 -4.53 -37.28
C ARG A 290 -20.31 -3.43 -36.40
C ARG A 290 -20.30 -3.43 -36.40
N PRO A 291 -19.92 -3.42 -35.11
CA PRO A 291 -20.46 -2.46 -34.15
C PRO A 291 -19.78 -1.07 -34.25
N THR A 292 -20.29 -0.10 -33.53
CA THR A 292 -19.62 1.19 -33.39
C THR A 292 -18.46 1.09 -32.37
N ARG A 293 -17.62 2.10 -32.35
CA ARG A 293 -16.50 2.11 -31.43
C ARG A 293 -17.00 2.29 -29.97
N ALA A 294 -18.12 2.97 -29.80
CA ALA A 294 -18.71 3.09 -28.47
C ALA A 294 -19.16 1.75 -27.97
N GLU A 295 -19.67 0.95 -28.88
CA GLU A 295 -20.20 -0.34 -28.53
C GLU A 295 -19.09 -1.32 -28.09
N ALA A 296 -17.99 -1.36 -28.84
CA ALA A 296 -16.87 -2.17 -28.44
C ALA A 296 -16.33 -1.71 -27.08
N SER A 297 -16.30 -0.41 -26.86
CA SER A 297 -15.84 0.15 -25.62
C SER A 297 -16.75 -0.29 -24.44
N ASP A 298 -18.05 -0.21 -24.66
CA ASP A 298 -19.02 -0.57 -23.66
C ASP A 298 -18.87 -2.03 -23.24
N VAL A 299 -18.68 -2.92 -24.21
CA VAL A 299 -18.46 -4.34 -23.92
C VAL A 299 -17.15 -4.54 -23.12
N ALA A 300 -16.06 -3.97 -23.60
CA ALA A 300 -14.78 -4.08 -22.90
C ALA A 300 -14.85 -3.56 -21.49
N ASN A 301 -15.52 -2.42 -21.29
CA ASN A 301 -15.53 -1.80 -19.97
C ASN A 301 -16.42 -2.56 -19.00
N ALA A 302 -17.49 -3.19 -19.50
CA ALA A 302 -18.31 -4.07 -18.65
C ALA A 302 -17.51 -5.27 -18.17
N VAL A 303 -16.61 -5.77 -19.02
CA VAL A 303 -15.66 -6.82 -18.60
C VAL A 303 -14.71 -6.33 -17.49
N LEU A 304 -14.10 -5.18 -17.71
CA LEU A 304 -13.17 -4.59 -16.74
C LEU A 304 -13.84 -4.23 -15.44
N ASP A 305 -15.11 -3.87 -15.50
CA ASP A 305 -15.91 -3.50 -14.32
C ASP A 305 -16.06 -4.72 -13.40
N GLY A 306 -16.00 -5.92 -13.98
CA GLY A 306 -16.17 -7.15 -13.21
C GLY A 306 -17.49 -7.91 -13.43
N ALA A 307 -18.20 -7.64 -14.51
CA ALA A 307 -19.46 -8.34 -14.79
C ALA A 307 -19.25 -9.87 -15.02
N ASP A 308 -20.16 -10.69 -14.50
CA ASP A 308 -20.13 -12.12 -14.77
C ASP A 308 -20.51 -12.35 -16.23
N ALA A 309 -21.50 -11.60 -16.68
CA ALA A 309 -22.14 -11.87 -17.95
C ALA A 309 -22.60 -10.61 -18.63
N LEU A 310 -22.65 -10.66 -19.97
CA LEU A 310 -23.13 -9.57 -20.79
C LEU A 310 -24.25 -10.13 -21.66
N MET A 311 -25.21 -9.27 -21.98
CA MET A 311 -26.43 -9.75 -22.65
C MET A 311 -26.62 -9.08 -23.99
N LEU A 312 -27.12 -9.84 -24.94
CA LEU A 312 -27.58 -9.33 -26.20
C LEU A 312 -29.09 -9.45 -26.22
N SER A 313 -29.79 -8.37 -26.61
CA SER A 313 -31.23 -8.39 -26.74
C SER A 313 -31.67 -8.39 -28.20
N GLY A 314 -32.01 -7.23 -28.78
CA GLY A 314 -32.44 -7.18 -30.16
C GLY A 314 -31.37 -7.64 -31.14
N GLU A 315 -30.12 -7.52 -30.75
CA GLU A 315 -28.99 -7.96 -31.57
C GLU A 315 -29.11 -9.41 -31.99
N THR A 316 -29.70 -10.22 -31.12
CA THR A 316 -29.94 -11.63 -31.43
C THR A 316 -31.42 -11.95 -31.67
N SER A 317 -32.33 -11.25 -30.99
CA SER A 317 -33.75 -11.64 -31.06
C SER A 317 -34.44 -11.18 -32.38
N VAL A 318 -34.08 -9.98 -32.89
CA VAL A 318 -34.74 -9.46 -34.10
C VAL A 318 -33.76 -9.01 -35.19
N GLY A 319 -32.48 -8.93 -34.88
CA GLY A 319 -31.52 -8.29 -35.77
C GLY A 319 -31.11 -9.10 -36.98
N LYS A 320 -30.34 -8.48 -37.87
CA LYS A 320 -29.90 -9.13 -39.11
C LYS A 320 -28.66 -10.00 -38.91
N TYR A 321 -27.96 -9.82 -37.80
CA TYR A 321 -26.67 -10.45 -37.58
C TYR A 321 -26.53 -11.12 -36.22
N PRO A 322 -27.46 -12.02 -35.86
CA PRO A 322 -27.44 -12.58 -34.51
C PRO A 322 -26.18 -13.38 -34.20
N LEU A 323 -25.69 -14.14 -35.16
CA LEU A 323 -24.47 -14.93 -34.93
C LEU A 323 -23.26 -14.04 -34.86
N ALA A 324 -23.16 -13.10 -35.79
CA ALA A 324 -22.04 -12.16 -35.77
C ALA A 324 -22.01 -11.36 -34.50
N ALA A 325 -23.19 -11.02 -33.96
CA ALA A 325 -23.22 -10.30 -32.68
C ALA A 325 -22.56 -11.12 -31.58
N VAL A 326 -22.94 -12.38 -31.49
CA VAL A 326 -22.36 -13.25 -30.45
C VAL A 326 -20.85 -13.41 -30.65
N ARG A 327 -20.43 -13.64 -31.87
CA ARG A 327 -19.01 -13.83 -32.13
C ARG A 327 -18.22 -12.55 -31.81
N THR A 328 -18.79 -11.42 -32.17
CA THR A 328 -18.14 -10.14 -31.97
C THR A 328 -18.00 -9.83 -30.48
N MET A 329 -19.09 -10.04 -29.73
CA MET A 329 -19.05 -9.91 -28.29
C MET A 329 -17.97 -10.80 -27.69
N SER A 330 -17.90 -12.05 -28.13
CA SER A 330 -16.93 -12.97 -27.58
C SER A 330 -15.50 -12.51 -27.89
N ARG A 331 -15.25 -12.03 -29.11
CA ARG A 331 -13.92 -11.53 -29.45
C ARG A 331 -13.48 -10.34 -28.56
N ILE A 332 -14.41 -9.46 -28.22
CA ILE A 332 -14.09 -8.30 -27.43
C ILE A 332 -13.78 -8.74 -26.00
N ILE A 333 -14.59 -9.65 -25.50
CA ILE A 333 -14.41 -10.11 -24.13
C ILE A 333 -13.04 -10.79 -24.02
N CYS A 334 -12.72 -11.63 -25.00
CA CYS A 334 -11.47 -12.38 -25.00
C CYS A 334 -10.25 -11.46 -25.15
N ALA A 335 -10.37 -10.41 -25.96
CA ALA A 335 -9.28 -9.48 -26.13
C ALA A 335 -8.91 -8.85 -24.82
N VAL A 336 -9.92 -8.43 -24.05
CA VAL A 336 -9.67 -7.81 -22.76
C VAL A 336 -9.06 -8.81 -21.81
N GLU A 337 -9.66 -10.00 -21.73
CA GLU A 337 -9.22 -11.03 -20.82
C GLU A 337 -7.80 -11.52 -21.10
N GLU A 338 -7.41 -11.57 -22.37
CA GLU A 338 -6.06 -11.98 -22.75
C GLU A 338 -5.01 -11.03 -22.13
N ASN A 339 -5.33 -9.75 -22.07
CA ASN A 339 -4.49 -8.80 -21.37
C ASN A 339 -4.47 -9.04 -19.84
N SER A 340 -5.64 -9.14 -19.24
CA SER A 340 -5.75 -9.39 -17.80
C SER A 340 -7.17 -9.76 -17.41
N THR A 341 -7.32 -10.66 -16.44
CA THR A 341 -8.64 -10.97 -15.89
C THR A 341 -8.97 -10.14 -14.63
N ALA A 342 -8.07 -9.24 -14.24
CA ALA A 342 -8.24 -8.50 -12.97
C ALA A 342 -9.57 -7.75 -12.94
N ALA A 343 -10.24 -7.84 -11.79
CA ALA A 343 -11.43 -7.05 -11.49
C ALA A 343 -11.07 -6.03 -10.40
N PRO A 344 -11.93 -5.04 -10.18
CA PRO A 344 -11.68 -4.15 -9.03
C PRO A 344 -11.62 -4.93 -7.72
N PRO A 345 -10.70 -4.56 -6.83
CA PRO A 345 -10.62 -5.31 -5.59
C PRO A 345 -11.96 -5.27 -4.81
N LEU A 346 -12.25 -6.33 -4.06
CA LEU A 346 -13.33 -6.31 -3.10
C LEU A 346 -12.89 -5.46 -1.93
N THR A 347 -13.84 -4.78 -1.29
CA THR A 347 -13.50 -3.82 -0.24
C THR A 347 -13.52 -4.44 1.16
N HIS A 348 -13.92 -5.70 1.25
CA HIS A 348 -13.89 -6.43 2.51
C HIS A 348 -13.07 -7.70 2.33
N ILE A 349 -12.26 -8.00 3.33
CA ILE A 349 -11.66 -9.28 3.47
C ILE A 349 -12.75 -10.33 3.71
N PRO A 350 -12.67 -11.44 3.01
CA PRO A 350 -13.71 -12.47 3.20
C PRO A 350 -13.87 -12.93 4.65
N ARG A 351 -15.10 -13.10 5.10
CA ARG A 351 -15.39 -13.40 6.52
C ARG A 351 -16.00 -14.79 6.73
N THR A 352 -16.70 -15.31 5.72
CA THR A 352 -17.36 -16.61 5.83
C THR A 352 -16.37 -17.72 5.57
N LYS A 353 -16.66 -18.92 6.10
CA LYS A 353 -15.80 -20.05 5.86
C LYS A 353 -15.60 -20.26 4.37
N ARG A 354 -16.67 -20.27 3.59
CA ARG A 354 -16.54 -20.53 2.18
C ARG A 354 -15.74 -19.46 1.45
N GLY A 355 -15.92 -18.20 1.88
CA GLY A 355 -15.19 -17.10 1.27
C GLY A 355 -13.71 -17.13 1.61
N VAL A 356 -13.41 -17.43 2.87
CA VAL A 356 -12.04 -17.43 3.38
C VAL A 356 -11.27 -18.57 2.68
N ILE A 357 -11.92 -19.74 2.59
CA ILE A 357 -11.32 -20.89 1.95
C ILE A 357 -11.14 -20.72 0.45
N SER A 358 -12.16 -20.18 -0.23
CA SER A 358 -12.03 -19.98 -1.68
C SER A 358 -10.94 -18.96 -2.00
N TYR A 359 -10.82 -17.96 -1.16
CA TYR A 359 -9.77 -16.95 -1.31
C TYR A 359 -8.36 -17.57 -1.12
N ALA A 360 -8.21 -18.37 -0.06
CA ALA A 360 -6.95 -19.09 0.18
C ALA A 360 -6.63 -20.06 -0.98
N ALA A 361 -7.64 -20.71 -1.50
CA ALA A 361 -7.45 -21.69 -2.60
C ALA A 361 -6.89 -21.00 -3.83
N ARG A 362 -7.39 -19.81 -4.08
CA ARG A 362 -6.90 -19.00 -5.18
C ARG A 362 -5.44 -18.67 -5.00
N ASP A 363 -5.10 -18.21 -3.79
CA ASP A 363 -3.69 -17.88 -3.45
C ASP A 363 -2.78 -19.08 -3.76
N ILE A 364 -3.16 -20.23 -3.23
CA ILE A 364 -2.34 -21.44 -3.36
C ILE A 364 -2.16 -21.83 -4.82
N GLY A 365 -3.25 -21.86 -5.55
CA GLY A 365 -3.24 -22.24 -6.96
C GLY A 365 -2.38 -21.31 -7.80
N GLU A 366 -2.56 -20.01 -7.62
CA GLU A 366 -1.74 -19.07 -8.38
C GLU A 366 -0.25 -19.14 -8.01
N ARG A 367 0.06 -19.24 -6.71
CA ARG A 367 1.45 -19.21 -6.28
C ARG A 367 2.18 -20.48 -6.66
N LEU A 368 1.46 -21.60 -6.73
CA LEU A 368 2.08 -22.88 -7.11
C LEU A 368 1.90 -23.18 -8.59
N ASP A 369 1.35 -22.24 -9.36
CA ASP A 369 1.18 -22.41 -10.82
C ASP A 369 0.38 -23.65 -11.15
N ALA A 370 -0.75 -23.84 -10.46
CA ALA A 370 -1.61 -24.95 -10.71
C ALA A 370 -2.27 -24.82 -12.07
N LYS A 371 -2.71 -25.96 -12.65
CA LYS A 371 -3.37 -25.96 -13.94
C LYS A 371 -4.82 -25.59 -13.83
N ALA A 372 -5.40 -25.78 -12.65
CA ALA A 372 -6.78 -25.40 -12.42
C ALA A 372 -7.14 -25.34 -10.95
N LEU A 373 -8.18 -24.58 -10.66
CA LEU A 373 -8.84 -24.58 -9.37
C LEU A 373 -10.13 -25.31 -9.52
N VAL A 374 -10.38 -26.21 -8.58
CA VAL A 374 -11.51 -27.12 -8.66
C VAL A 374 -12.29 -26.92 -7.38
N ALA A 375 -13.59 -26.73 -7.49
CA ALA A 375 -14.39 -26.58 -6.28
C ALA A 375 -15.70 -27.37 -6.37
N PHE A 376 -15.95 -28.15 -5.31
CA PHE A 376 -17.20 -28.89 -5.18
C PHE A 376 -18.26 -27.99 -4.59
N THR A 377 -19.43 -28.01 -5.20
CA THR A 377 -20.51 -27.14 -4.79
C THR A 377 -21.85 -27.75 -5.07
N GLN A 378 -22.66 -27.72 -4.05
CA GLN A 378 -23.99 -28.27 -4.07
C GLN A 378 -25.02 -27.21 -4.48
N SER A 379 -24.82 -25.97 -4.01
CA SER A 379 -25.72 -24.83 -4.32
C SER A 379 -25.11 -23.87 -5.31
N GLY A 380 -23.80 -23.99 -5.54
CA GLY A 380 -23.07 -22.98 -6.32
C GLY A 380 -22.24 -22.01 -5.49
N ASP A 381 -22.57 -21.87 -4.21
CA ASP A 381 -22.02 -20.82 -3.37
C ASP A 381 -20.47 -20.83 -3.31
N THR A 382 -19.88 -21.97 -3.06
CA THR A 382 -18.42 -22.03 -2.87
C THR A 382 -17.72 -21.55 -4.15
N VAL A 383 -18.25 -21.98 -5.29
CA VAL A 383 -17.73 -21.59 -6.60
C VAL A 383 -17.95 -20.10 -6.89
N ARG A 384 -19.12 -19.58 -6.56
CA ARG A 384 -19.37 -18.16 -6.72
C ARG A 384 -18.44 -17.29 -5.88
N ARG A 385 -18.11 -17.73 -4.66
CA ARG A 385 -17.17 -16.99 -3.82
C ARG A 385 -15.76 -16.93 -4.39
N LEU A 386 -15.39 -17.94 -5.17
CA LEU A 386 -14.13 -17.94 -5.90
C LEU A 386 -14.23 -17.16 -7.21
N ALA A 387 -15.31 -17.36 -7.96
CA ALA A 387 -15.45 -16.76 -9.29
C ALA A 387 -15.36 -15.25 -9.24
N ARG A 388 -16.03 -14.66 -8.26
CA ARG A 388 -16.06 -13.24 -8.14
C ARG A 388 -14.64 -12.61 -7.92
N LEU A 389 -13.66 -13.42 -7.54
CA LEU A 389 -12.30 -12.91 -7.34
C LEU A 389 -11.59 -12.76 -8.67
N HIS A 390 -12.02 -13.50 -9.67
CA HIS A 390 -11.33 -13.55 -10.94
C HIS A 390 -9.95 -14.20 -10.71
N THR A 391 -9.56 -15.08 -11.60
CA THR A 391 -8.25 -15.69 -11.61
C THR A 391 -8.00 -16.09 -13.05
N PRO A 392 -6.74 -16.00 -13.49
CA PRO A 392 -6.44 -16.45 -14.82
C PRO A 392 -6.53 -17.98 -14.91
N LEU A 393 -6.60 -18.68 -13.77
CA LEU A 393 -6.69 -20.13 -13.82
C LEU A 393 -8.12 -20.58 -14.18
N PRO A 394 -8.22 -21.70 -14.91
CA PRO A 394 -9.53 -22.34 -15.05
C PRO A 394 -10.15 -22.57 -13.67
N LEU A 395 -11.46 -22.34 -13.61
CA LEU A 395 -12.27 -22.59 -12.47
C LEU A 395 -13.31 -23.68 -12.83
N LEU A 396 -13.12 -24.85 -12.23
CA LEU A 396 -13.90 -26.01 -12.55
C LEU A 396 -14.78 -26.36 -11.37
N ALA A 397 -16.08 -26.13 -11.54
CA ALA A 397 -17.07 -26.50 -10.56
C ALA A 397 -17.45 -27.98 -10.71
N PHE A 398 -17.55 -28.68 -9.59
CA PHE A 398 -17.99 -30.07 -9.59
C PHE A 398 -19.23 -30.17 -8.72
N THR A 399 -20.25 -30.88 -9.21
CA THR A 399 -21.48 -30.97 -8.50
C THR A 399 -22.18 -32.31 -8.87
N ALA A 400 -23.17 -32.69 -8.07
CA ALA A 400 -24.00 -33.85 -8.37
C ALA A 400 -25.37 -33.45 -8.90
N TRP A 401 -25.66 -32.15 -8.88
CA TRP A 401 -26.99 -31.65 -9.22
C TRP A 401 -26.97 -30.97 -10.58
N PRO A 402 -27.60 -31.62 -11.60
CA PRO A 402 -27.48 -31.16 -12.98
C PRO A 402 -27.90 -29.68 -13.18
N GLU A 403 -28.94 -29.24 -12.47
CA GLU A 403 -29.42 -27.87 -12.57
C GLU A 403 -28.34 -26.84 -12.20
N VAL A 404 -27.39 -27.23 -11.36
CA VAL A 404 -26.34 -26.34 -10.94
C VAL A 404 -25.39 -26.02 -12.11
N ARG A 405 -25.23 -26.96 -13.02
CA ARG A 405 -24.42 -26.70 -14.21
C ARG A 405 -25.10 -25.63 -15.06
N SER A 406 -26.41 -25.68 -15.19
CA SER A 406 -27.12 -24.67 -15.97
C SER A 406 -27.13 -23.31 -15.26
N GLN A 407 -27.24 -23.34 -13.95
CA GLN A 407 -27.26 -22.10 -13.15
C GLN A 407 -25.90 -21.39 -13.20
N LEU A 408 -24.84 -22.16 -13.15
CA LEU A 408 -23.48 -21.64 -13.17
C LEU A 408 -23.05 -21.20 -14.56
N ALA A 409 -23.89 -21.40 -15.54
CA ALA A 409 -23.64 -20.88 -16.86
C ALA A 409 -23.52 -19.37 -16.87
N MET A 410 -24.19 -18.71 -15.92
CA MET A 410 -24.08 -17.26 -15.80
C MET A 410 -22.98 -16.75 -14.86
N THR A 411 -22.21 -17.65 -14.25
CA THR A 411 -21.16 -17.25 -13.31
C THR A 411 -19.82 -17.17 -14.00
N TRP A 412 -19.12 -16.05 -13.75
CA TRP A 412 -17.82 -15.79 -14.35
C TRP A 412 -16.84 -16.97 -14.30
N GLY A 413 -16.32 -17.27 -15.47
CA GLY A 413 -15.10 -18.06 -15.61
C GLY A 413 -15.22 -19.49 -15.27
N THR A 414 -16.45 -19.98 -15.16
CA THR A 414 -16.71 -21.29 -14.56
C THR A 414 -17.25 -22.30 -15.58
N GLU A 415 -16.62 -23.47 -15.60
CA GLU A 415 -17.17 -24.66 -16.28
C GLU A 415 -17.51 -25.68 -15.22
N THR A 416 -18.59 -26.41 -15.44
CA THR A 416 -19.12 -27.29 -14.42
C THR A 416 -19.13 -28.76 -14.94
N PHE A 417 -18.76 -29.68 -14.03
CA PHE A 417 -18.75 -31.09 -14.28
C PHE A 417 -19.75 -31.76 -13.33
N ILE A 418 -20.65 -32.54 -13.89
CA ILE A 418 -21.59 -33.34 -13.11
C ILE A 418 -21.00 -34.70 -12.82
N VAL A 419 -21.00 -35.07 -11.55
CA VAL A 419 -20.45 -36.35 -11.12
C VAL A 419 -21.41 -36.96 -10.11
N PRO A 420 -21.19 -38.23 -9.76
CA PRO A 420 -22.07 -38.82 -8.77
C PRO A 420 -22.00 -38.14 -7.41
N LYS A 421 -23.04 -38.30 -6.62
CA LYS A 421 -23.02 -37.87 -5.22
C LYS A 421 -22.08 -38.83 -4.44
N MET A 422 -21.06 -38.28 -3.83
CA MET A 422 -20.03 -39.09 -3.23
C MET A 422 -20.18 -39.08 -1.73
N GLN A 423 -19.60 -40.10 -1.12
CA GLN A 423 -19.73 -40.34 0.31
C GLN A 423 -18.50 -39.93 1.10
N SER A 424 -17.50 -39.37 0.41
CA SER A 424 -16.27 -38.98 1.06
C SER A 424 -15.53 -37.96 0.18
N THR A 425 -14.66 -37.16 0.80
CA THR A 425 -13.86 -36.25 0.03
C THR A 425 -12.82 -36.98 -0.83
N ASP A 426 -12.32 -38.14 -0.36
CA ASP A 426 -11.40 -38.93 -1.20
C ASP A 426 -12.10 -39.30 -2.51
N GLY A 427 -13.38 -39.70 -2.40
CA GLY A 427 -14.20 -40.06 -3.57
C GLY A 427 -14.38 -38.86 -4.48
N MET A 428 -14.67 -37.69 -3.90
CA MET A 428 -14.72 -36.46 -4.68
C MET A 428 -13.46 -36.24 -5.49
N ILE A 429 -12.31 -36.41 -4.85
CA ILE A 429 -11.04 -36.21 -5.53
C ILE A 429 -10.80 -37.22 -6.64
N ARG A 430 -11.17 -38.48 -6.41
CA ARG A 430 -11.11 -39.49 -7.49
C ARG A 430 -12.02 -39.10 -8.67
N GLN A 431 -13.18 -38.50 -8.39
CA GLN A 431 -14.08 -38.08 -9.47
C GLN A 431 -13.46 -36.94 -10.29
N VAL A 432 -12.66 -36.10 -9.62
CA VAL A 432 -11.99 -35.03 -10.33
C VAL A 432 -11.06 -35.65 -11.36
N ASP A 433 -10.26 -36.61 -10.94
CA ASP A 433 -9.31 -37.23 -11.84
C ASP A 433 -10.00 -37.92 -13.02
N LYS A 434 -11.07 -38.65 -12.73
CA LYS A 434 -11.77 -39.38 -13.77
C LYS A 434 -12.32 -38.40 -14.79
N SER A 435 -13.01 -37.36 -14.31
CA SER A 435 -13.60 -36.36 -15.22
C SER A 435 -12.54 -35.62 -16.04
N LEU A 436 -11.47 -35.19 -15.39
CA LEU A 436 -10.48 -34.37 -16.07
C LEU A 436 -9.66 -35.17 -17.07
N LEU A 437 -9.42 -36.44 -16.75
CA LEU A 437 -8.59 -37.26 -17.61
C LEU A 437 -9.26 -37.59 -18.93
N GLU A 438 -10.59 -37.47 -18.96
CA GLU A 438 -11.34 -37.69 -20.19
C GLU A 438 -11.14 -36.53 -21.17
N LEU A 439 -10.70 -35.38 -20.65
CA LEU A 439 -10.41 -34.22 -21.47
C LEU A 439 -9.00 -34.30 -22.07
N ALA A 440 -8.89 -33.87 -23.33
CA ALA A 440 -7.60 -33.73 -23.98
C ALA A 440 -6.69 -32.79 -23.21
N ARG A 441 -7.26 -31.74 -22.62
CA ARG A 441 -6.53 -30.68 -21.91
C ARG A 441 -5.70 -31.15 -20.69
N TYR A 442 -6.17 -32.19 -19.99
CA TYR A 442 -5.52 -32.58 -18.71
C TYR A 442 -4.84 -33.93 -18.82
N LYS A 443 -3.71 -34.08 -18.14
CA LYS A 443 -3.02 -35.36 -18.09
C LYS A 443 -2.53 -35.72 -16.69
N ARG A 444 -2.10 -36.97 -16.52
CA ARG A 444 -1.61 -37.43 -15.23
C ARG A 444 -0.41 -36.61 -14.84
N GLY A 445 -0.37 -36.22 -13.57
CA GLY A 445 0.72 -35.42 -13.05
C GLY A 445 0.39 -33.94 -12.98
N ASP A 446 -0.67 -33.50 -13.66
CA ASP A 446 -1.05 -32.10 -13.68
C ASP A 446 -1.49 -31.66 -12.28
N LEU A 447 -0.99 -30.50 -11.85
CA LEU A 447 -1.23 -30.01 -10.51
C LEU A 447 -2.55 -29.25 -10.47
N VAL A 448 -3.41 -29.60 -9.54
CA VAL A 448 -4.66 -28.90 -9.36
C VAL A 448 -4.85 -28.65 -7.87
N VAL A 449 -5.62 -27.61 -7.56
CA VAL A 449 -6.02 -27.31 -6.20
C VAL A 449 -7.50 -27.57 -6.05
N ILE A 450 -7.86 -28.44 -5.11
CA ILE A 450 -9.23 -28.89 -4.93
C ILE A 450 -9.84 -28.41 -3.63
N VAL A 451 -10.99 -27.75 -3.75
CA VAL A 451 -11.74 -27.33 -2.60
C VAL A 451 -12.95 -28.25 -2.42
N ALA A 452 -13.13 -28.78 -1.22
CA ALA A 452 -14.20 -29.72 -0.95
C ALA A 452 -14.59 -29.64 0.51
N GLY A 453 -15.56 -30.44 0.94
CA GLY A 453 -15.99 -30.41 2.30
C GLY A 453 -16.72 -31.65 2.77
N ALA A 454 -16.54 -31.97 4.05
CA ALA A 454 -17.34 -32.94 4.74
C ALA A 454 -18.05 -32.25 5.92
N PRO A 455 -19.26 -32.70 6.27
CA PRO A 455 -19.86 -33.95 5.72
C PRO A 455 -20.25 -33.80 4.25
N PRO A 456 -20.05 -34.87 3.46
CA PRO A 456 -20.34 -34.81 2.02
C PRO A 456 -21.80 -34.49 1.80
N GLY A 457 -22.13 -33.89 0.66
CA GLY A 457 -23.54 -33.74 0.30
C GLY A 457 -24.29 -32.81 1.22
N THR A 458 -23.60 -31.87 1.85
CA THR A 458 -24.20 -30.89 2.73
C THR A 458 -23.79 -29.46 2.28
N VAL A 459 -24.77 -28.61 2.00
CA VAL A 459 -24.46 -27.24 1.65
C VAL A 459 -23.68 -26.58 2.78
N GLY A 460 -22.58 -25.93 2.42
CA GLY A 460 -21.82 -25.12 3.37
C GLY A 460 -20.72 -25.86 4.08
N SER A 461 -20.55 -27.15 3.81
CA SER A 461 -19.61 -27.94 4.62
C SER A 461 -18.17 -27.72 4.19
N THR A 462 -17.97 -27.03 3.05
CA THR A 462 -16.64 -26.70 2.54
C THR A 462 -15.62 -26.44 3.66
N ASN A 463 -14.61 -27.32 3.75
CA ASN A 463 -13.65 -27.23 4.83
C ASN A 463 -12.26 -27.79 4.56
N LEU A 464 -11.95 -28.03 3.31
CA LEU A 464 -10.67 -28.55 2.99
C LEU A 464 -10.14 -28.05 1.63
N ILE A 465 -8.82 -27.86 1.61
CA ILE A 465 -8.10 -27.58 0.38
C ILE A 465 -7.02 -28.65 0.20
N HIS A 466 -7.02 -29.30 -0.95
CA HIS A 466 -6.03 -30.34 -1.22
C HIS A 466 -5.29 -30.01 -2.49
N VAL A 467 -3.98 -29.96 -2.40
CA VAL A 467 -3.15 -29.78 -3.57
C VAL A 467 -2.87 -31.20 -4.10
N HIS A 468 -3.18 -31.43 -5.36
CA HIS A 468 -3.23 -32.78 -5.89
C HIS A 468 -2.63 -32.83 -7.28
N ARG A 469 -1.84 -33.85 -7.58
CA ARG A 469 -1.47 -34.12 -8.96
C ARG A 469 -2.36 -35.23 -9.50
N ILE A 470 -2.99 -34.95 -10.63
CA ILE A 470 -3.97 -35.86 -11.21
C ILE A 470 -3.41 -37.27 -11.34
N GLY A 471 -4.10 -38.23 -10.74
CA GLY A 471 -3.75 -39.64 -10.87
C GLY A 471 -2.63 -40.10 -9.96
N GLU A 472 -2.07 -39.18 -9.17
CA GLU A 472 -0.96 -39.55 -8.30
C GLU A 472 -1.46 -39.89 -6.91
N ASP A 473 -0.66 -40.70 -6.21
CA ASP A 473 -1.04 -41.23 -4.91
C ASP A 473 -0.67 -40.24 -3.80
N ASP A 474 -1.34 -39.09 -3.76
CA ASP A 474 -0.99 -38.05 -2.78
C ASP A 474 -2.18 -37.63 -1.94
N VAL A 475 -3.18 -38.51 -1.85
CA VAL A 475 -4.32 -38.27 -1.00
C VAL A 475 -4.35 -39.26 0.16
N THR B 5 -19.65 22.70 -12.68
CA THR B 5 -18.50 23.19 -13.52
C THR B 5 -17.63 22.05 -14.10
N ARG B 6 -17.85 21.79 -15.38
CA ARG B 6 -17.25 20.68 -16.07
C ARG B 6 -15.75 20.88 -16.16
N ARG B 7 -15.02 19.79 -15.99
CA ARG B 7 -13.57 19.82 -16.09
C ARG B 7 -13.09 19.30 -17.44
N GLY B 8 -13.52 18.08 -17.82
CA GLY B 8 -13.16 17.55 -19.11
C GLY B 8 -13.64 18.42 -20.28
N LYS B 9 -12.87 18.43 -21.36
CA LYS B 9 -13.11 19.35 -22.46
C LYS B 9 -13.83 18.63 -23.60
N ILE B 10 -14.56 19.41 -24.40
CA ILE B 10 -15.32 18.91 -25.53
C ILE B 10 -14.87 19.55 -26.83
N VAL B 11 -14.51 18.69 -27.77
CA VAL B 11 -14.14 19.07 -29.13
C VAL B 11 -15.32 18.76 -30.06
N CYS B 12 -15.73 19.74 -30.87
CA CYS B 12 -16.81 19.54 -31.82
C CYS B 12 -16.33 19.79 -33.22
N THR B 13 -16.89 19.05 -34.18
CA THR B 13 -16.54 19.21 -35.56
C THR B 13 -17.58 20.06 -36.27
N LEU B 14 -17.09 21.05 -37.02
CA LEU B 14 -17.96 21.89 -37.79
C LEU B 14 -18.26 21.28 -39.14
N GLY B 15 -19.43 21.61 -39.65
CA GLY B 15 -19.81 21.24 -41.00
C GLY B 15 -21.19 21.73 -41.36
N PRO B 16 -21.83 21.06 -42.34
CA PRO B 16 -23.12 21.54 -42.86
C PRO B 16 -24.15 21.80 -41.77
N ALA B 17 -24.16 20.97 -40.72
CA ALA B 17 -25.17 21.10 -39.67
C ALA B 17 -24.90 22.26 -38.72
N THR B 18 -23.69 22.81 -38.75
CA THR B 18 -23.38 23.97 -37.93
C THR B 18 -23.34 25.27 -38.72
N GLN B 19 -23.64 25.21 -40.01
CA GLN B 19 -23.52 26.40 -40.87
C GLN B 19 -24.73 27.34 -40.73
N ARG B 20 -25.87 26.79 -40.37
CA ARG B 20 -27.06 27.61 -40.25
C ARG B 20 -26.89 28.62 -39.13
N ASP B 21 -27.54 29.75 -39.29
CA ASP B 21 -27.27 30.91 -38.49
C ASP B 21 -27.27 30.63 -36.99
N ASP B 22 -26.31 31.26 -36.33
CA ASP B 22 -26.12 31.22 -34.90
C ASP B 22 -25.88 29.85 -34.24
N LEU B 23 -25.73 28.78 -35.02
CA LEU B 23 -25.44 27.47 -34.44
C LEU B 23 -24.08 27.38 -33.79
N VAL B 24 -23.06 27.97 -34.43
CA VAL B 24 -21.73 27.93 -33.85
C VAL B 24 -21.72 28.67 -32.52
N ARG B 25 -22.36 29.82 -32.47
CA ARG B 25 -22.52 30.52 -31.22
C ARG B 25 -23.22 29.63 -30.17
N ALA B 26 -24.30 28.95 -30.58
CA ALA B 26 -25.03 28.11 -29.64
C ALA B 26 -24.16 26.94 -29.14
N LEU B 27 -23.24 26.44 -29.97
CA LEU B 27 -22.31 25.40 -29.54
C LEU B 27 -21.37 25.93 -28.48
N VAL B 28 -20.86 27.12 -28.70
CA VAL B 28 -19.94 27.74 -27.72
C VAL B 28 -20.66 27.93 -26.41
N GLU B 29 -21.89 28.42 -26.47
CA GLU B 29 -22.62 28.64 -25.23
C GLU B 29 -22.98 27.33 -24.54
N ALA B 30 -23.13 26.26 -25.32
CA ALA B 30 -23.41 24.93 -24.79
C ALA B 30 -22.16 24.23 -24.22
N GLY B 31 -20.98 24.79 -24.48
CA GLY B 31 -19.77 24.28 -23.86
C GLY B 31 -18.65 23.86 -24.78
N MET B 32 -18.80 24.00 -26.09
CA MET B 32 -17.69 23.62 -27.01
C MET B 32 -16.41 24.30 -26.58
N ASP B 33 -15.35 23.52 -26.40
CA ASP B 33 -14.06 24.06 -26.01
C ASP B 33 -13.09 24.18 -27.20
N VAL B 34 -13.25 23.31 -28.19
CA VAL B 34 -12.40 23.25 -29.37
C VAL B 34 -13.28 22.96 -30.55
N ALA B 35 -13.18 23.78 -31.60
CA ALA B 35 -13.85 23.53 -32.87
C ALA B 35 -12.87 22.91 -33.87
N ARG B 36 -13.23 21.74 -34.39
CA ARG B 36 -12.43 21.01 -35.37
C ARG B 36 -12.92 21.34 -36.77
N MET B 37 -11.98 21.80 -37.59
CA MET B 37 -12.20 22.00 -39.02
C MET B 37 -11.61 20.80 -39.76
N ASN B 38 -12.46 20.04 -40.41
CA ASN B 38 -12.02 18.78 -41.07
C ASN B 38 -11.77 19.03 -42.52
N PHE B 39 -10.49 19.05 -42.90
CA PHE B 39 -10.15 19.39 -44.29
C PHE B 39 -10.39 18.31 -45.32
N SER B 40 -10.97 17.19 -44.89
CA SER B 40 -11.47 16.17 -45.85
C SER B 40 -12.69 16.67 -46.64
N HIS B 41 -13.40 17.66 -46.12
CA HIS B 41 -14.59 18.19 -46.76
C HIS B 41 -14.59 19.71 -46.77
N GLY B 42 -15.45 20.31 -47.57
CA GLY B 42 -15.63 21.74 -47.61
C GLY B 42 -14.57 22.43 -48.45
N ASP B 43 -14.85 23.66 -48.88
CA ASP B 43 -13.82 24.48 -49.52
C ASP B 43 -13.30 25.57 -48.56
N TYR B 44 -12.34 26.33 -49.02
CA TYR B 44 -11.66 27.32 -48.19
C TYR B 44 -12.61 28.42 -47.71
N ASP B 45 -13.56 28.80 -48.57
CA ASP B 45 -14.59 29.77 -48.18
C ASP B 45 -15.42 29.24 -47.01
N ASP B 46 -15.81 27.97 -47.05
CA ASP B 46 -16.54 27.33 -45.95
C ASP B 46 -15.80 27.43 -44.65
N HIS B 47 -14.54 27.07 -44.68
CA HIS B 47 -13.73 27.01 -43.49
C HIS B 47 -13.50 28.42 -42.93
N LYS B 48 -13.32 29.37 -43.83
CA LYS B 48 -13.14 30.76 -43.41
C LYS B 48 -14.37 31.25 -42.67
N VAL B 49 -15.55 31.07 -43.25
CA VAL B 49 -16.78 31.48 -42.62
C VAL B 49 -16.94 30.83 -41.23
N ALA B 50 -16.66 29.55 -41.14
CA ALA B 50 -16.80 28.85 -39.88
C ALA B 50 -15.79 29.36 -38.81
N TYR B 51 -14.54 29.55 -39.22
CA TYR B 51 -13.49 30.13 -38.38
C TYR B 51 -13.92 31.46 -37.77
N GLU B 52 -14.45 32.34 -38.61
CA GLU B 52 -14.91 33.64 -38.19
C GLU B 52 -16.04 33.51 -37.15
N ARG B 53 -16.94 32.56 -37.37
CA ARG B 53 -18.05 32.37 -36.44
C ARG B 53 -17.57 31.93 -35.08
N VAL B 54 -16.52 31.10 -35.05
CA VAL B 54 -15.95 30.63 -33.79
C VAL B 54 -15.26 31.79 -33.02
N ARG B 55 -14.43 32.53 -33.72
CA ARG B 55 -13.76 33.68 -33.10
C ARG B 55 -14.75 34.71 -32.57
N VAL B 56 -15.79 35.01 -33.33
CA VAL B 56 -16.82 35.95 -32.85
C VAL B 56 -17.50 35.40 -31.57
N ALA B 57 -17.92 34.14 -31.61
CA ALA B 57 -18.63 33.53 -30.50
C ALA B 57 -17.75 33.46 -29.24
N SER B 58 -16.48 33.15 -29.43
CA SER B 58 -15.51 33.11 -28.34
C SER B 58 -15.31 34.48 -27.71
N ASP B 59 -15.13 35.50 -28.56
CA ASP B 59 -14.96 36.86 -28.05
C ASP B 59 -16.22 37.42 -27.44
N ALA B 60 -17.37 37.12 -28.05
CA ALA B 60 -18.64 37.62 -27.53
C ALA B 60 -18.99 36.99 -26.14
N THR B 61 -18.70 35.71 -25.98
CA THR B 61 -19.10 35.01 -24.77
C THR B 61 -18.06 35.13 -23.68
N GLY B 62 -16.81 35.34 -24.07
CA GLY B 62 -15.73 35.32 -23.14
C GLY B 62 -15.14 33.91 -22.91
N ARG B 63 -15.69 32.90 -23.55
CA ARG B 63 -15.18 31.54 -23.40
C ARG B 63 -14.02 31.28 -24.36
N ALA B 64 -12.95 30.67 -23.87
CA ALA B 64 -11.90 30.21 -24.73
C ALA B 64 -12.43 29.09 -25.65
N VAL B 65 -12.14 29.19 -26.92
CA VAL B 65 -12.46 28.15 -27.86
C VAL B 65 -11.32 27.99 -28.82
N GLY B 66 -10.61 26.87 -28.74
CA GLY B 66 -9.51 26.60 -29.65
C GLY B 66 -10.06 26.20 -31.04
N VAL B 67 -9.28 26.46 -32.07
CA VAL B 67 -9.58 26.01 -33.42
C VAL B 67 -8.52 25.06 -33.89
N LEU B 68 -8.96 23.85 -34.20
CA LEU B 68 -8.11 22.73 -34.62
C LEU B 68 -8.32 22.42 -36.10
N ALA B 69 -7.25 22.52 -36.90
CA ALA B 69 -7.29 22.12 -38.32
C ALA B 69 -6.88 20.66 -38.47
N ASP B 70 -7.78 19.82 -38.93
CA ASP B 70 -7.49 18.38 -39.11
C ASP B 70 -7.17 18.12 -40.56
N LEU B 71 -5.91 17.77 -40.81
CA LEU B 71 -5.45 17.43 -42.15
C LEU B 71 -5.78 16.00 -42.52
N GLN B 72 -6.27 15.82 -43.75
CA GLN B 72 -6.74 14.54 -44.25
C GLN B 72 -5.67 13.46 -44.25
N GLY B 73 -4.45 13.83 -44.55
CA GLY B 73 -3.36 12.84 -44.59
C GLY B 73 -3.43 11.94 -45.80
N PRO B 74 -2.63 10.85 -45.79
CA PRO B 74 -2.55 9.95 -46.92
C PRO B 74 -3.75 9.01 -47.04
N LYS B 75 -4.94 9.57 -47.09
CA LYS B 75 -6.16 8.81 -47.22
C LYS B 75 -6.25 8.17 -48.63
N ILE B 76 -6.56 6.88 -48.68
CA ILE B 76 -6.80 6.22 -49.97
C ILE B 76 -8.27 6.26 -50.30
N ARG B 77 -8.59 6.54 -51.56
CA ARG B 77 -9.93 6.73 -51.98
C ARG B 77 -10.20 6.05 -53.31
N LEU B 78 -11.47 5.72 -53.56
CA LEU B 78 -11.89 5.38 -54.90
C LEU B 78 -11.97 6.66 -55.74
N GLY B 79 -12.00 6.48 -57.06
CA GLY B 79 -12.20 7.58 -58.00
C GLY B 79 -13.69 7.87 -58.18
N ARG B 80 -14.04 8.40 -59.35
CA ARG B 80 -15.41 8.67 -59.68
C ARG B 80 -16.07 7.53 -60.47
N PHE B 81 -17.40 7.43 -60.34
CA PHE B 81 -18.22 6.49 -61.11
C PHE B 81 -19.01 7.25 -62.16
N ALA B 82 -19.33 6.59 -63.28
CA ALA B 82 -20.13 7.20 -64.36
C ALA B 82 -21.48 7.73 -63.82
N SER B 83 -22.15 6.96 -62.99
CA SER B 83 -23.46 7.37 -62.47
C SER B 83 -23.39 7.99 -61.05
N GLY B 84 -22.18 8.20 -60.54
CA GLY B 84 -21.95 8.91 -59.25
C GLY B 84 -21.95 7.93 -58.08
N ALA B 85 -22.70 6.83 -58.27
CA ALA B 85 -22.86 5.80 -57.24
C ALA B 85 -23.24 4.49 -57.90
N THR B 86 -22.97 3.39 -57.21
CA THR B 86 -23.42 2.10 -57.65
C THR B 86 -23.67 1.21 -56.42
N HIS B 87 -24.17 0.01 -56.67
CA HIS B 87 -24.36 -0.96 -55.59
C HIS B 87 -23.47 -2.16 -55.83
N TRP B 88 -22.62 -2.44 -54.86
CA TRP B 88 -21.73 -3.60 -54.92
C TRP B 88 -22.33 -4.64 -53.99
N ALA B 89 -22.99 -5.62 -54.59
CA ALA B 89 -23.71 -6.66 -53.87
C ALA B 89 -22.80 -7.85 -53.56
N GLU B 90 -23.02 -8.47 -52.42
CA GLU B 90 -22.37 -9.70 -52.06
C GLU B 90 -22.38 -10.67 -53.26
N GLY B 91 -21.23 -11.24 -53.56
CA GLY B 91 -21.12 -12.20 -54.67
C GLY B 91 -20.56 -11.59 -55.96
N GLU B 92 -20.61 -10.27 -56.09
CA GLU B 92 -20.21 -9.65 -57.37
C GLU B 92 -18.69 -9.52 -57.48
N THR B 93 -18.19 -9.51 -58.70
CA THR B 93 -16.78 -9.29 -58.96
C THR B 93 -16.58 -7.84 -59.35
N VAL B 94 -15.61 -7.16 -58.72
CA VAL B 94 -15.30 -5.81 -59.10
C VAL B 94 -13.79 -5.63 -59.25
N ARG B 95 -13.41 -4.67 -60.09
CA ARG B 95 -12.02 -4.35 -60.32
C ARG B 95 -11.73 -2.95 -59.81
N ILE B 96 -10.73 -2.86 -58.94
CA ILE B 96 -10.19 -1.57 -58.54
C ILE B 96 -8.85 -1.38 -59.25
N THR B 97 -8.77 -0.36 -60.11
CA THR B 97 -7.62 -0.19 -60.97
C THR B 97 -6.79 1.03 -60.57
N VAL B 98 -5.49 0.93 -60.78
CA VAL B 98 -4.62 2.05 -60.62
C VAL B 98 -4.55 2.90 -61.88
N GLY B 99 -5.14 2.44 -62.97
CA GLY B 99 -5.27 3.27 -64.17
C GLY B 99 -6.37 4.31 -64.04
N ALA B 100 -6.30 5.39 -64.82
CA ALA B 100 -7.39 6.35 -64.93
C ALA B 100 -8.59 5.77 -65.69
N CYS B 101 -9.79 6.01 -65.16
CA CYS B 101 -11.02 5.76 -65.90
C CYS B 101 -12.16 6.48 -65.18
N GLU B 102 -13.23 6.77 -65.92
CA GLU B 102 -14.51 7.01 -65.28
C GLU B 102 -15.03 5.62 -64.92
N GLY B 103 -15.43 5.47 -63.67
CA GLY B 103 -15.76 4.19 -63.17
C GLY B 103 -17.11 3.73 -63.62
N SER B 104 -17.36 2.47 -63.33
CA SER B 104 -18.64 1.88 -63.52
C SER B 104 -18.76 0.89 -62.39
N HIS B 105 -19.90 0.24 -62.34
CA HIS B 105 -20.12 -0.84 -61.38
C HIS B 105 -18.94 -1.84 -61.35
N ASP B 106 -18.47 -2.23 -62.53
CA ASP B 106 -17.47 -3.30 -62.70
C ASP B 106 -16.04 -2.88 -62.41
N ARG B 107 -15.74 -1.58 -62.61
CA ARG B 107 -14.35 -1.15 -62.60
C ARG B 107 -14.26 0.31 -62.24
N VAL B 108 -13.48 0.61 -61.19
CA VAL B 108 -13.33 1.99 -60.70
C VAL B 108 -11.87 2.24 -60.32
N SER B 109 -11.40 3.47 -60.50
CA SER B 109 -10.05 3.85 -60.10
C SER B 109 -9.87 3.95 -58.60
N THR B 110 -8.62 4.01 -58.17
CA THR B 110 -8.26 4.38 -56.80
C THR B 110 -7.14 5.39 -56.86
N THR B 111 -6.99 6.17 -55.80
CA THR B 111 -5.93 7.17 -55.75
C THR B 111 -4.61 6.57 -55.39
N TYR B 112 -4.60 5.35 -54.85
CA TYR B 112 -3.37 4.72 -54.38
C TYR B 112 -2.78 3.95 -55.53
N LYS B 113 -1.79 4.55 -56.17
CA LYS B 113 -1.30 4.04 -57.45
C LYS B 113 -0.42 2.82 -57.29
N ARG B 114 -0.09 2.46 -56.03
CA ARG B 114 0.67 1.24 -55.77
C ARG B 114 -0.21 0.03 -55.44
N LEU B 115 -1.53 0.17 -55.56
CA LEU B 115 -2.44 -0.90 -55.11
C LEU B 115 -2.15 -2.22 -55.84
N ALA B 116 -1.94 -2.17 -57.14
CA ALA B 116 -1.71 -3.41 -57.91
C ALA B 116 -0.34 -4.01 -57.63
N GLN B 117 0.65 -3.14 -57.36
CA GLN B 117 1.95 -3.63 -56.96
C GLN B 117 1.93 -4.27 -55.54
N ASP B 118 1.09 -3.77 -54.64
CA ASP B 118 1.19 -4.10 -53.21
C ASP B 118 0.13 -5.11 -52.72
N ALA B 119 -0.95 -5.26 -53.48
CA ALA B 119 -2.05 -6.14 -53.03
C ALA B 119 -1.73 -7.56 -53.43
N VAL B 120 -2.18 -8.52 -52.62
CA VAL B 120 -2.11 -9.92 -53.00
C VAL B 120 -3.42 -10.63 -52.72
N ALA B 121 -3.63 -11.75 -53.39
CA ALA B 121 -4.86 -12.52 -53.19
C ALA B 121 -5.04 -12.76 -51.71
N GLY B 122 -6.26 -12.59 -51.20
CA GLY B 122 -6.53 -12.76 -49.79
C GLY B 122 -6.56 -11.47 -48.97
N ASP B 123 -5.97 -10.40 -49.47
CA ASP B 123 -6.10 -9.11 -48.82
C ASP B 123 -7.55 -8.65 -48.80
N ARG B 124 -7.91 -8.00 -47.71
CA ARG B 124 -9.21 -7.40 -47.55
C ARG B 124 -9.19 -5.92 -47.96
N VAL B 125 -10.26 -5.50 -48.62
CA VAL B 125 -10.50 -4.09 -48.92
C VAL B 125 -11.79 -3.69 -48.23
N LEU B 126 -11.73 -2.73 -47.31
CA LEU B 126 -12.93 -2.25 -46.63
C LEU B 126 -13.25 -0.85 -47.12
N VAL B 127 -14.48 -0.63 -47.55
CA VAL B 127 -14.90 0.69 -48.08
C VAL B 127 -15.60 1.47 -46.98
N ASP B 128 -15.40 2.79 -46.94
CA ASP B 128 -16.26 3.64 -46.08
C ASP B 128 -16.12 3.18 -44.63
N ASP B 129 -14.89 2.82 -44.26
CA ASP B 129 -14.52 2.08 -43.04
C ASP B 129 -15.45 0.92 -42.60
N GLY B 130 -15.86 0.12 -43.59
CA GLY B 130 -16.43 -1.23 -43.36
C GLY B 130 -17.94 -1.44 -43.48
N LYS B 131 -18.63 -0.76 -44.39
CA LYS B 131 -19.97 -1.21 -44.75
C LYS B 131 -19.82 -2.25 -45.86
N VAL B 132 -18.96 -1.94 -46.82
CA VAL B 132 -18.69 -2.83 -47.93
C VAL B 132 -17.34 -3.46 -47.67
N ALA B 133 -17.26 -4.78 -47.87
CA ALA B 133 -15.99 -5.49 -47.68
C ALA B 133 -15.72 -6.38 -48.90
N LEU B 134 -14.49 -6.34 -49.41
CA LEU B 134 -14.11 -7.13 -50.58
C LEU B 134 -12.89 -7.96 -50.21
N VAL B 135 -12.67 -9.04 -50.99
CA VAL B 135 -11.47 -9.81 -50.86
C VAL B 135 -10.77 -9.88 -52.23
N VAL B 136 -9.48 -9.66 -52.26
CA VAL B 136 -8.72 -9.67 -53.50
C VAL B 136 -8.56 -11.13 -53.98
N ASP B 137 -8.89 -11.36 -55.25
CA ASP B 137 -8.74 -12.70 -55.87
C ASP B 137 -7.50 -12.78 -56.74
N ALA B 138 -7.16 -11.68 -57.39
CA ALA B 138 -6.04 -11.66 -58.32
C ALA B 138 -5.66 -10.20 -58.67
N VAL B 139 -4.43 -10.04 -59.14
CA VAL B 139 -3.96 -8.82 -59.76
C VAL B 139 -3.63 -9.10 -61.24
N GLU B 140 -4.31 -8.42 -62.15
CA GLU B 140 -4.03 -8.51 -63.58
C GLU B 140 -3.64 -7.13 -64.07
N GLY B 141 -2.34 -6.94 -64.28
CA GLY B 141 -1.79 -5.64 -64.65
C GLY B 141 -2.18 -4.57 -63.65
N ASP B 142 -2.97 -3.61 -64.12
CA ASP B 142 -3.30 -2.44 -63.33
C ASP B 142 -4.50 -2.72 -62.43
N ASP B 143 -5.15 -3.87 -62.62
CA ASP B 143 -6.44 -4.15 -62.00
C ASP B 143 -6.34 -5.12 -60.79
N VAL B 144 -6.97 -4.72 -59.70
CA VAL B 144 -7.10 -5.59 -58.54
C VAL B 144 -8.51 -6.16 -58.56
N VAL B 145 -8.60 -7.44 -58.87
CA VAL B 145 -9.87 -8.12 -59.09
C VAL B 145 -10.34 -8.67 -57.75
N CYS B 146 -11.54 -8.25 -57.33
CA CYS B 146 -12.05 -8.55 -55.98
C CYS B 146 -13.41 -9.17 -56.02
N THR B 147 -13.72 -9.93 -54.97
CA THR B 147 -15.05 -10.44 -54.75
C THR B 147 -15.67 -9.71 -53.59
N VAL B 148 -16.88 -9.24 -53.79
CA VAL B 148 -17.58 -8.53 -52.72
C VAL B 148 -18.11 -9.55 -51.71
N VAL B 149 -17.63 -9.47 -50.48
CA VAL B 149 -18.10 -10.39 -49.45
C VAL B 149 -19.13 -9.79 -48.50
N GLU B 150 -19.22 -8.47 -48.48
CA GLU B 150 -20.28 -7.75 -47.79
C GLU B 150 -20.67 -6.60 -48.65
N GLY B 151 -21.94 -6.56 -49.05
CA GLY B 151 -22.41 -5.64 -50.06
C GLY B 151 -22.95 -4.34 -49.53
N GLY B 152 -23.09 -3.37 -50.41
CA GLY B 152 -23.60 -2.09 -50.02
C GLY B 152 -23.34 -1.06 -51.09
N PRO B 153 -23.78 0.17 -50.84
CA PRO B 153 -23.62 1.24 -51.82
C PRO B 153 -22.22 1.80 -51.78
N VAL B 154 -21.68 2.17 -52.93
CA VAL B 154 -20.44 2.93 -52.96
C VAL B 154 -20.66 4.14 -53.88
N SER B 155 -19.82 5.14 -53.70
CA SER B 155 -20.00 6.37 -54.44
C SER B 155 -18.65 7.04 -54.68
N ASP B 156 -18.67 8.07 -55.52
CA ASP B 156 -17.50 8.84 -55.90
C ASP B 156 -16.65 9.15 -54.67
N ASN B 157 -15.37 8.88 -54.79
CA ASN B 157 -14.35 9.37 -53.88
C ASN B 157 -14.43 8.77 -52.46
N LYS B 158 -15.18 7.68 -52.27
CA LYS B 158 -15.27 7.06 -50.93
C LYS B 158 -13.93 6.48 -50.50
N GLY B 159 -13.66 6.53 -49.20
CA GLY B 159 -12.41 6.08 -48.65
C GLY B 159 -12.37 4.58 -48.61
N ILE B 160 -11.16 3.99 -48.76
CA ILE B 160 -10.98 2.58 -48.54
C ILE B 160 -9.82 2.34 -47.60
N SER B 161 -9.87 1.21 -46.90
CA SER B 161 -8.81 0.78 -46.03
C SER B 161 -8.31 -0.58 -46.50
N LEU B 162 -7.00 -0.79 -46.35
CA LEU B 162 -6.36 -2.01 -46.70
C LEU B 162 -5.71 -2.58 -45.42
N PRO B 163 -6.53 -3.14 -44.53
CA PRO B 163 -6.00 -3.52 -43.25
C PRO B 163 -4.97 -4.63 -43.40
N GLY B 164 -3.83 -4.48 -42.74
CA GLY B 164 -2.77 -5.45 -42.85
C GLY B 164 -1.76 -5.12 -43.93
N MET B 165 -2.10 -4.26 -44.89
CA MET B 165 -1.22 -3.96 -45.97
C MET B 165 -0.29 -2.83 -45.57
N ASN B 166 0.98 -2.97 -45.91
CA ASN B 166 1.95 -1.93 -45.62
C ASN B 166 1.78 -0.86 -46.68
N VAL B 167 1.18 0.27 -46.31
CA VAL B 167 0.91 1.34 -47.27
C VAL B 167 2.14 2.27 -47.32
N THR B 168 2.60 2.59 -48.53
CA THR B 168 3.73 3.49 -48.70
C THR B 168 3.18 4.80 -49.26
N ALA B 169 3.34 5.88 -48.51
CA ALA B 169 2.73 7.15 -48.88
C ALA B 169 3.34 8.26 -48.03
N PRO B 170 3.46 9.45 -48.58
CA PRO B 170 4.04 10.51 -47.78
C PRO B 170 3.07 10.95 -46.67
N ALA B 171 3.62 11.34 -45.52
CA ALA B 171 2.86 11.73 -44.35
C ALA B 171 2.02 12.96 -44.62
N LEU B 172 2.55 13.87 -45.45
CA LEU B 172 1.77 14.99 -45.96
C LEU B 172 1.61 14.91 -47.48
N SER B 173 0.36 14.95 -47.96
CA SER B 173 0.10 15.06 -49.41
C SER B 173 0.24 16.51 -49.85
N GLU B 174 0.19 16.74 -51.15
CA GLU B 174 0.18 18.11 -51.69
C GLU B 174 -1.02 18.89 -51.13
N LYS B 175 -2.18 18.25 -51.15
CA LYS B 175 -3.39 18.83 -50.56
C LYS B 175 -3.23 19.21 -49.09
N ASP B 176 -2.62 18.33 -48.31
CA ASP B 176 -2.35 18.63 -46.90
C ASP B 176 -1.49 19.89 -46.75
N ILE B 177 -0.48 20.04 -47.59
CA ILE B 177 0.44 21.18 -47.50
C ILE B 177 -0.29 22.48 -47.82
N GLU B 178 -1.13 22.44 -48.86
CA GLU B 178 -1.97 23.57 -49.20
C GLU B 178 -2.92 23.91 -48.05
N ASP B 179 -3.60 22.88 -47.54
CA ASP B 179 -4.54 23.05 -46.44
C ASP B 179 -3.89 23.62 -45.17
N LEU B 180 -2.69 23.12 -44.85
CA LEU B 180 -1.97 23.54 -43.66
C LEU B 180 -1.53 25.01 -43.82
N THR B 181 -1.14 25.38 -45.03
CA THR B 181 -0.69 26.74 -45.31
C THR B 181 -1.89 27.69 -45.14
N PHE B 182 -3.02 27.32 -45.73
CA PHE B 182 -4.25 28.09 -45.60
C PHE B 182 -4.65 28.21 -44.11
N ALA B 183 -4.58 27.11 -43.38
CA ALA B 183 -5.00 27.11 -41.98
C ALA B 183 -4.07 27.96 -41.06
N LEU B 184 -2.78 27.89 -41.32
CA LEU B 184 -1.82 28.69 -40.57
C LEU B 184 -2.05 30.18 -40.85
N ASN B 185 -2.21 30.54 -42.13
CA ASN B 185 -2.48 31.89 -42.51
C ASN B 185 -3.82 32.39 -41.94
N LEU B 186 -4.81 31.52 -41.92
CA LEU B 186 -6.10 31.88 -41.40
C LEU B 186 -6.03 32.20 -39.86
N GLY B 187 -5.13 31.52 -39.15
CA GLY B 187 -4.92 31.76 -37.74
C GLY B 187 -5.35 30.64 -36.79
N VAL B 188 -5.53 29.41 -37.28
CA VAL B 188 -5.88 28.30 -36.39
C VAL B 188 -4.86 28.09 -35.25
N ASP B 189 -5.31 27.47 -34.16
CA ASP B 189 -4.51 27.38 -32.92
C ASP B 189 -3.75 26.07 -32.75
N MET B 190 -4.22 25.03 -33.40
CA MET B 190 -3.49 23.76 -33.45
C MET B 190 -3.86 22.98 -34.73
N VAL B 191 -3.04 22.00 -35.04
CA VAL B 191 -3.17 21.21 -36.27
C VAL B 191 -3.13 19.72 -35.89
N ALA B 192 -4.01 18.93 -36.49
CA ALA B 192 -3.99 17.46 -36.34
C ALA B 192 -3.58 16.80 -37.66
N LEU B 193 -2.67 15.86 -37.59
CA LEU B 193 -2.28 15.06 -38.75
C LEU B 193 -2.85 13.63 -38.66
N SER B 194 -3.67 13.28 -39.66
CA SER B 194 -4.22 11.93 -39.80
C SER B 194 -3.14 10.91 -40.23
N PHE B 195 -3.34 9.67 -39.79
CA PHE B 195 -2.54 8.53 -40.26
C PHE B 195 -1.04 8.64 -39.96
N VAL B 196 -0.73 9.27 -38.84
CA VAL B 196 0.64 9.32 -38.35
C VAL B 196 1.15 7.89 -38.18
N ARG B 197 2.39 7.65 -38.58
CA ARG B 197 3.02 6.35 -38.41
C ARG B 197 4.31 6.39 -37.59
N SER B 198 4.94 7.55 -37.54
CA SER B 198 6.30 7.67 -37.05
C SER B 198 6.47 9.01 -36.34
N PRO B 199 7.34 9.06 -35.32
CA PRO B 199 7.67 10.34 -34.68
C PRO B 199 8.22 11.37 -35.67
N ALA B 200 8.87 10.90 -36.73
CA ALA B 200 9.48 11.80 -37.69
C ALA B 200 8.44 12.53 -38.56
N ASP B 201 7.18 12.09 -38.51
CA ASP B 201 6.12 12.74 -39.27
C ASP B 201 5.95 14.19 -38.82
N VAL B 202 6.23 14.46 -37.55
CA VAL B 202 6.07 15.81 -37.02
C VAL B 202 7.06 16.76 -37.66
N GLU B 203 8.22 16.24 -38.04
CA GLU B 203 9.24 17.03 -38.68
C GLU B 203 8.77 17.58 -40.02
N LEU B 204 7.97 16.82 -40.76
CA LEU B 204 7.44 17.35 -42.02
C LEU B 204 6.43 18.46 -41.80
N VAL B 205 5.62 18.33 -40.76
CA VAL B 205 4.67 19.40 -40.42
C VAL B 205 5.46 20.68 -40.02
N HIS B 206 6.51 20.50 -39.22
CA HIS B 206 7.35 21.62 -38.77
C HIS B 206 8.05 22.31 -39.93
N GLU B 207 8.52 21.54 -40.92
CA GLU B 207 9.13 22.11 -42.13
C GLU B 207 8.20 23.11 -42.82
N VAL B 208 6.95 22.71 -43.05
CA VAL B 208 5.95 23.61 -43.65
C VAL B 208 5.75 24.85 -42.78
N MET B 209 5.55 24.61 -41.48
CA MET B 209 5.32 25.69 -40.53
C MET B 209 6.46 26.72 -40.56
N ASP B 210 7.70 26.22 -40.65
CA ASP B 210 8.85 27.11 -40.60
C ASP B 210 9.03 27.92 -41.88
N ARG B 211 8.72 27.30 -43.00
CA ARG B 211 8.66 28.01 -44.25
C ARG B 211 7.58 29.11 -44.24
N ILE B 212 6.42 28.82 -43.67
CA ILE B 212 5.32 29.78 -43.61
C ILE B 212 5.58 30.85 -42.55
N GLY B 213 6.33 30.48 -41.51
CA GLY B 213 6.72 31.40 -40.47
C GLY B 213 5.79 31.39 -39.28
N ARG B 214 5.07 30.28 -39.08
CA ARG B 214 4.15 30.16 -37.96
C ARG B 214 4.05 28.73 -37.50
N ARG B 215 4.47 28.44 -36.26
CA ARG B 215 4.19 27.14 -35.65
C ARG B 215 2.99 27.21 -34.73
N VAL B 216 2.24 26.12 -34.70
CA VAL B 216 1.25 25.90 -33.66
C VAL B 216 1.43 24.45 -33.23
N PRO B 217 0.85 24.08 -32.09
CA PRO B 217 0.94 22.67 -31.64
C PRO B 217 0.41 21.66 -32.64
N VAL B 218 1.09 20.52 -32.72
CA VAL B 218 0.71 19.44 -33.61
C VAL B 218 0.20 18.23 -32.83
N ILE B 219 -0.99 17.79 -33.21
CA ILE B 219 -1.64 16.60 -32.66
C ILE B 219 -1.47 15.43 -33.63
N ALA B 220 -0.94 14.33 -33.12
CA ALA B 220 -0.89 13.10 -33.89
C ALA B 220 -2.18 12.35 -33.72
N LYS B 221 -2.90 12.10 -34.82
CA LYS B 221 -3.97 11.13 -34.81
C LYS B 221 -3.46 9.70 -34.84
N LEU B 222 -3.92 8.90 -33.90
CA LEU B 222 -3.55 7.51 -33.78
C LEU B 222 -4.60 6.62 -34.41
N GLU B 223 -4.29 6.07 -35.57
CA GLU B 223 -5.23 5.28 -36.33
C GLU B 223 -4.57 4.26 -37.25
N LYS B 224 -3.33 3.90 -36.96
CA LYS B 224 -2.56 2.95 -37.75
C LYS B 224 -1.82 2.05 -36.75
N PRO B 225 -1.59 0.78 -37.12
CA PRO B 225 -0.83 -0.07 -36.19
C PRO B 225 0.56 0.48 -35.90
N GLU B 226 1.20 1.08 -36.91
CA GLU B 226 2.56 1.63 -36.74
C GLU B 226 2.58 2.70 -35.67
N ALA B 227 1.53 3.51 -35.63
CA ALA B 227 1.38 4.53 -34.63
C ALA B 227 1.36 3.93 -33.22
N ILE B 228 0.66 2.82 -33.07
CA ILE B 228 0.55 2.17 -31.76
C ILE B 228 1.86 1.50 -31.39
N ASP B 229 2.53 0.90 -32.36
CA ASP B 229 3.86 0.33 -32.10
C ASP B 229 4.88 1.39 -31.66
N ASN B 230 4.71 2.61 -32.14
CA ASN B 230 5.66 3.69 -31.86
C ASN B 230 5.02 4.70 -30.91
N LEU B 231 4.10 4.24 -30.08
CA LEU B 231 3.23 5.14 -29.30
C LEU B 231 4.02 6.08 -28.44
N GLU B 232 4.99 5.56 -27.68
CA GLU B 232 5.70 6.44 -26.78
C GLU B 232 6.50 7.51 -27.57
N ALA B 233 7.19 7.09 -28.62
CA ALA B 233 8.00 8.03 -29.39
C ALA B 233 7.13 9.10 -30.02
N ILE B 234 5.91 8.73 -30.44
CA ILE B 234 5.00 9.69 -31.03
C ILE B 234 4.45 10.69 -29.99
N VAL B 235 4.08 10.19 -28.82
CA VAL B 235 3.64 11.08 -27.74
C VAL B 235 4.74 12.09 -27.37
N LEU B 236 5.99 11.65 -27.41
CA LEU B 236 7.11 12.49 -27.06
C LEU B 236 7.37 13.53 -28.14
N ALA B 237 7.23 13.14 -29.41
CA ALA B 237 7.56 14.00 -30.51
C ALA B 237 6.48 15.01 -30.85
N PHE B 238 5.22 14.63 -30.67
CA PHE B 238 4.10 15.53 -30.98
C PHE B 238 3.68 16.29 -29.70
N ASP B 239 2.76 17.23 -29.85
CA ASP B 239 2.35 18.08 -28.72
C ASP B 239 1.13 17.49 -28.01
N ALA B 240 0.45 16.61 -28.71
CA ALA B 240 -0.75 15.97 -28.20
C ALA B 240 -1.10 14.78 -29.08
N VAL B 241 -2.04 13.96 -28.62
CA VAL B 241 -2.51 12.84 -29.43
C VAL B 241 -4.04 12.75 -29.40
N MET B 242 -4.57 12.17 -30.46
CA MET B 242 -6.00 11.88 -30.61
C MET B 242 -6.15 10.39 -30.90
N VAL B 243 -6.95 9.72 -30.09
CA VAL B 243 -7.30 8.33 -30.35
C VAL B 243 -8.41 8.39 -31.40
N ALA B 244 -8.00 8.16 -32.64
CA ALA B 244 -8.88 8.31 -33.79
C ALA B 244 -9.53 6.96 -34.09
N ARG B 245 -10.58 6.64 -33.33
CA ARG B 245 -11.03 5.25 -33.21
C ARG B 245 -11.69 4.70 -34.46
N GLY B 246 -12.21 5.60 -35.29
CA GLY B 246 -12.87 5.16 -36.57
C GLY B 246 -11.94 4.33 -37.45
N ASP B 247 -10.88 4.98 -37.90
CA ASP B 247 -9.89 4.31 -38.71
C ASP B 247 -9.09 3.28 -37.89
N LEU B 248 -8.83 3.59 -36.62
CA LEU B 248 -8.03 2.66 -35.80
C LEU B 248 -8.67 1.27 -35.73
N GLY B 249 -10.00 1.25 -35.63
CA GLY B 249 -10.77 0.00 -35.53
C GLY B 249 -11.03 -0.70 -36.85
N VAL B 250 -10.53 -0.14 -37.95
CA VAL B 250 -10.46 -0.85 -39.19
C VAL B 250 -9.03 -1.29 -39.48
N GLU B 251 -8.07 -0.42 -39.16
CA GLU B 251 -6.67 -0.75 -39.39
C GLU B 251 -6.14 -1.80 -38.43
N LEU B 252 -6.75 -1.86 -37.25
CA LEU B 252 -6.49 -2.89 -36.22
C LEU B 252 -7.82 -3.59 -35.97
N PRO B 253 -7.78 -4.84 -35.47
CA PRO B 253 -9.04 -5.47 -35.10
C PRO B 253 -9.81 -4.61 -34.11
N LEU B 254 -11.10 -4.45 -34.36
CA LEU B 254 -11.88 -3.50 -33.58
C LEU B 254 -11.89 -3.86 -32.10
N GLU B 255 -11.72 -5.13 -31.79
CA GLU B 255 -11.70 -5.58 -30.41
C GLU B 255 -10.43 -5.14 -29.61
N GLU B 256 -9.41 -4.68 -30.31
CA GLU B 256 -8.17 -4.23 -29.68
C GLU B 256 -8.20 -2.74 -29.34
N VAL B 257 -9.19 -2.00 -29.85
CA VAL B 257 -9.21 -0.57 -29.67
C VAL B 257 -9.40 -0.12 -28.19
N PRO B 258 -10.28 -0.81 -27.42
CA PRO B 258 -10.50 -0.30 -26.04
C PRO B 258 -9.24 -0.30 -25.18
N LEU B 259 -8.43 -1.33 -25.25
CA LEU B 259 -7.23 -1.30 -24.46
C LEU B 259 -6.15 -0.35 -25.07
N VAL B 260 -6.14 -0.21 -26.40
CA VAL B 260 -5.24 0.75 -26.99
C VAL B 260 -5.58 2.15 -26.50
N GLN B 261 -6.87 2.51 -26.52
CA GLN B 261 -7.34 3.80 -26.03
C GLN B 261 -6.80 4.07 -24.64
N LYS B 262 -6.98 3.10 -23.76
CA LYS B 262 -6.57 3.28 -22.36
C LYS B 262 -5.04 3.42 -22.21
N ARG B 263 -4.29 2.64 -22.97
CA ARG B 263 -2.84 2.79 -23.01
C ARG B 263 -2.39 4.18 -23.51
N ALA B 264 -3.05 4.68 -24.52
CA ALA B 264 -2.66 5.94 -25.14
C ALA B 264 -2.96 7.11 -24.21
N ILE B 265 -4.10 7.06 -23.53
CA ILE B 265 -4.45 8.07 -22.55
C ILE B 265 -3.42 8.11 -21.42
N GLN B 266 -3.07 6.94 -20.90
CA GLN B 266 -2.13 6.86 -19.81
C GLN B 266 -0.76 7.41 -20.24
N MET B 267 -0.32 7.03 -21.43
CA MET B 267 0.97 7.50 -21.95
C MET B 267 1.00 9.04 -22.10
N ALA B 268 -0.06 9.59 -22.65
CA ALA B 268 -0.19 11.04 -22.80
C ALA B 268 -0.07 11.73 -21.42
N ARG B 269 -0.83 11.24 -20.45
CA ARG B 269 -0.81 11.80 -19.11
C ARG B 269 0.57 11.70 -18.44
N GLU B 270 1.25 10.56 -18.57
CA GLU B 270 2.61 10.37 -18.01
C GLU B 270 3.57 11.39 -18.58
N ASN B 271 3.31 11.82 -19.82
CA ASN B 271 4.17 12.80 -20.49
C ASN B 271 3.60 14.24 -20.54
N ALA B 272 2.52 14.47 -19.81
CA ALA B 272 1.89 15.77 -19.71
C ALA B 272 1.54 16.33 -21.09
N LYS B 273 1.01 15.48 -21.95
CA LYS B 273 0.52 15.91 -23.26
C LYS B 273 -0.98 15.72 -23.28
N PRO B 274 -1.71 16.66 -23.87
CA PRO B 274 -3.14 16.44 -24.07
C PRO B 274 -3.50 15.18 -24.91
N VAL B 275 -4.60 14.53 -24.52
CA VAL B 275 -5.17 13.42 -25.27
C VAL B 275 -6.68 13.61 -25.50
N ILE B 276 -7.07 13.49 -26.74
CA ILE B 276 -8.45 13.58 -27.18
C ILE B 276 -8.92 12.17 -27.61
N VAL B 277 -10.11 11.78 -27.16
CA VAL B 277 -10.72 10.53 -27.57
C VAL B 277 -11.82 10.86 -28.57
N ALA B 278 -11.76 10.25 -29.74
CA ALA B 278 -12.61 10.65 -30.85
C ALA B 278 -13.36 9.48 -31.49
N THR B 279 -14.55 9.81 -31.98
CA THR B 279 -15.24 9.10 -33.02
C THR B 279 -16.25 8.10 -32.49
N GLN B 280 -17.50 8.35 -32.90
CA GLN B 280 -18.66 7.54 -32.55
C GLN B 280 -19.04 7.49 -31.09
N MET B 281 -18.58 8.48 -30.32
CA MET B 281 -18.87 8.50 -28.91
C MET B 281 -20.36 8.60 -28.64
N LEU B 282 -21.09 9.36 -29.47
CA LEU B 282 -22.54 9.49 -29.34
C LEU B 282 -23.17 9.29 -30.72
N ASP B 283 -22.62 8.35 -31.48
CA ASP B 283 -22.92 8.18 -32.92
C ASP B 283 -24.44 8.20 -33.22
N SER B 284 -25.24 7.50 -32.45
CA SER B 284 -26.68 7.39 -32.73
C SER B 284 -27.40 8.75 -32.66
N MET B 285 -26.79 9.72 -32.01
CA MET B 285 -27.36 11.07 -31.98
C MET B 285 -27.27 11.85 -33.28
N ILE B 286 -26.61 11.26 -34.29
CA ILE B 286 -26.75 11.76 -35.65
C ILE B 286 -28.22 11.75 -36.08
N GLU B 287 -28.97 10.72 -35.65
CA GLU B 287 -30.41 10.64 -35.99
C GLU B 287 -31.36 10.77 -34.79
N ASN B 288 -30.88 10.56 -33.57
CA ASN B 288 -31.78 10.41 -32.42
C ASN B 288 -31.46 11.46 -31.37
N SER B 289 -32.50 11.90 -30.66
CA SER B 289 -32.39 12.97 -29.66
C SER B 289 -31.68 12.54 -28.38
N ARG B 290 -31.60 11.24 -28.15
CA ARG B 290 -30.94 10.68 -26.99
C ARG B 290 -30.06 9.53 -27.47
N PRO B 291 -28.90 9.35 -26.83
CA PRO B 291 -27.94 8.33 -27.25
C PRO B 291 -28.31 6.92 -26.74
N THR B 292 -27.59 5.91 -27.21
CA THR B 292 -27.74 4.57 -26.66
C THR B 292 -27.00 4.44 -25.29
N ARG B 293 -27.28 3.38 -24.58
CA ARG B 293 -26.67 3.14 -23.31
C ARG B 293 -25.15 2.81 -23.50
N ALA B 294 -24.79 2.22 -24.63
CA ALA B 294 -23.38 1.99 -24.90
C ALA B 294 -22.65 3.30 -25.07
N GLU B 295 -23.32 4.23 -25.70
CA GLU B 295 -22.74 5.54 -25.94
C GLU B 295 -22.51 6.35 -24.66
N ALA B 296 -23.50 6.37 -23.79
CA ALA B 296 -23.31 7.03 -22.50
C ALA B 296 -22.17 6.37 -21.72
N SER B 297 -22.10 5.04 -21.79
CA SER B 297 -21.05 4.32 -21.11
C SER B 297 -19.63 4.70 -21.67
N ASP B 298 -19.55 4.75 -22.98
CA ASP B 298 -18.31 5.09 -23.66
C ASP B 298 -17.80 6.48 -23.25
N VAL B 299 -18.71 7.44 -23.19
CA VAL B 299 -18.34 8.81 -22.74
C VAL B 299 -17.88 8.79 -21.28
N ALA B 300 -18.65 8.17 -20.41
CA ALA B 300 -18.26 8.07 -18.98
C ALA B 300 -16.92 7.40 -18.80
N ASN B 301 -16.68 6.33 -19.54
CA ASN B 301 -15.45 5.56 -19.35
C ASN B 301 -14.21 6.29 -19.90
N ALA B 302 -14.40 7.07 -20.97
CA ALA B 302 -13.31 7.92 -21.45
C ALA B 302 -12.94 8.99 -20.43
N VAL B 303 -13.92 9.48 -19.69
CA VAL B 303 -13.65 10.38 -18.55
C VAL B 303 -12.84 9.67 -17.45
N LEU B 304 -13.29 8.49 -17.06
CA LEU B 304 -12.62 7.71 -16.02
C LEU B 304 -11.25 7.28 -16.41
N ASP B 305 -11.04 7.05 -17.71
CA ASP B 305 -9.75 6.63 -18.25
C ASP B 305 -8.70 7.74 -18.03
N GLY B 306 -9.17 8.99 -17.96
CA GLY B 306 -8.27 10.13 -17.79
C GLY B 306 -8.10 11.04 -19.03
N ALA B 307 -9.02 10.99 -19.98
CA ALA B 307 -8.91 11.81 -21.19
C ALA B 307 -9.07 13.30 -20.86
N ASP B 308 -8.26 14.14 -21.51
CA ASP B 308 -8.40 15.57 -21.37
C ASP B 308 -9.71 16.01 -22.04
N ALA B 309 -10.00 15.41 -23.19
CA ALA B 309 -11.03 15.89 -24.07
C ALA B 309 -11.68 14.77 -24.84
N LEU B 310 -12.97 14.98 -25.16
CA LEU B 310 -13.74 14.04 -25.95
C LEU B 310 -14.25 14.80 -27.18
N MET B 311 -14.41 14.09 -28.28
CA MET B 311 -14.72 14.74 -29.56
C MET B 311 -16.04 14.25 -30.12
N LEU B 312 -16.76 15.16 -30.71
CA LEU B 312 -17.92 14.85 -31.51
C LEU B 312 -17.56 15.09 -32.97
N SER B 313 -17.87 14.13 -33.85
CA SER B 313 -17.65 14.32 -35.28
C SER B 313 -18.98 14.53 -36.01
N GLY B 314 -19.55 13.49 -36.62
CA GLY B 314 -20.78 13.63 -37.34
C GLY B 314 -21.96 14.10 -36.48
N GLU B 315 -21.89 13.80 -35.19
CA GLU B 315 -22.92 14.23 -34.24
C GLU B 315 -23.16 15.74 -34.30
N THR B 316 -22.09 16.50 -34.57
CA THR B 316 -22.21 17.95 -34.72
C THR B 316 -22.04 18.42 -36.15
N SER B 317 -21.23 17.72 -36.96
CA SER B 317 -20.93 18.25 -38.31
C SER B 317 -22.08 18.03 -39.32
N VAL B 318 -22.77 16.87 -39.25
CA VAL B 318 -23.85 16.57 -40.21
C VAL B 318 -25.16 16.16 -39.54
N GLY B 319 -25.16 15.93 -38.23
CA GLY B 319 -26.31 15.30 -37.56
C GLY B 319 -27.51 16.21 -37.36
N LYS B 320 -28.63 15.61 -36.94
CA LYS B 320 -29.86 16.36 -36.71
C LYS B 320 -29.91 17.07 -35.36
N TYR B 321 -29.01 16.70 -34.45
CA TYR B 321 -29.06 17.20 -33.08
C TYR B 321 -27.73 17.72 -32.55
N PRO B 322 -27.09 18.66 -33.25
CA PRO B 322 -25.71 19.01 -32.87
C PRO B 322 -25.64 19.64 -31.48
N LEU B 323 -26.64 20.45 -31.14
CA LEU B 323 -26.66 21.11 -29.85
C LEU B 323 -26.92 20.10 -28.74
N ALA B 324 -27.92 19.26 -28.95
CA ALA B 324 -28.23 18.24 -27.97
C ALA B 324 -27.07 17.28 -27.77
N ALA B 325 -26.30 17.01 -28.81
CA ALA B 325 -25.13 16.15 -28.66
C ALA B 325 -24.12 16.76 -27.69
N VAL B 326 -23.83 18.03 -27.88
CA VAL B 326 -22.90 18.74 -26.97
C VAL B 326 -23.44 18.77 -25.53
N ARG B 327 -24.71 19.11 -25.39
CA ARG B 327 -25.28 19.19 -24.06
C ARG B 327 -25.27 17.82 -23.35
N THR B 328 -25.58 16.79 -24.13
CA THR B 328 -25.66 15.45 -23.60
C THR B 328 -24.28 14.96 -23.17
N MET B 329 -23.27 15.19 -24.02
CA MET B 329 -21.91 14.90 -23.67
C MET B 329 -21.50 15.59 -22.38
N SER B 330 -21.82 16.88 -22.27
CA SER B 330 -21.46 17.64 -21.09
C SER B 330 -22.13 17.08 -19.84
N ARG B 331 -23.42 16.75 -19.93
CA ARG B 331 -24.12 16.15 -18.78
C ARG B 331 -23.47 14.83 -18.30
N ILE B 332 -23.01 14.01 -19.23
CA ILE B 332 -22.42 12.73 -18.86
C ILE B 332 -21.06 12.98 -18.18
N ILE B 333 -20.29 13.90 -18.74
CA ILE B 333 -18.99 14.19 -18.20
C ILE B 333 -19.15 14.71 -16.77
N CYS B 334 -20.10 15.62 -16.58
CA CYS B 334 -20.33 16.24 -15.29
C CYS B 334 -20.84 15.23 -14.25
N ALA B 335 -21.69 14.30 -14.67
CA ALA B 335 -22.19 13.29 -13.77
C ALA B 335 -21.06 12.48 -13.21
N VAL B 336 -20.11 12.09 -14.06
CA VAL B 336 -18.98 11.29 -13.60
C VAL B 336 -18.11 12.09 -12.68
N GLU B 337 -17.78 13.33 -13.10
CA GLU B 337 -16.92 14.21 -12.33
C GLU B 337 -17.48 14.57 -10.98
N GLU B 338 -18.80 14.71 -10.88
CA GLU B 338 -19.42 15.04 -9.60
C GLU B 338 -19.18 13.93 -8.56
N ASN B 339 -19.16 12.68 -9.01
CA ASN B 339 -18.77 11.57 -8.17
C ASN B 339 -17.28 11.65 -7.76
N SER B 340 -16.41 11.79 -8.75
CA SER B 340 -14.97 11.92 -8.48
C SER B 340 -14.23 12.35 -9.73
N THR B 341 -13.19 13.16 -9.56
CA THR B 341 -12.31 13.53 -10.67
C THR B 341 -11.09 12.59 -10.80
N ALA B 342 -10.99 11.58 -9.93
CA ALA B 342 -9.79 10.74 -9.89
C ALA B 342 -9.52 10.11 -11.26
N ALA B 343 -8.24 10.11 -11.64
CA ALA B 343 -7.76 9.39 -12.82
C ALA B 343 -6.88 8.23 -12.35
N PRO B 344 -6.52 7.32 -13.26
CA PRO B 344 -5.57 6.27 -12.86
C PRO B 344 -4.24 6.88 -12.40
N PRO B 345 -3.64 6.33 -11.36
CA PRO B 345 -2.39 6.92 -10.92
C PRO B 345 -1.31 6.89 -12.02
N LEU B 346 -0.41 7.86 -11.99
CA LEU B 346 0.76 7.84 -12.83
C LEU B 346 1.71 6.82 -12.26
N THR B 347 2.50 6.19 -13.10
CA THR B 347 3.32 5.05 -12.67
C THR B 347 4.71 5.44 -12.20
N HIS B 348 5.07 6.71 -12.37
CA HIS B 348 6.36 7.21 -11.88
C HIS B 348 6.18 8.48 -11.12
N ILE B 349 6.99 8.62 -10.09
CA ILE B 349 7.09 9.85 -9.33
C ILE B 349 7.65 10.94 -10.26
N PRO B 350 7.05 12.12 -10.23
CA PRO B 350 7.56 13.22 -11.07
C PRO B 350 9.04 13.50 -10.85
N ARG B 351 9.76 13.74 -11.94
CA ARG B 351 11.21 13.93 -11.88
C ARG B 351 11.68 15.34 -12.25
N THR B 352 10.90 16.05 -13.07
CA THR B 352 11.29 17.38 -13.52
C THR B 352 10.88 18.42 -12.51
N LYS B 353 11.57 19.55 -12.51
CA LYS B 353 11.23 20.63 -11.61
C LYS B 353 9.76 20.99 -11.73
N ARG B 354 9.27 21.17 -12.95
CA ARG B 354 7.90 21.61 -13.12
C ARG B 354 6.91 20.54 -12.62
N GLY B 355 7.25 19.28 -12.84
CA GLY B 355 6.37 18.20 -12.41
C GLY B 355 6.36 18.05 -10.89
N VAL B 356 7.53 18.18 -10.29
CA VAL B 356 7.69 17.99 -8.85
C VAL B 356 6.94 19.12 -8.13
N ILE B 357 7.11 20.35 -8.63
CA ILE B 357 6.46 21.50 -8.04
C ILE B 357 4.94 21.48 -8.24
N SER B 358 4.48 21.11 -9.43
CA SER B 358 3.03 21.06 -9.66
C SER B 358 2.39 19.98 -8.79
N TYR B 359 3.09 18.88 -8.61
CA TYR B 359 2.60 17.80 -7.75
C TYR B 359 2.51 18.27 -6.26
N ALA B 360 3.56 18.93 -5.78
CA ALA B 360 3.56 19.53 -4.45
C ALA B 360 2.46 20.57 -4.28
N ALA B 361 2.24 21.39 -5.31
CA ALA B 361 1.20 22.44 -5.26
C ALA B 361 -0.16 21.83 -5.08
N ARG B 362 -0.41 20.73 -5.78
CA ARG B 362 -1.67 20.03 -5.63
C ARG B 362 -1.85 19.55 -4.21
N ASP B 363 -0.80 18.92 -3.65
CA ASP B 363 -0.83 18.43 -2.25
C ASP B 363 -1.24 19.59 -1.32
N ILE B 364 -0.52 20.70 -1.43
CA ILE B 364 -0.73 21.85 -0.53
C ILE B 364 -2.16 22.38 -0.64
N GLY B 365 -2.59 22.60 -1.87
CA GLY B 365 -3.92 23.15 -2.11
C GLY B 365 -5.03 22.26 -1.59
N GLU B 366 -4.94 20.97 -1.88
CA GLU B 366 -5.97 20.04 -1.37
C GLU B 366 -5.94 19.93 0.17
N ARG B 367 -4.76 19.83 0.78
CA ARG B 367 -4.67 19.62 2.22
C ARG B 367 -5.07 20.86 2.99
N LEU B 368 -4.85 22.04 2.42
CA LEU B 368 -5.26 23.28 3.08
C LEU B 368 -6.63 23.77 2.61
N ASP B 369 -7.33 22.97 1.80
CA ASP B 369 -8.69 23.31 1.34
C ASP B 369 -8.71 24.66 0.62
N ALA B 370 -7.77 24.89 -0.28
CA ALA B 370 -7.70 26.12 -1.05
C ALA B 370 -8.89 26.21 -2.02
N LYS B 371 -9.23 27.43 -2.43
CA LYS B 371 -10.33 27.64 -3.38
C LYS B 371 -9.88 27.39 -4.80
N ALA B 372 -8.59 27.51 -5.06
CA ALA B 372 -8.09 27.24 -6.41
C ALA B 372 -6.58 27.01 -6.43
N LEU B 373 -6.13 26.30 -7.45
CA LEU B 373 -4.73 26.22 -7.83
C LEU B 373 -4.50 27.10 -9.01
N VAL B 374 -3.44 27.90 -8.92
CA VAL B 374 -3.15 28.90 -9.93
C VAL B 374 -1.75 28.60 -10.40
N ALA B 375 -1.54 28.57 -11.70
CA ALA B 375 -0.20 28.35 -12.21
C ALA B 375 0.10 29.28 -13.40
N PHE B 376 1.26 29.95 -13.31
CA PHE B 376 1.73 30.78 -14.41
C PHE B 376 2.49 29.92 -15.40
N THR B 377 2.18 30.11 -16.67
CA THR B 377 2.75 29.31 -17.72
C THR B 377 2.84 30.07 -18.99
N GLN B 378 4.03 29.99 -19.57
CA GLN B 378 4.36 30.67 -20.80
C GLN B 378 4.10 29.77 -22.01
N SER B 379 4.37 28.47 -21.86
CA SER B 379 4.19 27.48 -22.93
C SER B 379 3.01 26.56 -22.67
N GLY B 380 2.50 26.58 -21.44
CA GLY B 380 1.47 25.62 -21.02
C GLY B 380 2.00 24.48 -20.16
N ASP B 381 3.30 24.23 -20.21
CA ASP B 381 3.88 23.04 -19.60
C ASP B 381 3.56 22.88 -18.11
N THR B 382 3.78 23.91 -17.32
CA THR B 382 3.62 23.82 -15.88
C THR B 382 2.16 23.44 -15.55
N VAL B 383 1.23 24.05 -16.29
CA VAL B 383 -0.20 23.78 -16.12
C VAL B 383 -0.58 22.34 -16.58
N ARG B 384 -0.01 21.90 -17.69
CA ARG B 384 -0.24 20.53 -18.15
C ARG B 384 0.27 19.48 -17.15
N ARG B 385 1.40 19.75 -16.50
CA ARG B 385 1.91 18.84 -15.48
C ARG B 385 1.02 18.73 -14.25
N LEU B 386 0.28 19.80 -13.96
CA LEU B 386 -0.74 19.76 -12.92
C LEU B 386 -2.05 19.16 -13.39
N ALA B 387 -2.50 19.52 -14.59
CA ALA B 387 -3.79 19.08 -15.11
C ALA B 387 -3.89 17.57 -15.18
N ARG B 388 -2.84 16.94 -15.64
CA ARG B 388 -2.84 15.53 -15.82
C ARG B 388 -3.02 14.75 -14.46
N LEU B 389 -2.83 15.44 -13.34
CA LEU B 389 -3.00 14.79 -12.04
C LEU B 389 -4.45 14.71 -11.68
N HIS B 390 -5.25 15.58 -12.25
CA HIS B 390 -6.64 15.73 -11.86
C HIS B 390 -6.67 16.22 -10.39
N THR B 391 -7.56 17.15 -10.12
CA THR B 391 -7.81 17.65 -8.77
C THR B 391 -9.23 18.16 -8.79
N PRO B 392 -9.94 18.02 -7.70
CA PRO B 392 -11.25 18.60 -7.65
C PRO B 392 -11.19 20.13 -7.56
N LEU B 393 -10.01 20.70 -7.32
CA LEU B 393 -9.89 22.15 -7.24
C LEU B 393 -9.90 22.77 -8.65
N PRO B 394 -10.47 23.98 -8.76
CA PRO B 394 -10.25 24.75 -10.00
C PRO B 394 -8.76 24.89 -10.28
N LEU B 395 -8.42 24.77 -11.56
CA LEU B 395 -7.07 24.97 -12.05
C LEU B 395 -7.08 26.17 -13.00
N LEU B 396 -6.45 27.24 -12.54
CA LEU B 396 -6.45 28.51 -13.23
C LEU B 396 -5.06 28.78 -13.78
N ALA B 397 -4.95 28.69 -15.11
CA ALA B 397 -3.72 29.01 -15.79
C ALA B 397 -3.64 30.52 -16.02
N PHE B 398 -2.47 31.09 -15.78
CA PHE B 398 -2.23 32.51 -16.05
C PHE B 398 -1.10 32.60 -17.03
N THR B 399 -1.25 33.47 -18.04
CA THR B 399 -0.26 33.61 -19.06
C THR B 399 -0.35 35.04 -19.66
N ALA B 400 0.70 35.43 -20.38
CA ALA B 400 0.71 36.68 -21.10
C ALA B 400 0.50 36.48 -22.61
N TRP B 401 0.48 35.22 -23.04
CA TRP B 401 0.44 34.89 -24.48
C TRP B 401 -0.95 34.36 -24.85
N PRO B 402 -1.73 35.16 -25.60
CA PRO B 402 -3.12 34.86 -25.87
C PRO B 402 -3.34 33.48 -26.50
N GLU B 403 -2.45 33.06 -27.40
CA GLU B 403 -2.59 31.74 -28.06
C GLU B 403 -2.58 30.59 -27.03
N VAL B 404 -1.95 30.80 -25.86
CA VAL B 404 -1.88 29.78 -24.85
C VAL B 404 -3.28 29.51 -24.25
N ARG B 405 -4.10 30.53 -24.20
CA ARG B 405 -5.47 30.35 -23.71
C ARG B 405 -6.24 29.44 -24.67
N SER B 406 -6.05 29.64 -25.98
CA SER B 406 -6.73 28.79 -26.97
C SER B 406 -6.16 27.37 -26.97
N GLN B 407 -4.87 27.26 -26.78
CA GLN B 407 -4.21 25.93 -26.74
C GLN B 407 -4.65 25.11 -25.54
N LEU B 408 -4.78 25.76 -24.41
CA LEU B 408 -5.15 25.11 -23.16
C LEU B 408 -6.64 24.82 -23.10
N ALA B 409 -7.37 25.21 -24.13
CA ALA B 409 -8.77 24.84 -24.24
C ALA B 409 -8.95 23.33 -24.31
N MET B 410 -7.93 22.62 -24.79
CA MET B 410 -7.98 21.16 -24.84
C MET B 410 -7.38 20.46 -23.62
N THR B 411 -6.89 21.21 -22.64
CA THR B 411 -6.27 20.61 -21.46
C THR B 411 -7.26 20.47 -20.32
N TRP B 412 -7.28 19.27 -19.71
CA TRP B 412 -8.19 18.94 -18.62
C TRP B 412 -8.27 20.02 -17.53
N GLY B 413 -9.51 20.41 -17.26
CA GLY B 413 -9.85 21.10 -16.03
C GLY B 413 -9.36 22.50 -15.90
N THR B 414 -8.92 23.07 -17.00
CA THR B 414 -8.15 24.31 -16.95
C THR B 414 -8.92 25.49 -17.58
N GLU B 415 -8.96 26.59 -16.85
CA GLU B 415 -9.39 27.90 -17.40
C GLU B 415 -8.18 28.81 -17.40
N THR B 416 -8.10 29.65 -18.41
CA THR B 416 -6.90 30.47 -18.58
C THR B 416 -7.24 31.97 -18.52
N PHE B 417 -6.37 32.73 -17.84
CA PHE B 417 -6.49 34.17 -17.73
C PHE B 417 -5.28 34.81 -18.39
N ILE B 418 -5.56 35.74 -19.28
CA ILE B 418 -4.51 36.52 -19.94
C ILE B 418 -4.24 37.77 -19.12
N VAL B 419 -2.96 38.00 -18.81
CA VAL B 419 -2.56 39.15 -18.05
C VAL B 419 -1.30 39.72 -18.68
N PRO B 420 -0.89 40.91 -18.22
CA PRO B 420 0.31 41.48 -18.79
C PRO B 420 1.55 40.66 -18.50
N LYS B 421 2.58 40.83 -19.31
CA LYS B 421 3.89 40.22 -19.02
C LYS B 421 4.52 40.98 -17.83
N MET B 422 4.83 40.27 -16.77
CA MET B 422 5.24 40.89 -15.54
C MET B 422 6.72 40.72 -15.34
N GLN B 423 7.28 41.60 -14.53
CA GLN B 423 8.74 41.67 -14.32
C GLN B 423 9.16 41.06 -12.98
N SER B 424 8.20 40.51 -12.24
CA SER B 424 8.46 39.94 -10.94
C SER B 424 7.37 38.97 -10.54
N THR B 425 7.67 38.04 -9.65
CA THR B 425 6.66 37.13 -9.17
C THR B 425 5.65 37.86 -8.26
N ASP B 426 6.08 38.91 -7.55
CA ASP B 426 5.12 39.69 -6.75
C ASP B 426 4.06 40.29 -7.68
N GLY B 427 4.51 40.78 -8.84
CA GLY B 427 3.61 41.35 -9.86
C GLY B 427 2.66 40.28 -10.39
N MET B 428 3.18 39.10 -10.68
CA MET B 428 2.33 37.96 -11.04
C MET B 428 1.22 37.73 -10.01
N ILE B 429 1.59 37.73 -8.74
CA ILE B 429 0.61 37.48 -7.68
C ILE B 429 -0.43 38.60 -7.59
N ARG B 430 -0.01 39.85 -7.75
CA ARG B 430 -0.97 40.95 -7.82
C ARG B 430 -1.94 40.80 -9.01
N GLN B 431 -1.45 40.30 -10.14
CA GLN B 431 -2.32 40.09 -11.30
C GLN B 431 -3.36 39.00 -11.02
N VAL B 432 -2.99 38.02 -10.20
CA VAL B 432 -3.92 36.99 -9.83
C VAL B 432 -5.09 37.63 -9.11
N ASP B 433 -4.79 38.46 -8.13
CA ASP B 433 -5.84 39.07 -7.34
C ASP B 433 -6.74 39.97 -8.19
N LYS B 434 -6.12 40.76 -9.06
CA LYS B 434 -6.90 41.67 -9.89
C LYS B 434 -7.84 40.86 -10.78
N SER B 435 -7.32 39.85 -11.45
CA SER B 435 -8.14 39.02 -12.34
C SER B 435 -9.26 38.28 -11.58
N LEU B 436 -8.92 37.69 -10.44
CA LEU B 436 -9.89 36.86 -9.73
C LEU B 436 -10.98 37.68 -9.08
N LEU B 437 -10.62 38.89 -8.64
CA LEU B 437 -11.58 39.71 -7.93
C LEU B 437 -12.64 40.25 -8.85
N GLU B 438 -12.37 40.25 -10.15
CA GLU B 438 -13.37 40.67 -11.15
C GLU B 438 -14.45 39.61 -11.32
N LEU B 439 -14.18 38.38 -10.88
CA LEU B 439 -15.16 37.30 -10.90
C LEU B 439 -16.07 37.39 -9.66
N ALA B 440 -17.35 37.13 -9.86
CA ALA B 440 -18.29 37.02 -8.76
C ALA B 440 -17.86 35.91 -7.79
N ARG B 441 -17.31 34.83 -8.30
CA ARG B 441 -17.07 33.67 -7.48
C ARG B 441 -15.81 33.75 -6.56
N TYR B 442 -14.93 34.74 -6.76
CA TYR B 442 -13.79 34.92 -5.81
C TYR B 442 -13.90 36.20 -5.02
N LYS B 443 -13.46 36.16 -3.76
CA LYS B 443 -13.49 37.35 -2.90
C LYS B 443 -12.23 37.51 -2.07
N ARG B 444 -12.06 38.69 -1.49
CA ARG B 444 -10.91 38.95 -0.64
C ARG B 444 -10.92 37.99 0.52
N GLY B 445 -9.74 37.46 0.83
CA GLY B 445 -9.59 36.50 1.91
C GLY B 445 -9.56 35.06 1.44
N ASP B 446 -10.02 34.79 0.21
CA ASP B 446 -10.05 33.44 -0.34
C ASP B 446 -8.63 32.88 -0.48
N LEU B 447 -8.44 31.65 -0.05
CA LEU B 447 -7.12 31.03 -0.05
C LEU B 447 -6.84 30.40 -1.41
N VAL B 448 -5.70 30.71 -1.99
CA VAL B 448 -5.30 30.12 -3.26
C VAL B 448 -3.84 29.71 -3.15
N VAL B 449 -3.45 28.73 -3.95
CA VAL B 449 -2.07 28.30 -4.03
C VAL B 449 -1.55 28.65 -5.40
N ILE B 450 -0.48 29.45 -5.43
CA ILE B 450 0.06 29.99 -6.67
C ILE B 450 1.42 29.42 -7.01
N VAL B 451 1.53 28.92 -8.23
CA VAL B 451 2.79 28.44 -8.74
C VAL B 451 3.33 29.44 -9.74
N ALA B 452 4.59 29.84 -9.58
CA ALA B 452 5.19 30.83 -10.45
C ALA B 452 6.69 30.60 -10.53
N GLY B 453 7.40 31.46 -11.27
CA GLY B 453 8.82 31.28 -11.37
C GLY B 453 9.56 32.54 -11.83
N ALA B 454 10.78 32.66 -11.34
CA ALA B 454 11.73 33.62 -11.83
C ALA B 454 12.98 32.86 -12.33
N PRO B 455 13.65 33.38 -13.36
CA PRO B 455 13.37 34.73 -13.92
C PRO B 455 12.04 34.80 -14.66
N PRO B 456 11.33 35.93 -14.52
CA PRO B 456 10.00 36.05 -15.14
C PRO B 456 10.12 35.94 -16.65
N GLY B 457 9.05 35.53 -17.30
CA GLY B 457 9.03 35.55 -18.75
C GLY B 457 9.99 34.56 -19.37
N THR B 458 10.32 33.49 -18.64
CA THR B 458 11.23 32.47 -19.13
C THR B 458 10.58 31.08 -19.02
N VAL B 459 10.45 30.37 -20.13
CA VAL B 459 9.91 29.04 -20.08
C VAL B 459 10.77 28.18 -19.16
N GLY B 460 10.11 27.44 -18.28
CA GLY B 460 10.78 26.47 -17.43
C GLY B 460 11.25 27.01 -16.10
N SER B 461 11.01 28.28 -15.83
CA SER B 461 11.66 28.91 -14.66
C SER B 461 10.89 28.61 -13.38
N THR B 462 9.68 28.04 -13.52
CA THR B 462 8.84 27.64 -12.39
C THR B 462 9.66 27.17 -11.18
N ASN B 463 9.58 27.92 -10.07
CA ASN B 463 10.41 27.61 -8.91
C ASN B 463 9.88 28.08 -7.55
N LEU B 464 8.62 28.43 -7.51
CA LEU B 464 8.05 28.88 -6.26
C LEU B 464 6.56 28.48 -6.14
N ILE B 465 6.19 28.21 -4.89
CA ILE B 465 4.81 28.00 -4.51
C ILE B 465 4.48 28.97 -3.39
N HIS B 466 3.42 29.76 -3.59
CA HIS B 466 3.01 30.73 -2.58
C HIS B 466 1.58 30.46 -2.18
N VAL B 467 1.36 30.27 -0.89
CA VAL B 467 0.02 30.18 -0.37
C VAL B 467 -0.43 31.62 -0.07
N HIS B 468 -1.55 32.01 -0.64
CA HIS B 468 -1.94 33.41 -0.64
C HIS B 468 -3.42 33.55 -0.36
N ARG B 469 -3.79 34.53 0.47
CA ARG B 469 -5.19 34.91 0.54
C ARG B 469 -5.39 36.16 -0.32
N ILE B 470 -6.37 36.07 -1.21
CA ILE B 470 -6.62 37.13 -2.19
C ILE B 470 -6.76 38.48 -1.51
N GLY B 471 -5.92 39.43 -1.94
CA GLY B 471 -6.01 40.81 -1.45
C GLY B 471 -5.37 41.05 -0.10
N GLU B 472 -4.82 40.00 0.52
CA GLU B 472 -4.21 40.17 1.84
C GLU B 472 -2.72 40.40 1.70
N ASP B 473 -2.15 41.03 2.72
CA ASP B 473 -0.75 41.44 2.72
C ASP B 473 0.15 40.31 3.19
N ASP B 474 0.26 39.23 2.41
CA ASP B 474 1.01 38.05 2.87
C ASP B 474 2.08 37.66 1.86
N VAL B 475 2.49 38.60 1.02
CA VAL B 475 3.57 38.38 0.08
C VAL B 475 4.78 39.22 0.45
N THR C 5 0.30 -17.54 26.88
CA THR C 5 1.69 -17.51 27.40
C THR C 5 2.75 -17.24 26.32
N ARG C 6 3.99 -17.36 26.72
CA ARG C 6 5.11 -16.79 26.00
C ARG C 6 5.30 -17.51 24.69
N ARG C 7 5.61 -16.74 23.65
CA ARG C 7 5.88 -17.34 22.34
C ARG C 7 7.38 -17.45 22.05
N GLY C 8 8.12 -16.36 22.21
CA GLY C 8 9.56 -16.39 22.01
C GLY C 8 10.28 -17.35 22.97
N LYS C 9 11.36 -17.98 22.50
CA LYS C 9 12.00 -19.03 23.25
C LYS C 9 13.23 -18.49 23.99
N ILE C 10 13.59 -19.20 25.07
CA ILE C 10 14.70 -18.80 25.93
C ILE C 10 15.74 -19.91 26.00
N VAL C 11 16.97 -19.54 25.63
CA VAL C 11 18.12 -20.42 25.75
C VAL C 11 18.94 -20.03 26.96
N CYS C 12 19.26 -21.00 27.84
CA CYS C 12 20.12 -20.71 28.99
C CYS C 12 21.38 -21.52 28.93
N THR C 13 22.47 -20.91 29.38
CA THR C 13 23.74 -21.60 29.46
C THR C 13 23.95 -22.19 30.85
N LEU C 14 24.30 -23.48 30.89
CA LEU C 14 24.56 -24.15 32.13
C LEU C 14 26.00 -23.93 32.54
N GLY C 15 26.23 -23.96 33.84
CA GLY C 15 27.61 -23.95 34.38
C GLY C 15 27.60 -23.97 35.89
N PRO C 16 28.68 -23.45 36.54
CA PRO C 16 28.80 -23.56 37.98
C PRO C 16 27.56 -23.10 38.75
N ALA C 17 26.89 -22.06 38.25
CA ALA C 17 25.75 -21.48 38.95
C ALA C 17 24.48 -22.33 38.83
N THR C 18 24.47 -23.26 37.88
CA THR C 18 23.34 -24.16 37.73
C THR C 18 23.61 -25.56 38.26
N GLN C 19 24.79 -25.78 38.84
CA GLN C 19 25.17 -27.12 39.31
C GLN C 19 24.60 -27.45 40.66
N ARG C 20 24.23 -26.45 41.45
CA ARG C 20 23.59 -26.74 42.74
C ARG C 20 22.33 -27.54 42.54
N ASP C 21 22.01 -28.37 43.53
CA ASP C 21 20.89 -29.29 43.41
C ASP C 21 19.61 -28.61 42.95
N ASP C 22 18.92 -29.28 42.04
CA ASP C 22 17.66 -28.86 41.47
C ASP C 22 17.57 -27.45 40.84
N LEU C 23 18.70 -26.82 40.57
CA LEU C 23 18.67 -25.54 39.84
C LEU C 23 18.28 -25.73 38.40
N VAL C 24 18.75 -26.82 37.79
CA VAL C 24 18.38 -27.11 36.42
C VAL C 24 16.88 -27.30 36.30
N ARG C 25 16.31 -28.09 37.20
CA ARG C 25 14.88 -28.20 37.24
C ARG C 25 14.19 -26.86 37.42
N ALA C 26 14.70 -26.02 38.33
CA ALA C 26 14.09 -24.70 38.55
C ALA C 26 14.14 -23.82 37.29
N LEU C 27 15.18 -23.97 36.49
CA LEU C 27 15.26 -23.20 35.23
C LEU C 27 14.21 -23.68 34.25
N VAL C 28 14.03 -25.00 34.17
CA VAL C 28 13.00 -25.58 33.30
C VAL C 28 11.65 -25.07 33.72
N GLU C 29 11.37 -25.10 35.01
CA GLU C 29 10.08 -24.64 35.51
C GLU C 29 9.86 -23.16 35.27
N ALA C 30 10.95 -22.39 35.26
CA ALA C 30 10.87 -20.96 35.01
C ALA C 30 10.76 -20.61 33.52
N GLY C 31 10.96 -21.59 32.66
CA GLY C 31 10.69 -21.40 31.22
C GLY C 31 11.83 -21.70 30.26
N MET C 32 13.01 -22.11 30.74
CA MET C 32 14.10 -22.48 29.83
C MET C 32 13.60 -23.45 28.76
N ASP C 33 13.83 -23.12 27.50
CA ASP C 33 13.43 -23.95 26.38
C ASP C 33 14.59 -24.76 25.79
N VAL C 34 15.80 -24.21 25.89
CA VAL C 34 17.02 -24.85 25.39
C VAL C 34 18.13 -24.63 26.39
N ALA C 35 18.81 -25.71 26.76
CA ALA C 35 19.98 -25.64 27.64
C ALA C 35 21.22 -25.73 26.79
N ARG C 36 22.09 -24.71 26.92
CA ARG C 36 23.35 -24.68 26.21
C ARG C 36 24.46 -25.25 27.09
N MET C 37 25.19 -26.20 26.51
CA MET C 37 26.38 -26.74 27.13
C MET C 37 27.57 -26.15 26.41
N ASN C 38 28.34 -25.34 27.12
CA ASN C 38 29.46 -24.60 26.49
C ASN C 38 30.75 -25.35 26.70
N PHE C 39 31.28 -25.95 25.64
CA PHE C 39 32.48 -26.78 25.77
C PHE C 39 33.80 -26.01 25.94
N SER C 40 33.71 -24.68 26.02
CA SER C 40 34.88 -23.87 26.45
C SER C 40 35.26 -24.09 27.92
N HIS C 41 34.33 -24.57 28.73
CA HIS C 41 34.57 -24.78 30.16
C HIS C 41 34.02 -26.14 30.57
N GLY C 42 34.41 -26.59 31.76
CA GLY C 42 33.92 -27.82 32.29
C GLY C 42 34.61 -29.05 31.73
N ASP C 43 34.41 -30.14 32.48
CA ASP C 43 34.84 -31.52 32.25
C ASP C 43 33.71 -32.32 31.49
N TYR C 44 34.05 -33.46 30.89
CA TYR C 44 33.01 -34.38 30.36
C TYR C 44 32.05 -34.88 31.44
N ASP C 45 32.58 -35.11 32.63
CA ASP C 45 31.80 -35.43 33.81
C ASP C 45 30.71 -34.37 34.09
N ASP C 46 31.13 -33.09 34.05
CA ASP C 46 30.24 -31.96 34.30
C ASP C 46 29.11 -31.95 33.29
N HIS C 47 29.45 -32.12 32.01
CA HIS C 47 28.46 -32.00 30.95
C HIS C 47 27.51 -33.19 31.00
N LYS C 48 28.03 -34.36 31.33
CA LYS C 48 27.17 -35.53 31.46
C LYS C 48 26.14 -35.34 32.57
N VAL C 49 26.58 -34.90 33.74
CA VAL C 49 25.67 -34.63 34.85
C VAL C 49 24.61 -33.59 34.47
N ALA C 50 25.04 -32.52 33.79
CA ALA C 50 24.12 -31.47 33.43
C ALA C 50 23.11 -31.95 32.40
N TYR C 51 23.57 -32.69 31.40
CA TYR C 51 22.69 -33.30 30.36
C TYR C 51 21.60 -34.12 31.00
N GLU C 52 21.99 -34.96 31.95
CA GLU C 52 21.06 -35.83 32.63
C GLU C 52 20.05 -35.04 33.46
N ARG C 53 20.48 -33.97 34.08
CA ARG C 53 19.55 -33.13 34.85
C ARG C 53 18.54 -32.45 33.95
N VAL C 54 18.96 -32.08 32.76
CA VAL C 54 18.02 -31.47 31.77
C VAL C 54 16.97 -32.51 31.31
N ARG C 55 17.42 -33.70 30.93
CA ARG C 55 16.51 -34.77 30.48
C ARG C 55 15.52 -35.14 31.58
N VAL C 56 15.99 -35.27 32.80
CA VAL C 56 15.11 -35.55 33.91
C VAL C 56 14.08 -34.44 34.11
N ALA C 57 14.52 -33.20 34.15
CA ALA C 57 13.64 -32.06 34.37
C ALA C 57 12.59 -31.93 33.26
N SER C 58 13.00 -32.18 32.02
CA SER C 58 12.10 -32.16 30.88
C SER C 58 11.02 -33.26 31.00
N ASP C 59 11.44 -34.49 31.33
CA ASP C 59 10.49 -35.57 31.52
C ASP C 59 9.62 -35.41 32.78
N ALA C 60 10.20 -34.88 33.84
CA ALA C 60 9.45 -34.66 35.10
C ALA C 60 8.38 -33.56 34.91
N THR C 61 8.71 -32.51 34.19
CA THR C 61 7.80 -31.35 34.08
C THR C 61 6.86 -31.52 32.90
N GLY C 62 7.29 -32.31 31.91
CA GLY C 62 6.57 -32.41 30.65
C GLY C 62 6.89 -31.31 29.65
N ARG C 63 7.78 -30.39 30.00
CA ARG C 63 8.22 -29.34 29.07
C ARG C 63 9.30 -29.85 28.12
N ALA C 64 9.18 -29.54 26.83
CA ALA C 64 10.27 -29.79 25.91
C ALA C 64 11.46 -28.88 26.26
N VAL C 65 12.63 -29.46 26.34
CA VAL C 65 13.83 -28.70 26.54
C VAL C 65 14.92 -29.26 25.66
N GLY C 66 15.34 -28.49 24.66
CA GLY C 66 16.39 -28.95 23.78
C GLY C 66 17.75 -28.83 24.46
N VAL C 67 18.69 -29.66 24.03
CA VAL C 67 20.07 -29.55 24.50
C VAL C 67 20.98 -29.20 23.33
N LEU C 68 21.67 -28.05 23.49
CA LEU C 68 22.56 -27.53 22.46
C LEU C 68 24.02 -27.61 22.94
N ALA C 69 24.85 -28.36 22.20
CA ALA C 69 26.29 -28.42 22.46
C ALA C 69 27.00 -27.34 21.68
N ASP C 70 27.64 -26.41 22.39
CA ASP C 70 28.37 -25.30 21.75
C ASP C 70 29.85 -25.64 21.73
N LEU C 71 30.37 -25.86 20.52
CA LEU C 71 31.80 -26.12 20.33
C LEU C 71 32.61 -24.82 20.33
N GLN C 72 33.74 -24.87 21.04
CA GLN C 72 34.55 -23.72 21.29
C GLN C 72 35.11 -23.13 20.03
N GLY C 73 35.49 -24.00 19.08
CA GLY C 73 36.09 -23.54 17.83
C GLY C 73 37.49 -22.98 18.01
N PRO C 74 37.98 -22.26 16.99
CA PRO C 74 39.33 -21.70 17.02
C PRO C 74 39.46 -20.46 17.90
N LYS C 75 39.10 -20.61 19.16
CA LYS C 75 39.24 -19.54 20.13
C LYS C 75 40.72 -19.32 20.52
N ILE C 76 41.17 -18.08 20.52
CA ILE C 76 42.49 -17.76 21.08
C ILE C 76 42.35 -17.33 22.53
N ARG C 77 43.22 -17.82 23.39
CA ARG C 77 43.11 -17.56 24.81
C ARG C 77 44.47 -17.25 25.43
N LEU C 78 44.46 -16.48 26.50
CA LEU C 78 45.62 -16.42 27.38
C LEU C 78 45.74 -17.71 28.19
N GLY C 79 46.92 -17.95 28.74
CA GLY C 79 47.14 -19.07 29.67
C GLY C 79 46.77 -18.68 31.09
N ARG C 80 47.46 -19.25 32.07
CA ARG C 80 47.15 -19.01 33.47
C ARG C 80 48.12 -18.01 34.10
N PHE C 81 47.63 -17.33 35.14
CA PHE C 81 48.43 -16.40 35.95
C PHE C 81 48.70 -17.04 37.32
N ALA C 82 49.78 -16.61 37.99
CA ALA C 82 50.22 -17.24 39.23
C ALA C 82 49.13 -17.30 40.30
N SER C 83 48.38 -16.22 40.48
CA SER C 83 47.35 -16.19 41.55
C SER C 83 45.93 -16.36 40.99
N GLY C 84 45.81 -16.67 39.69
CA GLY C 84 44.50 -16.83 39.05
C GLY C 84 43.97 -15.55 38.37
N ALA C 85 44.38 -14.38 38.87
CA ALA C 85 44.00 -13.10 38.22
C ALA C 85 45.07 -12.05 38.44
N THR C 86 45.05 -11.02 37.61
CA THR C 86 45.90 -9.86 37.79
C THR C 86 45.15 -8.58 37.29
N HIS C 87 45.77 -7.41 37.46
CA HIS C 87 45.21 -6.19 36.88
C HIS C 87 46.19 -5.62 35.88
N TRP C 88 45.72 -5.41 34.67
CA TRP C 88 46.52 -4.73 33.63
C TRP C 88 46.06 -3.31 33.53
N ALA C 89 46.85 -2.43 34.16
CA ALA C 89 46.53 -1.00 34.22
C ALA C 89 47.07 -0.27 32.99
N GLU C 90 46.33 0.74 32.55
CA GLU C 90 46.78 1.63 31.52
C GLU C 90 48.24 2.03 31.74
N GLY C 91 49.05 1.90 30.69
CA GLY C 91 50.43 2.36 30.73
C GLY C 91 51.42 1.26 31.03
N GLU C 92 50.94 0.14 31.51
CA GLU C 92 51.81 -0.99 31.80
C GLU C 92 52.26 -1.69 30.54
N THR C 93 53.46 -2.26 30.61
CA THR C 93 53.99 -3.11 29.55
C THR C 93 53.75 -4.55 29.97
N VAL C 94 53.17 -5.33 29.05
CA VAL C 94 52.99 -6.74 29.29
C VAL C 94 53.46 -7.55 28.10
N ARG C 95 53.83 -8.78 28.39
CA ARG C 95 54.35 -9.68 27.37
C ARG C 95 53.44 -10.86 27.23
N ILE C 96 52.95 -11.07 26.01
CA ILE C 96 52.21 -12.29 25.70
C ILE C 96 53.11 -13.18 24.87
N THR C 97 53.43 -14.35 25.42
CA THR C 97 54.40 -15.23 24.80
C THR C 97 53.78 -16.48 24.27
N VAL C 98 54.34 -16.97 23.17
CA VAL C 98 53.92 -18.21 22.62
C VAL C 98 54.71 -19.38 23.23
N GLY C 99 55.69 -19.08 24.07
CA GLY C 99 56.43 -20.12 24.78
C GLY C 99 55.82 -20.45 26.13
N ALA C 100 56.46 -21.40 26.82
CA ALA C 100 55.98 -21.86 28.13
C ALA C 100 56.33 -20.84 29.21
N CYS C 101 55.39 -20.59 30.12
CA CYS C 101 55.70 -19.90 31.38
C CYS C 101 54.55 -20.08 32.35
N GLU C 102 54.84 -19.99 33.65
CA GLU C 102 53.80 -19.64 34.63
C GLU C 102 53.52 -18.17 34.43
N GLY C 103 52.26 -17.82 34.26
CA GLY C 103 51.89 -16.45 34.09
C GLY C 103 52.19 -15.64 35.35
N SER C 104 52.48 -14.38 35.12
CA SER C 104 52.49 -13.41 36.15
C SER C 104 51.90 -12.17 35.50
N HIS C 105 51.78 -11.12 36.29
CA HIS C 105 51.34 -9.87 35.79
C HIS C 105 52.07 -9.45 34.49
N ASP C 106 53.39 -9.63 34.49
CA ASP C 106 54.28 -9.11 33.43
C ASP C 106 54.31 -9.97 32.16
N ARG C 107 54.03 -11.25 32.30
CA ARG C 107 54.26 -12.18 31.21
C ARG C 107 53.34 -13.39 31.37
N VAL C 108 52.60 -13.71 30.30
CA VAL C 108 51.61 -14.80 30.30
C VAL C 108 51.63 -15.47 28.93
N SER C 109 51.33 -16.77 28.90
CA SER C 109 51.27 -17.54 27.65
C SER C 109 49.97 -17.25 26.87
N THR C 110 49.95 -17.68 25.61
CA THR C 110 48.74 -17.72 24.82
C THR C 110 48.65 -19.07 24.12
N THR C 111 47.44 -19.44 23.74
CA THR C 111 47.23 -20.74 23.06
C THR C 111 47.55 -20.63 21.58
N TYR C 112 47.57 -19.42 21.06
CA TYR C 112 47.77 -19.21 19.62
C TYR C 112 49.25 -19.10 19.35
N LYS C 113 49.84 -20.19 18.91
CA LYS C 113 51.29 -20.28 18.84
C LYS C 113 51.87 -19.50 17.67
N ARG C 114 51.01 -19.02 16.78
CA ARG C 114 51.45 -18.16 15.67
C ARG C 114 51.46 -16.65 16.00
N LEU C 115 51.10 -16.28 17.22
CA LEU C 115 50.96 -14.87 17.60
C LEU C 115 52.23 -14.06 17.29
N ALA C 116 53.39 -14.58 17.68
CA ALA C 116 54.66 -13.83 17.51
C ALA C 116 55.08 -13.79 16.05
N GLN C 117 54.76 -14.85 15.31
CA GLN C 117 55.03 -14.87 13.87
C GLN C 117 54.14 -13.90 13.10
N ASP C 118 52.89 -13.72 13.56
CA ASP C 118 51.87 -13.00 12.75
C ASP C 118 51.63 -11.53 13.20
N ALA C 119 52.02 -11.21 14.43
CA ALA C 119 51.85 -9.87 14.97
C ALA C 119 52.87 -8.90 14.43
N VAL C 120 52.42 -7.65 14.27
CA VAL C 120 53.29 -6.57 13.88
C VAL C 120 53.02 -5.37 14.78
N ALA C 121 54.04 -4.55 15.03
CA ALA C 121 53.84 -3.36 15.86
C ALA C 121 52.63 -2.61 15.33
N GLY C 122 51.76 -2.14 16.23
CA GLY C 122 50.53 -1.48 15.82
C GLY C 122 49.29 -2.34 15.87
N ASP C 123 49.46 -3.65 15.91
CA ASP C 123 48.30 -4.54 16.02
C ASP C 123 47.62 -4.37 17.36
N ARG C 124 46.30 -4.43 17.36
CA ARG C 124 45.53 -4.32 18.57
C ARG C 124 45.18 -5.72 19.14
N VAL C 125 45.25 -5.85 20.46
CA VAL C 125 44.86 -7.08 21.17
C VAL C 125 43.75 -6.70 22.14
N LEU C 126 42.59 -7.33 21.98
CA LEU C 126 41.46 -7.04 22.88
C LEU C 126 41.19 -8.25 23.73
N VAL C 127 41.16 -8.08 25.04
CA VAL C 127 41.03 -9.19 25.97
C VAL C 127 39.60 -9.27 26.48
N ASP C 128 39.08 -10.48 26.64
CA ASP C 128 37.84 -10.68 27.35
C ASP C 128 36.70 -9.83 26.76
N ASP C 129 36.59 -9.87 25.43
CA ASP C 129 35.49 -9.22 24.70
C ASP C 129 35.59 -7.67 24.82
N GLY C 130 36.83 -7.17 24.95
CA GLY C 130 37.12 -5.72 24.89
C GLY C 130 37.25 -5.03 26.23
N LYS C 131 37.35 -5.81 27.30
CA LYS C 131 37.41 -5.25 28.62
C LYS C 131 38.80 -4.64 28.88
N VAL C 132 39.79 -5.16 28.20
CA VAL C 132 41.14 -4.63 28.30
C VAL C 132 41.60 -4.51 26.87
N ALA C 133 42.38 -3.46 26.54
CA ALA C 133 42.92 -3.32 25.19
C ALA C 133 44.42 -3.03 25.22
N LEU C 134 45.17 -3.74 24.39
CA LEU C 134 46.61 -3.58 24.28
C LEU C 134 46.99 -3.23 22.85
N VAL C 135 48.17 -2.68 22.70
CA VAL C 135 48.74 -2.47 21.37
C VAL C 135 50.13 -3.08 21.33
N VAL C 136 50.42 -3.82 20.28
CA VAL C 136 51.74 -4.40 20.10
C VAL C 136 52.79 -3.32 19.80
N ASP C 137 53.87 -3.31 20.59
CA ASP C 137 54.99 -2.37 20.39
C ASP C 137 56.15 -3.04 19.68
N ALA C 138 56.37 -4.32 19.97
CA ALA C 138 57.34 -5.12 19.21
C ALA C 138 57.16 -6.61 19.47
N VAL C 139 57.83 -7.40 18.64
CA VAL C 139 58.02 -8.81 18.82
C VAL C 139 59.50 -9.12 19.14
N GLU C 140 59.76 -9.73 20.29
CA GLU C 140 61.12 -10.20 20.63
C GLU C 140 61.08 -11.72 20.80
N GLY C 141 61.55 -12.44 19.79
CA GLY C 141 61.45 -13.89 19.75
C GLY C 141 60.02 -14.35 19.95
N ASP C 142 59.79 -15.05 21.06
CA ASP C 142 58.50 -15.66 21.31
C ASP C 142 57.54 -14.72 21.98
N ASP C 143 58.03 -13.52 22.32
CA ASP C 143 57.25 -12.56 23.10
C ASP C 143 56.64 -11.43 22.24
N VAL C 144 55.36 -11.16 22.44
CA VAL C 144 54.73 -9.99 21.86
C VAL C 144 54.59 -8.97 22.97
N VAL C 145 55.38 -7.90 22.85
CA VAL C 145 55.52 -6.90 23.89
C VAL C 145 54.48 -5.81 23.62
N CYS C 146 53.61 -5.57 24.60
CA CYS C 146 52.44 -4.72 24.40
C CYS C 146 52.35 -3.66 25.45
N THR C 147 51.69 -2.57 25.07
CA THR C 147 51.29 -1.56 26.00
C THR C 147 49.82 -1.60 26.25
N VAL C 148 49.45 -1.55 27.51
CA VAL C 148 48.03 -1.52 27.88
C VAL C 148 47.50 -0.12 27.65
N VAL C 149 46.55 0.00 26.73
CA VAL C 149 45.96 1.29 26.45
C VAL C 149 44.62 1.51 27.16
N GLU C 150 43.94 0.40 27.43
CA GLU C 150 42.69 0.45 28.22
C GLU C 150 42.80 -0.66 29.25
N GLY C 151 42.77 -0.28 30.52
CA GLY C 151 43.16 -1.16 31.61
C GLY C 151 41.97 -1.90 32.20
N GLY C 152 42.25 -3.00 32.87
CA GLY C 152 41.18 -3.75 33.52
C GLY C 152 41.74 -5.03 34.13
N PRO C 153 40.87 -5.81 34.81
CA PRO C 153 41.25 -7.11 35.33
C PRO C 153 41.34 -8.13 34.22
N VAL C 154 42.32 -9.03 34.33
CA VAL C 154 42.40 -10.17 33.47
C VAL C 154 42.57 -11.41 34.36
N SER C 155 42.23 -12.57 33.83
CA SER C 155 42.27 -13.77 34.62
C SER C 155 42.59 -14.96 33.73
N ASP C 156 42.88 -16.08 34.37
CA ASP C 156 43.29 -17.33 33.68
C ASP C 156 42.39 -17.60 32.50
N ASN C 157 43.02 -17.88 31.36
CA ASN C 157 42.34 -18.48 30.21
C ASN C 157 41.36 -17.52 29.50
N LYS C 158 41.44 -16.21 29.78
CA LYS C 158 40.55 -15.25 29.08
C LYS C 158 40.83 -15.21 27.58
N GLY C 159 39.78 -14.98 26.82
CA GLY C 159 39.88 -14.93 25.38
C GLY C 159 40.54 -13.65 24.93
N ILE C 160 41.24 -13.71 23.80
CA ILE C 160 41.73 -12.50 23.16
C ILE C 160 41.36 -12.51 21.71
N SER C 161 41.17 -11.31 21.17
CA SER C 161 40.84 -11.13 19.79
C SER C 161 41.86 -10.24 19.14
N LEU C 162 42.16 -10.54 17.88
CA LEU C 162 43.14 -9.83 17.12
C LEU C 162 42.46 -9.27 15.89
N PRO C 163 41.60 -8.26 16.07
CA PRO C 163 40.83 -7.77 14.95
C PRO C 163 41.77 -7.15 13.93
N GLY C 164 41.62 -7.49 12.66
CA GLY C 164 42.54 -6.98 11.63
C GLY C 164 43.86 -7.76 11.57
N MET C 165 43.85 -8.95 12.13
CA MET C 165 44.88 -9.94 11.86
C MET C 165 44.17 -11.17 11.30
N ASN C 166 44.67 -11.69 10.19
CA ASN C 166 44.15 -12.91 9.61
C ASN C 166 44.60 -14.07 10.48
N VAL C 167 43.65 -14.66 11.18
CA VAL C 167 43.93 -15.80 12.05
C VAL C 167 43.90 -17.09 11.23
N THR C 168 44.92 -17.94 11.39
CA THR C 168 44.96 -19.23 10.72
C THR C 168 44.71 -20.31 11.76
N ALA C 169 43.63 -21.05 11.59
CA ALA C 169 43.23 -22.10 12.53
C ALA C 169 42.12 -22.91 11.88
N PRO C 170 42.10 -24.22 12.11
CA PRO C 170 41.04 -25.02 11.51
C PRO C 170 39.69 -24.72 12.16
N ALA C 171 38.62 -24.82 11.38
CA ALA C 171 37.25 -24.54 11.86
C ALA C 171 36.85 -25.46 13.01
N LEU C 172 37.29 -26.72 12.93
CA LEU C 172 37.20 -27.66 14.04
C LEU C 172 38.59 -28.11 14.46
N SER C 173 38.96 -27.86 15.72
CA SER C 173 40.23 -28.41 16.29
C SER C 173 40.06 -29.86 16.69
N GLU C 174 41.15 -30.48 17.13
CA GLU C 174 41.10 -31.83 17.71
C GLU C 174 40.13 -31.87 18.89
N LYS C 175 40.25 -30.89 19.78
CA LYS C 175 39.35 -30.78 20.94
C LYS C 175 37.89 -30.66 20.52
N ASP C 176 37.61 -29.86 19.49
CA ASP C 176 36.25 -29.72 19.00
C ASP C 176 35.69 -31.08 18.51
N ILE C 177 36.53 -31.84 17.80
CA ILE C 177 36.10 -33.12 17.24
C ILE C 177 35.81 -34.10 18.36
N GLU C 178 36.66 -34.11 19.39
CA GLU C 178 36.42 -34.94 20.57
C GLU C 178 35.14 -34.51 21.27
N ASP C 179 34.97 -33.21 21.48
CA ASP C 179 33.78 -32.68 22.13
C ASP C 179 32.49 -33.01 21.35
N LEU C 180 32.56 -32.91 20.03
CA LEU C 180 31.41 -33.17 19.17
C LEU C 180 31.05 -34.65 19.21
N THR C 181 32.07 -35.50 19.25
CA THR C 181 31.87 -36.94 19.31
C THR C 181 31.22 -37.30 20.64
N PHE C 182 31.76 -36.74 21.73
CA PHE C 182 31.20 -36.94 23.05
C PHE C 182 29.76 -36.46 23.10
N ALA C 183 29.50 -35.28 22.53
CA ALA C 183 28.15 -34.70 22.59
C ALA C 183 27.12 -35.51 21.78
N LEU C 184 27.52 -35.98 20.60
CA LEU C 184 26.66 -36.79 19.77
C LEU C 184 26.33 -38.10 20.47
N ASN C 185 27.36 -38.75 21.03
CA ASN C 185 27.17 -39.99 21.73
C ASN C 185 26.35 -39.80 23.00
N LEU C 186 26.54 -38.67 23.67
CA LEU C 186 25.78 -38.37 24.88
C LEU C 186 24.27 -38.20 24.56
N GLY C 187 23.97 -37.67 23.37
CA GLY C 187 22.59 -37.60 22.87
C GLY C 187 22.04 -36.20 22.68
N VAL C 188 22.90 -35.18 22.55
CA VAL C 188 22.42 -33.82 22.43
C VAL C 188 21.57 -33.64 21.16
N ASP C 189 20.77 -32.57 21.12
CA ASP C 189 19.76 -32.40 20.07
C ASP C 189 20.22 -31.48 18.95
N MET C 190 21.18 -30.61 19.27
CA MET C 190 21.75 -29.72 18.28
C MET C 190 23.18 -29.36 18.64
N VAL C 191 23.91 -28.84 17.65
CA VAL C 191 25.30 -28.44 17.83
C VAL C 191 25.49 -27.04 17.28
N ALA C 192 26.20 -26.22 18.03
CA ALA C 192 26.57 -24.86 17.57
C ALA C 192 28.10 -24.79 17.35
N LEU C 193 28.50 -24.24 16.20
CA LEU C 193 29.91 -24.08 15.86
C LEU C 193 30.30 -22.60 15.95
N SER C 194 31.26 -22.33 16.84
CA SER C 194 31.81 -20.98 17.03
C SER C 194 32.73 -20.58 15.85
N PHE C 195 32.75 -19.29 15.56
CA PHE C 195 33.68 -18.71 14.60
C PHE C 195 33.55 -19.23 13.18
N VAL C 196 32.33 -19.57 12.80
CA VAL C 196 32.03 -19.91 11.42
C VAL C 196 32.47 -18.81 10.48
N ARG C 197 33.09 -19.19 9.37
CA ARG C 197 33.56 -18.23 8.38
C ARG C 197 32.95 -18.48 7.00
N SER C 198 32.53 -19.73 6.75
CA SER C 198 32.20 -20.16 5.42
C SER C 198 31.05 -21.15 5.48
N PRO C 199 30.18 -21.17 4.45
CA PRO C 199 29.17 -22.21 4.35
C PRO C 199 29.76 -23.62 4.36
N ALA C 200 30.97 -23.78 3.88
CA ALA C 200 31.61 -25.11 3.82
C ALA C 200 32.03 -25.61 5.21
N ASP C 201 31.99 -24.76 6.22
CA ASP C 201 32.31 -25.22 7.59
C ASP C 201 31.31 -26.27 8.05
N VAL C 202 30.07 -26.21 7.55
CA VAL C 202 29.06 -27.18 7.97
C VAL C 202 29.42 -28.58 7.50
N GLU C 203 30.09 -28.67 6.35
CA GLU C 203 30.44 -29.97 5.84
C GLU C 203 31.55 -30.64 6.66
N LEU C 204 32.38 -29.87 7.35
CA LEU C 204 33.33 -30.47 8.29
C LEU C 204 32.60 -31.06 9.50
N VAL C 205 31.56 -30.38 9.97
CA VAL C 205 30.77 -30.90 11.10
C VAL C 205 30.02 -32.19 10.65
N HIS C 206 29.49 -32.16 9.43
CA HIS C 206 28.79 -33.32 8.86
C HIS C 206 29.71 -34.53 8.69
N GLU C 207 30.96 -34.30 8.30
CA GLU C 207 31.97 -35.36 8.24
C GLU C 207 32.07 -36.14 9.55
N VAL C 208 32.25 -35.43 10.65
CA VAL C 208 32.34 -36.06 11.97
C VAL C 208 31.05 -36.81 12.29
N MET C 209 29.93 -36.13 12.08
CA MET C 209 28.62 -36.72 12.32
C MET C 209 28.45 -38.05 11.59
N ASP C 210 28.87 -38.09 10.33
CA ASP C 210 28.61 -39.25 9.49
C ASP C 210 29.54 -40.41 9.84
N ARG C 211 30.77 -40.08 10.24
CA ARG C 211 31.68 -41.08 10.79
C ARG C 211 31.09 -41.71 12.07
N ILE C 212 30.54 -40.87 12.95
CA ILE C 212 30.01 -41.35 14.22
C ILE C 212 28.65 -42.03 14.02
N GLY C 213 27.93 -41.61 12.99
CA GLY C 213 26.69 -42.27 12.60
C GLY C 213 25.45 -41.54 13.12
N ARG C 214 25.58 -40.26 13.46
CA ARG C 214 24.47 -39.52 14.01
C ARG C 214 24.56 -38.04 13.63
N ARG C 215 23.57 -37.56 12.87
CA ARG C 215 23.41 -36.12 12.61
C ARG C 215 22.40 -35.48 13.52
N VAL C 216 22.66 -34.22 13.86
CA VAL C 216 21.69 -33.39 14.50
C VAL C 216 21.85 -32.01 13.84
N PRO C 217 20.87 -31.12 14.02
CA PRO C 217 20.96 -29.78 13.42
C PRO C 217 22.19 -29.00 13.85
N VAL C 218 22.75 -28.24 12.91
CA VAL C 218 23.93 -27.44 13.14
C VAL C 218 23.60 -25.95 13.08
N ILE C 219 23.98 -25.26 14.14
CA ILE C 219 23.84 -23.80 14.27
C ILE C 219 25.17 -23.12 13.99
N ALA C 220 25.15 -22.17 13.07
CA ALA C 220 26.34 -21.35 12.82
C ALA C 220 26.30 -20.18 13.74
N LYS C 221 27.32 -20.05 14.59
CA LYS C 221 27.50 -18.83 15.35
C LYS C 221 28.16 -17.74 14.50
N LEU C 222 27.52 -16.58 14.49
CA LEU C 222 27.95 -15.46 13.69
C LEU C 222 28.71 -14.48 14.57
N GLU C 223 30.03 -14.47 14.41
CA GLU C 223 30.90 -13.67 15.24
C GLU C 223 32.19 -13.29 14.56
N LYS C 224 32.20 -13.34 13.22
CA LYS C 224 33.36 -13.01 12.41
C LYS C 224 32.87 -12.19 11.23
N PRO C 225 33.68 -11.26 10.75
CA PRO C 225 33.29 -10.50 9.58
C PRO C 225 33.00 -11.39 8.36
N GLU C 226 33.79 -12.46 8.20
CA GLU C 226 33.62 -13.39 7.07
C GLU C 226 32.23 -14.02 7.07
N ALA C 227 31.75 -14.33 8.26
CA ALA C 227 30.43 -14.87 8.43
C ALA C 227 29.36 -13.90 7.92
N ILE C 228 29.53 -12.62 8.24
CA ILE C 228 28.55 -11.61 7.85
C ILE C 228 28.65 -11.35 6.34
N ASP C 229 29.85 -11.36 5.79
CA ASP C 229 30.02 -11.26 4.33
C ASP C 229 29.35 -12.41 3.58
N ASN C 230 29.30 -13.57 4.21
CA ASN C 230 28.77 -14.77 3.58
C ASN C 230 27.43 -15.15 4.23
N LEU C 231 26.71 -14.16 4.75
CA LEU C 231 25.57 -14.41 5.62
C LEU C 231 24.51 -15.27 4.98
N GLU C 232 24.11 -14.95 3.76
CA GLU C 232 23.05 -15.68 3.13
C GLU C 232 23.47 -17.12 2.86
N ALA C 233 24.68 -17.31 2.33
CA ALA C 233 25.13 -18.66 2.02
C ALA C 233 25.23 -19.49 3.30
N ILE C 234 25.60 -18.83 4.41
CA ILE C 234 25.68 -19.54 5.70
C ILE C 234 24.29 -19.93 6.24
N VAL C 235 23.34 -19.01 6.16
CA VAL C 235 21.96 -19.31 6.57
C VAL C 235 21.38 -20.48 5.75
N LEU C 236 21.74 -20.53 4.47
CA LEU C 236 21.25 -21.58 3.60
C LEU C 236 21.90 -22.91 3.93
N ALA C 237 23.19 -22.90 4.22
CA ALA C 237 23.95 -24.14 4.42
C ALA C 237 23.76 -24.75 5.81
N PHE C 238 23.56 -23.91 6.84
CA PHE C 238 23.38 -24.41 8.21
C PHE C 238 21.86 -24.55 8.52
N ASP C 239 21.54 -25.11 9.68
CA ASP C 239 20.15 -25.36 10.03
C ASP C 239 19.56 -24.18 10.83
N ALA C 240 20.45 -23.36 11.36
CA ALA C 240 20.06 -22.25 12.21
C ALA C 240 21.25 -21.31 12.41
N VAL C 241 21.00 -20.12 12.96
CA VAL C 241 22.09 -19.21 13.24
C VAL C 241 21.93 -18.58 14.62
N MET C 242 23.06 -18.21 15.19
CA MET C 242 23.13 -17.47 16.44
C MET C 242 23.91 -16.17 16.21
N VAL C 243 23.29 -15.05 16.56
CA VAL C 243 24.01 -13.79 16.58
C VAL C 243 24.82 -13.76 17.89
N ALA C 244 26.09 -14.10 17.77
CA ALA C 244 26.97 -14.26 18.92
C ALA C 244 27.68 -12.93 19.21
N ARG C 245 26.98 -12.05 19.90
CA ARG C 245 27.30 -10.61 19.88
C ARG C 245 28.55 -10.25 20.65
N GLY C 246 28.94 -11.10 21.60
CA GLY C 246 30.17 -10.91 22.38
C GLY C 246 31.39 -10.77 21.49
N ASP C 247 31.69 -11.84 20.76
CA ASP C 247 32.82 -11.84 19.86
C ASP C 247 32.54 -10.96 18.64
N LEU C 248 31.30 -10.96 18.16
CA LEU C 248 30.98 -10.17 16.97
C LEU C 248 31.34 -8.67 17.17
N GLY C 249 31.09 -8.17 18.38
CA GLY C 249 31.38 -6.76 18.71
C GLY C 249 32.81 -6.45 19.08
N VAL C 250 33.67 -7.46 19.03
CA VAL C 250 35.09 -7.21 19.03
C VAL C 250 35.69 -7.44 17.66
N GLU C 251 35.20 -8.45 16.97
CA GLU C 251 35.68 -8.75 15.61
C GLU C 251 35.23 -7.70 14.59
N LEU C 252 34.11 -7.04 14.88
CA LEU C 252 33.57 -5.92 14.11
C LEU C 252 33.50 -4.75 15.06
N PRO C 253 33.46 -3.52 14.55
CA PRO C 253 33.24 -2.40 15.46
C PRO C 253 31.90 -2.58 16.17
N LEU C 254 31.89 -2.36 17.46
CA LEU C 254 30.71 -2.68 18.26
C LEU C 254 29.49 -1.90 17.77
N GLU C 255 29.70 -0.73 17.15
CA GLU C 255 28.59 0.07 16.65
C GLU C 255 27.87 -0.56 15.40
N GLU C 256 28.52 -1.53 14.76
CA GLU C 256 27.94 -2.20 13.60
C GLU C 256 27.05 -3.40 13.98
N VAL C 257 27.09 -3.83 15.23
CA VAL C 257 26.38 -5.04 15.62
C VAL C 257 24.85 -4.91 15.55
N PRO C 258 24.28 -3.78 15.99
CA PRO C 258 22.79 -3.70 15.97
C PRO C 258 22.15 -3.90 14.60
N LEU C 259 22.69 -3.32 13.57
CA LEU C 259 22.10 -3.54 12.25
C LEU C 259 22.46 -4.96 11.69
N VAL C 260 23.62 -5.49 12.06
CA VAL C 260 23.94 -6.83 11.65
C VAL C 260 22.94 -7.82 12.26
N GLN C 261 22.67 -7.67 13.57
CA GLN C 261 21.70 -8.48 14.26
C GLN C 261 20.38 -8.52 13.51
N LYS C 262 19.88 -7.34 13.15
CA LYS C 262 18.59 -7.23 12.51
C LYS C 262 18.60 -7.88 11.14
N ARG C 263 19.70 -7.68 10.38
CA ARG C 263 19.86 -8.34 9.07
C ARG C 263 19.83 -9.88 9.19
N ALA C 264 20.49 -10.39 10.21
CA ALA C 264 20.65 -11.79 10.37
C ALA C 264 19.31 -12.46 10.75
N ILE C 265 18.57 -11.83 11.64
CA ILE C 265 17.25 -12.28 12.01
C ILE C 265 16.31 -12.30 10.80
N GLN C 266 16.30 -11.22 10.02
CA GLN C 266 15.46 -11.16 8.83
C GLN C 266 15.83 -12.28 7.84
N MET C 267 17.12 -12.48 7.63
CA MET C 267 17.59 -13.49 6.67
C MET C 267 17.17 -14.90 7.12
N ALA C 268 17.33 -15.19 8.40
CA ALA C 268 16.90 -16.45 8.98
C ALA C 268 15.41 -16.68 8.74
N ARG C 269 14.60 -15.68 9.05
CA ARG C 269 13.16 -15.78 8.88
C ARG C 269 12.73 -15.97 7.43
N GLU C 270 13.38 -15.25 6.50
CA GLU C 270 13.07 -15.42 5.04
C GLU C 270 13.32 -16.86 4.59
N ASN C 271 14.28 -17.51 5.23
CA ASN C 271 14.68 -18.86 4.88
C ASN C 271 14.14 -19.94 5.85
N ALA C 272 13.25 -19.54 6.74
CA ALA C 272 12.60 -20.42 7.69
C ALA C 272 13.64 -21.21 8.51
N LYS C 273 14.69 -20.52 8.93
CA LYS C 273 15.68 -21.16 9.83
C LYS C 273 15.62 -20.47 11.17
N PRO C 274 15.72 -21.23 12.24
CA PRO C 274 15.80 -20.57 13.57
C PRO C 274 16.96 -19.61 13.75
N VAL C 275 16.71 -18.51 14.48
CA VAL C 275 17.73 -17.54 14.86
C VAL C 275 17.67 -17.24 16.37
N ILE C 276 18.82 -17.36 17.00
CA ILE C 276 19.03 -17.05 18.40
C ILE C 276 19.87 -15.75 18.51
N VAL C 277 19.44 -14.82 19.36
CA VAL C 277 20.19 -13.61 19.69
C VAL C 277 20.87 -13.84 21.06
N ALA C 278 22.19 -13.69 21.11
CA ALA C 278 22.97 -14.09 22.28
C ALA C 278 23.87 -13.00 22.82
N THR C 279 24.05 -13.01 24.13
CA THR C 279 25.18 -12.42 24.83
C THR C 279 24.95 -11.00 25.30
N GLN C 280 25.11 -10.83 26.62
CA GLN C 280 24.96 -9.59 27.34
C GLN C 280 23.54 -8.99 27.31
N MET C 281 22.54 -9.79 27.00
CA MET C 281 21.18 -9.28 26.91
C MET C 281 20.72 -8.76 28.28
N LEU C 282 21.13 -9.42 29.36
CA LEU C 282 20.81 -8.96 30.72
C LEU C 282 22.08 -9.01 31.55
N ASP C 283 23.18 -8.60 30.95
CA ASP C 283 24.53 -8.76 31.51
C ASP C 283 24.63 -8.37 33.00
N SER C 284 24.08 -7.20 33.36
CA SER C 284 24.24 -6.69 34.73
C SER C 284 23.60 -7.63 35.76
N MET C 285 22.72 -8.53 35.32
CA MET C 285 22.11 -9.49 36.24
C MET C 285 23.05 -10.60 36.68
N ILE C 286 24.28 -10.61 36.15
CA ILE C 286 25.35 -11.43 36.74
C ILE C 286 25.56 -11.04 38.19
N GLU C 287 25.45 -9.76 38.50
CA GLU C 287 25.69 -9.25 39.87
C GLU C 287 24.45 -8.58 40.51
N ASN C 288 23.45 -8.21 39.70
CA ASN C 288 22.34 -7.39 40.21
C ASN C 288 21.02 -8.11 39.99
N SER C 289 20.07 -7.88 40.88
CA SER C 289 18.79 -8.57 40.91
C SER C 289 17.82 -8.03 39.83
N ARG C 290 18.10 -6.84 39.32
CA ARG C 290 17.30 -6.21 38.32
C ARG C 290 18.26 -5.67 37.23
N PRO C 291 17.82 -5.72 35.97
CA PRO C 291 18.63 -5.31 34.85
C PRO C 291 18.66 -3.77 34.64
N THR C 292 19.54 -3.30 33.78
CA THR C 292 19.53 -1.88 33.39
C THR C 292 18.40 -1.58 32.38
N ARG C 293 18.13 -0.31 32.15
CA ARG C 293 17.09 0.05 31.18
C ARG C 293 17.51 -0.29 29.76
N ALA C 294 18.81 -0.24 29.50
CA ALA C 294 19.33 -0.65 28.20
C ALA C 294 19.09 -2.12 27.99
N GLU C 295 19.22 -2.89 29.06
CA GLU C 295 19.06 -4.35 28.94
C GLU C 295 17.63 -4.77 28.67
N ALA C 296 16.67 -4.19 29.36
CA ALA C 296 15.27 -4.47 29.09
C ALA C 296 14.94 -4.05 27.66
N SER C 297 15.49 -2.93 27.23
CA SER C 297 15.27 -2.45 25.88
C SER C 297 15.81 -3.45 24.84
N ASP C 298 17.02 -3.91 25.09
CA ASP C 298 17.69 -4.86 24.16
C ASP C 298 16.86 -6.14 24.02
N VAL C 299 16.36 -6.67 25.13
CA VAL C 299 15.50 -7.87 25.08
C VAL C 299 14.20 -7.59 24.30
N ALA C 300 13.51 -6.51 24.64
CA ALA C 300 12.29 -6.14 23.91
C ALA C 300 12.53 -5.98 22.42
N ASN C 301 13.63 -5.32 22.06
CA ASN C 301 13.89 -5.04 20.67
C ASN C 301 14.30 -6.30 19.84
N ALA C 302 14.97 -7.24 20.48
CA ALA C 302 15.28 -8.52 19.85
C ALA C 302 13.96 -9.31 19.57
N VAL C 303 12.97 -9.14 20.44
CA VAL C 303 11.64 -9.72 20.20
C VAL C 303 10.98 -9.06 18.98
N LEU C 304 10.99 -7.70 18.97
CA LEU C 304 10.40 -6.96 17.89
C LEU C 304 11.10 -7.21 16.56
N ASP C 305 12.40 -7.50 16.61
CA ASP C 305 13.20 -7.73 15.41
C ASP C 305 12.70 -9.03 14.72
N GLY C 306 12.11 -9.93 15.51
CA GLY C 306 11.69 -11.22 15.00
C GLY C 306 12.48 -12.46 15.41
N ALA C 307 13.29 -12.39 16.45
CA ALA C 307 14.10 -13.53 16.88
C ALA C 307 13.24 -14.70 17.37
N ASP C 308 13.65 -15.93 17.03
CA ASP C 308 12.96 -17.13 17.54
C ASP C 308 13.26 -17.24 19.02
N ALA C 309 14.51 -16.98 19.39
CA ALA C 309 15.01 -17.27 20.72
C ALA C 309 16.04 -16.27 21.15
N LEU C 310 16.11 -16.06 22.47
CA LEU C 310 17.09 -15.19 23.08
C LEU C 310 17.85 -16.02 24.08
N MET C 311 19.13 -15.71 24.26
CA MET C 311 20.02 -16.57 25.06
C MET C 311 20.55 -15.82 26.26
N LEU C 312 20.67 -16.53 27.37
CA LEU C 312 21.40 -16.06 28.51
C LEU C 312 22.71 -16.84 28.60
N SER C 313 23.82 -16.15 28.85
CA SER C 313 25.12 -16.80 29.03
C SER C 313 25.58 -16.77 30.48
N GLY C 314 26.47 -15.85 30.83
CA GLY C 314 26.89 -15.75 32.22
C GLY C 314 25.79 -15.45 33.21
N GLU C 315 24.73 -14.81 32.75
CA GLU C 315 23.55 -14.54 33.61
C GLU C 315 23.00 -15.81 34.26
N THR C 316 23.10 -16.94 33.55
CA THR C 316 22.70 -18.25 34.14
C THR C 316 23.87 -19.15 34.49
N SER C 317 24.98 -19.06 33.75
CA SER C 317 26.08 -20.05 33.91
C SER C 317 26.97 -19.75 35.12
N VAL C 318 27.23 -18.48 35.38
CA VAL C 318 28.12 -18.12 36.52
C VAL C 318 27.54 -17.09 37.46
N GLY C 319 26.44 -16.45 37.08
CA GLY C 319 25.93 -15.29 37.83
C GLY C 319 25.24 -15.61 39.14
N LYS C 320 24.92 -14.56 39.89
CA LYS C 320 24.30 -14.73 41.23
C LYS C 320 22.80 -14.92 41.17
N TYR C 321 22.18 -14.62 40.02
CA TYR C 321 20.72 -14.60 39.90
C TYR C 321 20.19 -15.37 38.71
N PRO C 322 20.55 -16.66 38.57
CA PRO C 322 20.23 -17.35 37.31
C PRO C 322 18.74 -17.50 37.09
N LEU C 323 18.01 -17.76 38.17
CA LEU C 323 16.56 -17.94 38.07
C LEU C 323 15.89 -16.59 37.77
N ALA C 324 16.30 -15.57 38.50
CA ALA C 324 15.73 -14.25 38.27
C ALA C 324 16.00 -13.75 36.84
N ALA C 325 17.17 -14.11 36.29
CA ALA C 325 17.48 -13.68 34.92
C ALA C 325 16.48 -14.31 33.93
N VAL C 326 16.21 -15.61 34.09
CA VAL C 326 15.23 -16.27 33.24
C VAL C 326 13.85 -15.67 33.39
N ARG C 327 13.43 -15.46 34.65
CA ARG C 327 12.12 -14.92 34.88
C ARG C 327 11.98 -13.52 34.30
N THR C 328 13.01 -12.73 34.48
CA THR C 328 13.02 -11.35 34.00
C THR C 328 12.96 -11.29 32.48
N MET C 329 13.79 -12.11 31.82
CA MET C 329 13.74 -12.24 30.36
C MET C 329 12.34 -12.62 29.90
N SER C 330 11.71 -13.59 30.58
CA SER C 330 10.42 -14.05 30.17
C SER C 330 9.37 -12.95 30.35
N ARG C 331 9.44 -12.22 31.46
CA ARG C 331 8.52 -11.09 31.65
C ARG C 331 8.61 -10.02 30.53
N ILE C 332 9.82 -9.75 30.07
CA ILE C 332 10.02 -8.72 29.07
C ILE C 332 9.45 -9.21 27.74
N ILE C 333 9.72 -10.46 27.44
CA ILE C 333 9.25 -11.02 26.18
C ILE C 333 7.75 -10.97 26.17
N CYS C 334 7.13 -11.38 27.28
CA CYS C 334 5.65 -11.44 27.37
C CYS C 334 5.01 -10.05 27.30
N ALA C 335 5.65 -9.07 27.90
CA ALA C 335 5.15 -7.70 27.84
C ALA C 335 5.06 -7.22 26.41
N VAL C 336 6.10 -7.47 25.61
CA VAL C 336 6.08 -7.10 24.22
C VAL C 336 5.03 -7.85 23.45
N GLU C 337 5.01 -9.17 23.62
CA GLU C 337 4.09 -10.02 22.90
C GLU C 337 2.63 -9.72 23.20
N GLU C 338 2.33 -9.32 24.42
CA GLU C 338 0.97 -8.98 24.77
C GLU C 338 0.46 -7.79 23.97
N ASN C 339 1.34 -6.84 23.69
CA ASN C 339 1.02 -5.74 22.77
C ASN C 339 0.81 -6.23 21.34
N SER C 340 1.76 -6.98 20.80
CA SER C 340 1.60 -7.60 19.47
C SER C 340 2.68 -8.62 19.21
N THR C 341 2.35 -9.68 18.46
CA THR C 341 3.36 -10.65 18.03
C THR C 341 3.93 -10.34 16.65
N ALA C 342 3.51 -9.21 16.04
CA ALA C 342 3.93 -8.89 14.68
C ALA C 342 5.49 -8.86 14.58
N ALA C 343 6.01 -9.46 13.51
CA ALA C 343 7.40 -9.31 13.13
C ALA C 343 7.49 -8.49 11.84
N PRO C 344 8.67 -8.01 11.48
CA PRO C 344 8.79 -7.34 10.19
C PRO C 344 8.32 -8.22 9.02
N PRO C 345 7.65 -7.64 8.04
CA PRO C 345 7.21 -8.47 6.93
C PRO C 345 8.37 -9.15 6.20
N LEU C 346 8.11 -10.32 5.64
CA LEU C 346 9.06 -10.97 4.76
C LEU C 346 9.04 -10.23 3.45
N THR C 347 10.18 -10.19 2.75
CA THR C 347 10.28 -9.44 1.51
C THR C 347 9.93 -10.26 0.27
N HIS C 348 9.71 -11.55 0.45
N HIS C 348 9.71 -11.54 0.43
CA HIS C 348 9.28 -12.42 -0.64
CA HIS C 348 9.24 -12.33 -0.69
C HIS C 348 7.98 -13.11 -0.26
C HIS C 348 8.02 -13.13 -0.30
N ILE C 349 7.05 -13.17 -1.21
CA ILE C 349 5.92 -14.03 -1.07
C ILE C 349 6.40 -15.48 -1.20
N PRO C 350 5.92 -16.34 -0.32
CA PRO C 350 6.35 -17.74 -0.36
C PRO C 350 6.20 -18.41 -1.73
N ARG C 351 7.21 -19.18 -2.13
CA ARG C 351 7.17 -19.86 -3.41
C ARG C 351 7.17 -21.39 -3.32
N THR C 352 7.62 -21.96 -2.20
CA THR C 352 7.58 -23.41 -2.02
C THR C 352 6.21 -23.86 -1.59
N LYS C 353 5.89 -25.12 -1.89
CA LYS C 353 4.63 -25.68 -1.49
C LYS C 353 4.42 -25.52 0.00
N ARG C 354 5.40 -25.88 0.80
CA ARG C 354 5.21 -25.82 2.24
C ARG C 354 5.03 -24.37 2.73
N GLY C 355 5.74 -23.44 2.09
CA GLY C 355 5.62 -22.03 2.45
C GLY C 355 4.25 -21.47 2.09
N VAL C 356 3.78 -21.85 0.91
CA VAL C 356 2.55 -21.30 0.35
C VAL C 356 1.38 -21.82 1.20
N ILE C 357 1.44 -23.11 1.54
CA ILE C 357 0.40 -23.73 2.34
C ILE C 357 0.41 -23.24 3.78
N SER C 358 1.58 -23.12 4.40
CA SER C 358 1.62 -22.61 5.78
C SER C 358 1.12 -21.14 5.84
N TYR C 359 1.42 -20.36 4.82
CA TYR C 359 0.96 -18.99 4.76
C TYR C 359 -0.58 -18.94 4.63
N ALA C 360 -1.12 -19.77 3.73
CA ALA C 360 -2.57 -19.88 3.57
C ALA C 360 -3.23 -20.35 4.84
N ALA C 361 -2.63 -21.32 5.53
CA ALA C 361 -3.23 -21.85 6.75
C ALA C 361 -3.34 -20.78 7.80
N ARG C 362 -2.30 -19.96 7.91
CA ARG C 362 -2.34 -18.84 8.83
C ARG C 362 -3.48 -17.88 8.52
N ASP C 363 -3.61 -17.51 7.24
CA ASP C 363 -4.73 -16.66 6.77
C ASP C 363 -6.07 -17.26 7.24
N ILE C 364 -6.29 -18.53 6.93
CA ILE C 364 -7.57 -19.17 7.20
C ILE C 364 -7.85 -19.17 8.70
N GLY C 365 -6.86 -19.57 9.48
CA GLY C 365 -7.00 -19.64 10.93
C GLY C 365 -7.31 -18.32 11.55
N GLU C 366 -6.56 -17.28 11.19
CA GLU C 366 -6.82 -15.95 11.72
C GLU C 366 -8.19 -15.40 11.29
N ARG C 367 -8.56 -15.58 10.02
CA ARG C 367 -9.80 -14.98 9.53
C ARG C 367 -11.04 -15.71 10.08
N LEU C 368 -10.90 -17.00 10.34
CA LEU C 368 -11.99 -17.77 10.94
C LEU C 368 -11.90 -17.85 12.47
N ASP C 369 -10.96 -17.15 13.07
CA ASP C 369 -10.79 -17.13 14.52
C ASP C 369 -10.66 -18.53 15.12
N ALA C 370 -9.80 -19.34 14.52
CA ALA C 370 -9.53 -20.68 14.98
C ALA C 370 -8.77 -20.61 16.32
N LYS C 371 -8.89 -21.66 17.13
CA LYS C 371 -8.27 -21.68 18.45
C LYS C 371 -6.80 -22.06 18.35
N ALA C 372 -6.42 -22.68 17.25
CA ALA C 372 -5.02 -23.07 17.05
C ALA C 372 -4.75 -23.43 15.62
N LEU C 373 -3.49 -23.28 15.25
CA LEU C 373 -2.98 -23.81 14.01
C LEU C 373 -2.16 -25.06 14.34
N VAL C 374 -2.40 -26.10 13.59
CA VAL C 374 -1.77 -27.39 13.82
C VAL C 374 -1.05 -27.78 12.55
N ALA C 375 0.20 -28.18 12.67
CA ALA C 375 0.95 -28.64 11.50
C ALA C 375 1.75 -29.91 11.76
N PHE C 376 1.56 -30.90 10.90
CA PHE C 376 2.34 -32.13 10.93
C PHE C 376 3.65 -31.91 10.22
N THR C 377 4.73 -32.37 10.87
CA THR C 377 6.06 -32.15 10.34
C THR C 377 6.99 -33.26 10.77
N GLN C 378 7.72 -33.76 9.78
CA GLN C 378 8.65 -34.83 9.97
C GLN C 378 10.08 -34.28 10.25
N SER C 379 10.45 -33.20 9.56
CA SER C 379 11.75 -32.57 9.72
C SER C 379 11.66 -31.25 10.48
N GLY C 380 10.45 -30.73 10.66
CA GLY C 380 10.28 -29.41 11.26
C GLY C 380 9.94 -28.34 10.26
N ASP C 381 10.25 -28.58 8.98
CA ASP C 381 10.17 -27.53 7.97
C ASP C 381 8.80 -26.88 7.85
N THR C 382 7.73 -27.70 7.79
CA THR C 382 6.41 -27.11 7.55
C THR C 382 6.06 -26.13 8.70
N VAL C 383 6.40 -26.54 9.93
CA VAL C 383 6.14 -25.75 11.13
C VAL C 383 7.00 -24.49 11.17
N ARG C 384 8.27 -24.62 10.81
CA ARG C 384 9.12 -23.45 10.74
C ARG C 384 8.67 -22.42 9.72
N ARG C 385 8.12 -22.86 8.58
CA ARG C 385 7.61 -21.93 7.59
C ARG C 385 6.40 -21.14 8.09
N LEU C 386 5.63 -21.74 9.00
CA LEU C 386 4.53 -21.04 9.66
C LEU C 386 5.03 -20.19 10.81
N ALA C 387 5.90 -20.74 11.65
CA ALA C 387 6.39 -20.02 12.84
C ALA C 387 6.99 -18.66 12.50
N ARG C 388 7.78 -18.61 11.44
CA ARG C 388 8.47 -17.41 11.07
C ARG C 388 7.50 -16.27 10.69
N LEU C 389 6.25 -16.60 10.42
CA LEU C 389 5.26 -15.57 10.07
C LEU C 389 4.81 -14.83 11.30
N HIS C 390 4.91 -15.49 12.45
CA HIS C 390 4.34 -15.00 13.69
C HIS C 390 2.80 -14.98 13.51
N THR C 391 2.11 -15.37 14.55
CA THR C 391 0.66 -15.32 14.60
C THR C 391 0.33 -15.33 16.08
N PRO C 392 -0.71 -14.61 16.47
CA PRO C 392 -1.12 -14.65 17.85
C PRO C 392 -1.75 -16.00 18.19
N LEU C 393 -2.08 -16.81 17.17
CA LEU C 393 -2.65 -18.14 17.44
C LEU C 393 -1.58 -19.12 17.97
N PRO C 394 -1.96 -20.02 18.89
CA PRO C 394 -1.11 -21.17 19.19
C PRO C 394 -0.70 -21.91 17.93
N LEU C 395 0.56 -22.31 17.90
CA LEU C 395 1.13 -23.10 16.83
C LEU C 395 1.58 -24.47 17.40
N LEU C 396 0.86 -25.52 16.99
CA LEU C 396 1.01 -26.85 17.54
C LEU C 396 1.58 -27.77 16.47
N ALA C 397 2.82 -28.15 16.66
CA ALA C 397 3.50 -29.07 15.79
C ALA C 397 3.19 -30.49 16.21
N PHE C 398 2.88 -31.33 15.22
CA PHE C 398 2.67 -32.74 15.45
C PHE C 398 3.72 -33.52 14.69
N THR C 399 4.33 -34.51 15.35
CA THR C 399 5.35 -35.30 14.73
C THR C 399 5.38 -36.71 15.35
N ALA C 400 6.02 -37.64 14.66
CA ALA C 400 6.22 -38.98 15.16
C ALA C 400 7.65 -39.17 15.69
N TRP C 401 8.50 -38.18 15.50
CA TRP C 401 9.90 -38.26 15.81
C TRP C 401 10.23 -37.44 17.05
N PRO C 402 10.54 -38.10 18.18
CA PRO C 402 10.74 -37.40 19.44
C PRO C 402 11.82 -36.30 19.40
N GLU C 403 12.87 -36.51 18.63
CA GLU C 403 13.96 -35.52 18.54
C GLU C 403 13.42 -34.19 17.97
N VAL C 404 12.38 -34.26 17.13
CA VAL C 404 11.79 -33.05 16.55
C VAL C 404 11.15 -32.16 17.60
N ARG C 405 10.61 -32.76 18.65
CA ARG C 405 10.08 -31.95 19.76
C ARG C 405 11.20 -31.15 20.43
N SER C 406 12.35 -31.75 20.63
CA SER C 406 13.46 -31.06 21.25
C SER C 406 14.05 -29.99 20.29
N GLN C 407 14.08 -30.30 19.01
CA GLN C 407 14.64 -29.38 18.03
C GLN C 407 13.75 -28.12 17.88
N LEU C 408 12.44 -28.32 17.92
CA LEU C 408 11.49 -27.26 17.79
C LEU C 408 11.36 -26.43 19.05
N ALA C 409 12.05 -26.83 20.11
CA ALA C 409 12.08 -26.05 21.33
C ALA C 409 12.68 -24.65 21.06
N MET C 410 13.54 -24.54 20.03
CA MET C 410 14.13 -23.26 19.69
C MET C 410 13.36 -22.46 18.62
N THR C 411 12.24 -22.98 18.13
CA THR C 411 11.49 -22.35 17.06
C THR C 411 10.36 -21.50 17.69
N TRP C 412 10.22 -20.27 17.21
CA TRP C 412 9.21 -19.33 17.68
C TRP C 412 7.81 -19.93 17.84
N GLY C 413 7.26 -19.73 19.04
CA GLY C 413 5.83 -19.83 19.27
C GLY C 413 5.25 -21.24 19.17
N THR C 414 6.13 -22.24 19.16
CA THR C 414 5.75 -23.59 18.83
C THR C 414 5.84 -24.57 20.02
N GLU C 415 4.77 -25.34 20.20
CA GLU C 415 4.74 -26.50 21.12
C GLU C 415 4.54 -27.74 20.26
N THR C 416 5.13 -28.84 20.67
CA THR C 416 5.14 -30.03 19.83
C THR C 416 4.54 -31.23 20.58
N PHE C 417 3.75 -32.02 19.83
CA PHE C 417 3.08 -33.21 20.32
C PHE C 417 3.63 -34.38 19.54
N ILE C 418 4.10 -35.37 20.28
CA ILE C 418 4.54 -36.62 19.69
C ILE C 418 3.37 -37.59 19.58
N VAL C 419 3.17 -38.12 18.39
CA VAL C 419 2.08 -39.07 18.14
C VAL C 419 2.61 -40.20 17.29
N PRO C 420 1.82 -41.26 17.15
CA PRO C 420 2.32 -42.37 16.37
C PRO C 420 2.48 -42.00 14.89
N LYS C 421 3.31 -42.77 14.19
CA LYS C 421 3.43 -42.65 12.75
C LYS C 421 2.16 -43.19 12.10
N MET C 422 1.47 -42.36 11.34
CA MET C 422 0.15 -42.69 10.84
C MET C 422 0.22 -43.02 9.37
N GLN C 423 -0.79 -43.71 8.88
CA GLN C 423 -0.81 -44.23 7.52
C GLN C 423 -1.78 -43.44 6.64
N SER C 424 -2.37 -42.38 7.18
CA SER C 424 -3.34 -41.59 6.44
C SER C 424 -3.51 -40.22 7.09
N THR C 425 -3.96 -39.24 6.33
CA THR C 425 -4.22 -37.94 6.89
C THR C 425 -5.44 -37.96 7.81
N ASP C 426 -6.41 -38.83 7.55
CA ASP C 426 -7.55 -38.97 8.47
C ASP C 426 -7.04 -39.37 9.86
N GLY C 427 -6.09 -40.32 9.87
CA GLY C 427 -5.48 -40.80 11.11
C GLY C 427 -4.73 -39.70 11.79
N MET C 428 -3.95 -38.92 11.03
CA MET C 428 -3.30 -37.74 11.59
C MET C 428 -4.31 -36.83 12.31
N ILE C 429 -5.43 -36.56 11.67
CA ILE C 429 -6.42 -35.68 12.24
C ILE C 429 -7.05 -36.24 13.50
N ARG C 430 -7.34 -37.55 13.50
CA ARG C 430 -7.80 -38.21 14.74
C ARG C 430 -6.78 -38.08 15.87
N GLN C 431 -5.49 -38.18 15.56
CA GLN C 431 -4.46 -38.03 16.59
C GLN C 431 -4.44 -36.61 17.16
N VAL C 432 -4.76 -35.62 16.34
CA VAL C 432 -4.84 -34.29 16.82
C VAL C 432 -5.90 -34.18 17.88
N ASP C 433 -7.08 -34.71 17.60
CA ASP C 433 -8.16 -34.62 18.55
C ASP C 433 -7.81 -35.35 19.86
N LYS C 434 -7.26 -36.55 19.73
CA LYS C 434 -6.92 -37.33 20.92
C LYS C 434 -5.94 -36.57 21.77
N SER C 435 -4.86 -36.05 21.16
CA SER C 435 -3.84 -35.33 21.90
C SER C 435 -4.39 -34.08 22.56
N LEU C 436 -5.15 -33.28 21.80
CA LEU C 436 -5.60 -31.99 22.31
C LEU C 436 -6.66 -32.13 23.38
N LEU C 437 -7.49 -33.16 23.26
CA LEU C 437 -8.59 -33.34 24.20
C LEU C 437 -8.10 -33.72 25.59
N GLU C 438 -6.88 -34.25 25.65
CA GLU C 438 -6.26 -34.58 26.95
C GLU C 438 -5.82 -33.33 27.70
N LEU C 439 -5.71 -32.21 26.99
CA LEU C 439 -5.38 -30.92 27.62
C LEU C 439 -6.65 -30.26 28.15
N ALA C 440 -6.56 -29.67 29.35
CA ALA C 440 -7.68 -28.94 29.92
C ALA C 440 -8.13 -27.82 29.00
N ARG C 441 -7.19 -27.18 28.30
CA ARG C 441 -7.55 -25.98 27.54
C ARG C 441 -8.27 -26.22 26.19
N TYR C 442 -8.31 -27.46 25.68
CA TYR C 442 -9.11 -27.72 24.45
C TYR C 442 -10.32 -28.61 24.71
N LYS C 443 -11.41 -28.36 23.99
CA LYS C 443 -12.64 -29.15 24.15
C LYS C 443 -13.29 -29.48 22.80
N ARG C 444 -14.25 -30.39 22.85
CA ARG C 444 -15.00 -30.76 21.65
C ARG C 444 -15.68 -29.56 21.09
N GLY C 445 -15.60 -29.42 19.77
CA GLY C 445 -16.21 -28.28 19.10
C GLY C 445 -15.22 -27.18 18.76
N ASP C 446 -14.05 -27.19 19.40
CA ASP C 446 -13.05 -26.13 19.16
C ASP C 446 -12.54 -26.19 17.72
N LEU C 447 -12.45 -25.02 17.10
CA LEU C 447 -12.10 -24.94 15.70
C LEU C 447 -10.59 -24.87 15.58
N VAL C 448 -10.03 -25.73 14.74
CA VAL C 448 -8.60 -25.73 14.53
C VAL C 448 -8.38 -25.86 13.04
N VAL C 449 -7.23 -25.37 12.60
CA VAL C 449 -6.86 -25.46 11.20
C VAL C 449 -5.65 -26.36 11.16
N ILE C 450 -5.76 -27.45 10.39
CA ILE C 450 -4.75 -28.51 10.38
C ILE C 450 -4.08 -28.60 9.04
N VAL C 451 -2.76 -28.54 9.06
CA VAL C 451 -1.96 -28.74 7.91
C VAL C 451 -1.33 -30.12 7.97
N ALA C 452 -1.49 -30.90 6.90
CA ALA C 452 -0.92 -32.25 6.83
C ALA C 452 -0.55 -32.57 5.39
N GLY C 453 -0.06 -33.80 5.14
CA GLY C 453 0.28 -34.17 3.79
C GLY C 453 0.32 -35.67 3.56
N ALA C 454 -0.03 -36.07 2.34
CA ALA C 454 0.20 -37.43 1.86
C ALA C 454 1.08 -37.36 0.62
N PRO C 455 1.97 -38.35 0.41
CA PRO C 455 1.98 -39.60 1.20
C PRO C 455 2.46 -39.40 2.63
N PRO C 456 1.83 -40.13 3.58
CA PRO C 456 2.21 -40.00 5.00
C PRO C 456 3.67 -40.36 5.19
N GLY C 457 4.27 -39.85 6.26
CA GLY C 457 5.62 -40.21 6.62
C GLY C 457 6.67 -39.83 5.60
N THR C 458 6.41 -38.78 4.81
CA THR C 458 7.33 -38.33 3.78
C THR C 458 7.63 -36.84 3.98
N VAL C 459 8.90 -36.51 4.19
CA VAL C 459 9.29 -35.10 4.30
C VAL C 459 8.84 -34.36 3.04
N GLY C 460 8.19 -33.20 3.23
CA GLY C 460 7.82 -32.37 2.09
C GLY C 460 6.48 -32.66 1.42
N SER C 461 5.76 -33.68 1.90
CA SER C 461 4.52 -34.08 1.20
C SER C 461 3.34 -33.13 1.53
N THR C 462 3.53 -32.24 2.49
CA THR C 462 2.53 -31.28 2.93
C THR C 462 1.65 -30.76 1.77
N ASN C 463 0.36 -31.10 1.80
CA ASN C 463 -0.51 -30.75 0.69
C ASN C 463 -1.98 -30.61 1.00
N LEU C 464 -2.31 -30.47 2.27
CA LEU C 464 -3.68 -30.29 2.63
C LEU C 464 -3.88 -29.37 3.84
N ILE C 465 -4.94 -28.56 3.75
CA ILE C 465 -5.42 -27.77 4.87
C ILE C 465 -6.85 -28.18 5.17
N HIS C 466 -7.10 -28.54 6.41
CA HIS C 466 -8.42 -28.96 6.84
C HIS C 466 -8.86 -28.09 8.00
N VAL C 467 -10.02 -27.51 7.88
CA VAL C 467 -10.62 -26.75 8.95
C VAL C 467 -11.48 -27.75 9.68
N HIS C 468 -11.23 -27.93 10.97
CA HIS C 468 -11.79 -29.06 11.69
C HIS C 468 -12.27 -28.59 13.06
N ARG C 469 -13.42 -29.08 13.49
CA ARG C 469 -13.82 -28.90 14.88
C ARG C 469 -13.51 -30.19 15.63
N ILE C 470 -12.79 -30.03 16.73
CA ILE C 470 -12.29 -31.15 17.50
C ILE C 470 -13.43 -32.10 17.87
N GLY C 471 -13.27 -33.36 17.47
CA GLY C 471 -14.23 -34.41 17.84
C GLY C 471 -15.47 -34.45 16.98
N GLU C 472 -15.60 -33.53 16.03
CA GLU C 472 -16.78 -33.51 15.20
C GLU C 472 -16.55 -34.28 13.92
N ASP C 473 -17.66 -34.71 13.31
CA ASP C 473 -17.63 -35.60 12.17
C ASP C 473 -17.54 -34.79 10.87
N ASP C 474 -16.41 -34.13 10.64
CA ASP C 474 -16.30 -33.22 9.48
C ASP C 474 -15.11 -33.55 8.61
N VAL C 475 -14.64 -34.79 8.70
CA VAL C 475 -13.51 -35.24 7.88
C VAL C 475 -13.92 -36.25 6.79
N THR D 5 27.45 14.35 8.45
CA THR D 5 27.65 14.20 9.91
C THR D 5 26.38 13.74 10.62
N ARG D 6 26.51 13.66 11.93
CA ARG D 6 25.48 13.10 12.79
C ARG D 6 24.23 13.96 12.74
N ARG D 7 23.07 13.31 12.71
CA ARG D 7 21.80 14.01 12.73
C ARG D 7 21.16 14.01 14.15
N GLY D 8 21.07 12.86 14.78
CA GLY D 8 20.56 12.77 16.14
C GLY D 8 21.40 13.57 17.15
N LYS D 9 20.74 14.14 18.16
CA LYS D 9 21.40 15.03 19.08
C LYS D 9 21.77 14.29 20.36
N ILE D 10 22.78 14.81 21.04
CA ILE D 10 23.32 14.23 22.27
C ILE D 10 23.23 15.23 23.41
N VAL D 11 22.55 14.80 24.47
CA VAL D 11 22.48 15.53 25.72
C VAL D 11 23.43 14.92 26.73
N CYS D 12 24.28 15.74 27.36
CA CYS D 12 25.16 15.26 28.42
C CYS D 12 24.87 15.94 29.73
N THR D 13 24.99 15.20 30.82
CA THR D 13 24.82 15.78 32.15
C THR D 13 26.17 16.18 32.74
N LEU D 14 26.24 17.42 33.23
CA LEU D 14 27.43 17.91 33.88
C LEU D 14 27.45 17.52 35.32
N GLY D 15 28.66 17.38 35.86
CA GLY D 15 28.85 17.13 37.30
C GLY D 15 30.34 16.98 37.63
N PRO D 16 30.66 16.30 38.74
CA PRO D 16 32.05 16.24 39.21
C PRO D 16 33.04 15.80 38.13
N ALA D 17 32.64 14.89 37.25
CA ALA D 17 33.54 14.34 36.24
C ALA D 17 33.77 15.32 35.07
N THR D 18 32.93 16.33 34.95
CA THR D 18 33.12 17.35 33.94
C THR D 18 33.70 18.66 34.49
N GLN D 19 33.99 18.70 35.79
CA GLN D 19 34.45 19.95 36.40
C GLN D 19 35.93 20.17 36.24
N ARG D 20 36.69 19.12 35.97
CA ARG D 20 38.11 19.31 35.73
C ARG D 20 38.34 20.23 34.58
N ASP D 21 39.52 20.81 34.56
CA ASP D 21 39.91 21.70 33.51
C ASP D 21 39.63 21.15 32.11
N ASP D 22 39.15 22.06 31.26
CA ASP D 22 38.86 21.82 29.87
C ASP D 22 37.90 20.67 29.47
N LEU D 23 37.26 20.02 30.43
CA LEU D 23 36.40 18.86 30.06
C LEU D 23 35.14 19.30 29.39
N VAL D 24 34.56 20.40 29.84
CA VAL D 24 33.34 20.88 29.19
C VAL D 24 33.60 21.22 27.74
N ARG D 25 34.69 21.92 27.50
CA ARG D 25 35.13 22.19 26.17
C ARG D 25 35.32 20.89 25.36
N ALA D 26 35.96 19.90 25.94
CA ALA D 26 36.20 18.62 25.25
C ALA D 26 34.89 17.91 24.92
N LEU D 27 33.88 18.06 25.75
CA LEU D 27 32.55 17.45 25.46
C LEU D 27 31.92 18.15 24.26
N VAL D 28 32.04 19.48 24.23
CA VAL D 28 31.48 20.23 23.10
C VAL D 28 32.17 19.81 21.82
N GLU D 29 33.48 19.71 21.85
CA GLU D 29 34.23 19.31 20.67
C GLU D 29 33.90 17.89 20.24
N ALA D 30 33.57 17.03 21.19
CA ALA D 30 33.23 15.65 20.91
C ALA D 30 31.77 15.49 20.43
N GLY D 31 30.97 16.55 20.53
CA GLY D 31 29.65 16.53 19.92
C GLY D 31 28.46 16.83 20.82
N MET D 32 28.68 17.08 22.12
CA MET D 32 27.56 17.45 23.01
C MET D 32 26.73 18.58 22.38
N ASP D 33 25.44 18.38 22.29
CA ASP D 33 24.54 19.39 21.76
C ASP D 33 23.76 20.16 22.84
N VAL D 34 23.50 19.50 23.97
CA VAL D 34 22.79 20.08 25.10
C VAL D 34 23.45 19.62 26.37
N ALA D 35 23.74 20.58 27.26
CA ALA D 35 24.33 20.29 28.57
C ALA D 35 23.21 20.36 29.61
N ARG D 36 23.02 19.26 30.34
CA ARG D 36 22.05 19.21 31.43
C ARG D 36 22.70 19.59 32.75
N MET D 37 22.07 20.53 33.44
CA MET D 37 22.43 20.86 34.80
C MET D 37 21.38 20.25 35.71
N ASN D 38 21.79 19.26 36.49
CA ASN D 38 20.87 18.53 37.36
C ASN D 38 20.86 19.14 38.74
N PHE D 39 19.77 19.81 39.08
CA PHE D 39 19.69 20.51 40.37
C PHE D 39 19.47 19.60 41.59
N SER D 40 19.45 18.29 41.38
CA SER D 40 19.50 17.34 42.51
C SER D 40 20.85 17.34 43.24
N HIS D 41 21.92 17.80 42.57
CA HIS D 41 23.24 17.81 43.16
C HIS D 41 23.90 19.16 42.88
N GLY D 42 24.98 19.44 43.62
CA GLY D 42 25.74 20.64 43.42
C GLY D 42 25.12 21.86 44.04
N ASP D 43 25.92 22.91 44.20
CA ASP D 43 25.39 24.21 44.66
C ASP D 43 25.38 25.24 43.53
N TYR D 44 24.90 26.44 43.83
CA TYR D 44 24.69 27.47 42.81
C TYR D 44 26.02 27.90 42.17
N ASP D 45 27.07 27.93 42.97
CA ASP D 45 28.44 28.19 42.50
C ASP D 45 28.83 27.20 41.40
N ASP D 46 28.60 25.91 41.68
CA ASP D 46 28.92 24.83 40.73
C ASP D 46 28.23 25.04 39.42
N HIS D 47 26.93 25.30 39.48
CA HIS D 47 26.11 25.39 38.27
C HIS D 47 26.51 26.64 37.48
N LYS D 48 26.80 27.72 38.18
CA LYS D 48 27.23 28.94 37.51
C LYS D 48 28.53 28.72 36.74
N VAL D 49 29.53 28.14 37.40
CA VAL D 49 30.79 27.85 36.72
C VAL D 49 30.58 26.96 35.51
N ALA D 50 29.75 25.94 35.64
CA ALA D 50 29.53 25.03 34.55
C ALA D 50 28.80 25.70 33.40
N TYR D 51 27.78 26.49 33.71
CA TYR D 51 27.04 27.31 32.69
C TYR D 51 27.99 28.16 31.88
N GLU D 52 28.89 28.85 32.57
CA GLU D 52 29.86 29.73 31.92
C GLU D 52 30.80 28.92 31.01
N ARG D 53 31.19 27.73 31.45
CA ARG D 53 32.09 26.91 30.64
C ARG D 53 31.41 26.43 29.38
N VAL D 54 30.10 26.16 29.46
CA VAL D 54 29.34 25.76 28.26
C VAL D 54 29.25 26.94 27.26
N ARG D 55 28.87 28.11 27.74
CA ARG D 55 28.77 29.31 26.88
C ARG D 55 30.10 29.65 26.22
N VAL D 56 31.19 29.59 26.97
CA VAL D 56 32.51 29.81 26.41
C VAL D 56 32.85 28.80 25.33
N ALA D 57 32.65 27.52 25.63
CA ALA D 57 32.97 26.45 24.70
C ALA D 57 32.13 26.54 23.41
N SER D 58 30.86 26.88 23.55
CA SER D 58 29.98 27.10 22.42
C SER D 58 30.44 28.26 21.54
N ASP D 59 30.78 29.39 22.16
CA ASP D 59 31.27 30.53 21.40
C ASP D 59 32.69 30.32 20.84
N ALA D 60 33.53 29.62 21.58
CA ALA D 60 34.90 29.32 21.09
C ALA D 60 34.86 28.34 19.90
N THR D 61 33.99 27.36 19.94
CA THR D 61 33.98 26.32 18.89
C THR D 61 33.09 26.71 17.73
N GLY D 62 32.10 27.56 18.01
CA GLY D 62 31.07 27.90 17.04
C GLY D 62 29.90 26.89 16.99
N ARG D 63 29.96 25.85 17.82
CA ARG D 63 28.85 24.89 17.91
C ARG D 63 27.72 25.38 18.81
N ALA D 64 26.48 25.23 18.37
CA ALA D 64 25.36 25.48 19.26
C ALA D 64 25.35 24.45 20.39
N VAL D 65 25.17 24.92 21.62
CA VAL D 65 25.01 24.03 22.74
C VAL D 65 23.96 24.59 23.65
N GLY D 66 22.82 23.92 23.75
CA GLY D 66 21.77 24.38 24.62
C GLY D 66 22.08 24.04 26.06
N VAL D 67 21.53 24.83 26.98
CA VAL D 67 21.63 24.52 28.41
C VAL D 67 20.26 24.23 28.99
N LEU D 68 20.14 23.03 29.55
CA LEU D 68 18.90 22.53 30.13
C LEU D 68 19.02 22.45 31.65
N ALA D 69 18.18 23.20 32.37
CA ALA D 69 18.08 23.10 33.82
C ALA D 69 17.05 22.05 34.22
N ASP D 70 17.49 20.99 34.87
CA ASP D 70 16.61 19.90 35.31
C ASP D 70 16.27 20.10 36.79
N LEU D 71 15.00 20.39 37.04
CA LEU D 71 14.49 20.54 38.40
C LEU D 71 14.19 19.19 39.03
N GLN D 72 14.60 19.05 40.29
CA GLN D 72 14.57 17.81 41.00
C GLN D 72 13.16 17.31 41.20
N GLY D 73 12.22 18.24 41.44
CA GLY D 73 10.84 17.88 41.68
C GLY D 73 10.63 17.18 43.00
N PRO D 74 9.46 16.54 43.15
CA PRO D 74 9.11 15.86 44.39
C PRO D 74 9.83 14.53 44.59
N LYS D 75 11.15 14.57 44.55
CA LYS D 75 11.97 13.41 44.77
C LYS D 75 11.98 13.00 46.27
N ILE D 76 11.77 11.73 46.56
CA ILE D 76 11.94 11.24 47.93
C ILE D 76 13.33 10.64 48.08
N ARG D 77 13.99 10.94 49.18
CA ARG D 77 15.38 10.54 49.37
C ARG D 77 15.63 10.04 50.78
N LEU D 78 16.61 9.17 50.91
CA LEU D 78 17.17 8.88 52.23
C LEU D 78 18.04 10.06 52.68
N GLY D 79 18.30 10.12 53.98
CA GLY D 79 19.26 11.09 54.53
C GLY D 79 20.68 10.57 54.46
N ARG D 80 21.50 10.93 55.45
CA ARG D 80 22.89 10.55 55.46
C ARG D 80 23.16 9.37 56.38
N PHE D 81 24.24 8.65 56.06
CA PHE D 81 24.75 7.55 56.90
C PHE D 81 26.08 7.98 57.55
N ALA D 82 26.42 7.37 58.68
CA ALA D 82 27.59 7.77 59.46
C ALA D 82 28.87 7.79 58.64
N SER D 83 29.10 6.77 57.82
CA SER D 83 30.36 6.68 57.06
C SER D 83 30.20 7.11 55.59
N GLY D 84 29.02 7.61 55.23
CA GLY D 84 28.73 7.96 53.83
C GLY D 84 28.09 6.84 53.02
N ALA D 85 28.36 5.59 53.38
CA ALA D 85 27.72 4.44 52.71
C ALA D 85 27.60 3.28 53.69
N THR D 86 26.72 2.35 53.35
CA THR D 86 26.58 1.10 54.06
C THR D 86 26.14 -0.03 53.07
N HIS D 87 26.05 -1.25 53.57
CA HIS D 87 25.52 -2.34 52.76
C HIS D 87 24.26 -2.86 53.43
N TRP D 88 23.17 -2.89 52.68
CA TRP D 88 21.94 -3.53 53.14
C TRP D 88 21.82 -4.89 52.51
N ALA D 89 22.15 -5.91 53.30
CA ALA D 89 22.14 -7.30 52.86
C ALA D 89 20.76 -7.93 53.01
N GLU D 90 20.41 -8.81 52.08
CA GLU D 90 19.21 -9.60 52.18
C GLU D 90 19.04 -10.17 53.60
N GLY D 91 17.85 -9.99 54.15
CA GLY D 91 17.51 -10.58 55.44
C GLY D 91 17.69 -9.61 56.60
N GLU D 92 18.37 -8.51 56.36
CA GLU D 92 18.54 -7.51 57.41
C GLU D 92 17.28 -6.71 57.61
N THR D 93 17.11 -6.26 58.86
CA THR D 93 16.04 -5.34 59.22
C THR D 93 16.62 -3.94 59.25
N VAL D 94 15.92 -3.01 58.60
CA VAL D 94 16.34 -1.63 58.59
C VAL D 94 15.17 -0.73 58.90
N ARG D 95 15.48 0.43 59.46
CA ARG D 95 14.46 1.39 59.86
C ARG D 95 14.65 2.65 59.07
N ILE D 96 13.62 3.06 58.35
CA ILE D 96 13.62 4.36 57.71
C ILE D 96 12.68 5.26 58.51
N THR D 97 13.25 6.31 59.09
CA THR D 97 12.50 7.16 59.99
C THR D 97 12.22 8.53 59.41
N VAL D 98 11.06 9.07 59.75
CA VAL D 98 10.73 10.42 59.37
C VAL D 98 11.25 11.43 60.42
N GLY D 99 11.80 10.94 61.51
CA GLY D 99 12.38 11.82 62.53
C GLY D 99 13.86 12.05 62.30
N ALA D 100 14.46 12.81 63.23
CA ALA D 100 15.89 13.05 63.26
C ALA D 100 16.66 11.81 63.72
N CYS D 101 17.81 11.57 63.08
CA CYS D 101 18.81 10.61 63.60
C CYS D 101 20.12 10.85 62.89
N GLU D 102 21.23 10.43 63.48
CA GLU D 102 22.43 10.16 62.66
C GLU D 102 22.18 8.83 61.99
N GLY D 103 22.31 8.81 60.67
CA GLY D 103 22.17 7.59 59.93
C GLY D 103 23.22 6.58 60.33
N SER D 104 22.81 5.33 60.36
CA SER D 104 23.72 4.25 60.48
C SER D 104 23.13 3.16 59.61
N HIS D 105 23.83 2.04 59.54
CA HIS D 105 23.34 0.89 58.84
C HIS D 105 21.86 0.56 59.21
N ASP D 106 21.56 0.62 60.50
CA ASP D 106 20.28 0.14 61.07
C ASP D 106 19.13 1.11 60.92
N ARG D 107 19.44 2.39 60.83
CA ARG D 107 18.40 3.43 60.92
C ARG D 107 18.88 4.69 60.21
N VAL D 108 18.07 5.18 59.27
CA VAL D 108 18.40 6.34 58.43
C VAL D 108 17.15 7.18 58.24
N SER D 109 17.32 8.49 58.12
CA SER D 109 16.18 9.41 57.89
C SER D 109 15.70 9.35 56.42
N THR D 110 14.52 9.92 56.18
CA THR D 110 14.03 10.16 54.82
C THR D 110 13.50 11.58 54.74
N THR D 111 13.45 12.11 53.52
CA THR D 111 12.97 13.48 53.33
C THR D 111 11.47 13.53 53.28
N TYR D 112 10.84 12.39 53.04
CA TYR D 112 9.38 12.34 52.86
C TYR D 112 8.76 12.12 54.22
N LYS D 113 8.27 13.20 54.81
CA LYS D 113 7.85 13.18 56.19
C LYS D 113 6.53 12.49 56.40
N ARG D 114 5.82 12.18 55.31
CA ARG D 114 4.55 11.42 55.42
C ARG D 114 4.73 9.89 55.32
N LEU D 115 5.97 9.42 55.19
CA LEU D 115 6.23 8.00 54.98
C LEU D 115 5.57 7.12 56.06
N ALA D 116 5.75 7.48 57.34
CA ALA D 116 5.24 6.66 58.45
C ALA D 116 3.73 6.75 58.55
N GLN D 117 3.17 7.92 58.20
CA GLN D 117 1.74 8.08 58.17
C GLN D 117 1.08 7.27 57.06
N ASP D 118 1.76 7.14 55.91
CA ASP D 118 1.13 6.58 54.71
C ASP D 118 1.46 5.11 54.42
N ALA D 119 2.56 4.62 55.00
CA ALA D 119 3.02 3.25 54.78
C ALA D 119 2.15 2.22 55.50
N VAL D 120 2.04 1.06 54.87
CA VAL D 120 1.33 -0.05 55.43
C VAL D 120 2.19 -1.31 55.26
N ALA D 121 2.12 -2.24 56.19
CA ALA D 121 2.87 -3.50 56.06
C ALA D 121 2.58 -4.07 54.67
N GLY D 122 3.61 -4.52 53.96
CA GLY D 122 3.43 -5.02 52.60
C GLY D 122 3.85 -4.05 51.51
N ASP D 123 3.98 -2.77 51.84
CA ASP D 123 4.44 -1.80 50.86
C ASP D 123 5.90 -2.06 50.49
N ARG D 124 6.21 -1.89 49.22
CA ARG D 124 7.56 -2.10 48.73
C ARG D 124 8.33 -0.76 48.65
N VAL D 125 9.60 -0.79 49.03
CA VAL D 125 10.47 0.39 48.97
C VAL D 125 11.66 0.03 48.10
N LEU D 126 11.85 0.75 46.99
CA LEU D 126 12.95 0.47 46.08
C LEU D 126 13.94 1.61 46.14
N VAL D 127 15.20 1.28 46.38
CA VAL D 127 16.22 2.30 46.61
C VAL D 127 17.05 2.44 45.35
N ASP D 128 17.42 3.67 45.02
CA ASP D 128 18.38 3.92 43.96
C ASP D 128 17.97 3.25 42.65
N ASP D 129 16.71 3.43 42.29
CA ASP D 129 16.17 2.95 40.99
C ASP D 129 16.16 1.39 40.93
N GLY D 130 16.04 0.76 42.10
CA GLY D 130 15.89 -0.71 42.22
C GLY D 130 17.14 -1.50 42.55
N LYS D 131 18.18 -0.85 43.01
CA LYS D 131 19.42 -1.56 43.40
C LYS D 131 19.19 -2.38 44.64
N VAL D 132 18.32 -1.87 45.50
CA VAL D 132 18.04 -2.51 46.76
C VAL D 132 16.53 -2.48 46.87
N ALA D 133 15.94 -3.55 47.44
CA ALA D 133 14.49 -3.58 47.61
C ALA D 133 14.14 -4.02 49.04
N LEU D 134 13.23 -3.28 49.67
CA LEU D 134 12.76 -3.58 50.99
C LEU D 134 11.26 -3.79 50.98
N VAL D 135 10.75 -4.43 52.02
CA VAL D 135 9.34 -4.52 52.24
C VAL D 135 9.01 -4.05 53.65
N VAL D 136 7.97 -3.24 53.79
CA VAL D 136 7.57 -2.74 55.10
C VAL D 136 6.93 -3.88 55.91
N ASP D 137 7.42 -4.08 57.13
CA ASP D 137 6.87 -5.08 58.08
C ASP D 137 5.97 -4.42 59.10
N ALA D 138 6.33 -3.22 59.54
CA ALA D 138 5.42 -2.43 60.38
C ALA D 138 5.87 -0.98 60.45
N VAL D 139 4.96 -0.15 60.96
CA VAL D 139 5.25 1.20 61.35
C VAL D 139 5.20 1.34 62.88
N GLU D 140 6.31 1.78 63.48
CA GLU D 140 6.38 2.04 64.92
C GLU D 140 6.72 3.52 65.12
N GLY D 141 5.69 4.32 65.43
CA GLY D 141 5.84 5.76 65.54
C GLY D 141 6.39 6.34 64.25
N ASP D 142 7.58 6.92 64.35
CA ASP D 142 8.18 7.62 63.22
C ASP D 142 8.95 6.69 62.34
N ASP D 143 9.07 5.42 62.74
CA ASP D 143 9.92 4.46 62.05
C ASP D 143 9.13 3.50 61.14
N VAL D 144 9.60 3.34 59.91
CA VAL D 144 9.09 2.32 59.02
C VAL D 144 10.11 1.18 59.03
N VAL D 145 9.70 0.07 59.64
CA VAL D 145 10.57 -1.07 59.88
C VAL D 145 10.45 -2.02 58.70
N CYS D 146 11.58 -2.28 58.05
CA CYS D 146 11.58 -2.99 56.76
C CYS D 146 12.51 -4.16 56.79
N THR D 147 12.21 -5.13 55.95
CA THR D 147 13.10 -6.21 55.67
C THR D 147 13.68 -6.07 54.29
N VAL D 148 14.99 -6.24 54.21
CA VAL D 148 15.68 -6.18 52.93
C VAL D 148 15.45 -7.50 52.21
N VAL D 149 14.78 -7.42 51.05
CA VAL D 149 14.54 -8.59 50.28
C VAL D 149 15.54 -8.75 49.12
N GLU D 150 16.07 -7.63 48.65
CA GLU D 150 17.12 -7.65 47.63
C GLU D 150 18.19 -6.69 48.10
N GLY D 151 19.41 -7.21 48.30
CA GLY D 151 20.45 -6.50 49.02
C GLY D 151 21.38 -5.75 48.09
N GLY D 152 22.08 -4.78 48.64
CA GLY D 152 23.04 -4.02 47.84
C GLY D 152 23.58 -2.85 48.63
N PRO D 153 24.44 -2.03 47.98
CA PRO D 153 24.99 -0.86 48.63
C PRO D 153 23.98 0.26 48.65
N VAL D 154 23.96 1.03 49.75
CA VAL D 154 23.23 2.27 49.78
C VAL D 154 24.18 3.36 50.28
N SER D 155 23.86 4.59 49.95
CA SER D 155 24.71 5.69 50.32
C SER D 155 23.89 6.94 50.54
N ASP D 156 24.55 7.96 51.09
CA ASP D 156 23.90 9.23 51.47
C ASP D 156 22.98 9.71 50.38
N ASN D 157 21.76 10.07 50.78
CA ASN D 157 20.85 10.84 49.94
C ASN D 157 20.31 10.09 48.71
N LYS D 158 20.45 8.76 48.68
N LYS D 158 20.42 8.75 48.71
CA LYS D 158 19.90 7.97 47.57
CA LYS D 158 19.88 7.95 47.60
C LYS D 158 18.38 8.09 47.49
C LYS D 158 18.37 8.11 47.50
N GLY D 159 17.87 8.03 46.27
CA GLY D 159 16.44 8.14 46.03
C GLY D 159 15.73 6.86 46.44
N ILE D 160 14.49 6.98 46.87
CA ILE D 160 13.63 5.81 47.02
C ILE D 160 12.32 6.03 46.31
N SER D 161 11.75 4.92 45.89
CA SER D 161 10.48 4.92 45.21
C SER D 161 9.52 4.02 45.96
N LEU D 162 8.26 4.44 45.98
CA LEU D 162 7.22 3.74 46.68
C LEU D 162 6.15 3.37 45.68
N PRO D 163 6.45 2.43 44.78
CA PRO D 163 5.52 2.18 43.68
C PRO D 163 4.23 1.61 44.24
N GLY D 164 3.09 2.14 43.80
CA GLY D 164 1.80 1.68 44.33
C GLY D 164 1.48 2.25 45.72
N MET D 165 2.15 3.33 46.06
CA MET D 165 1.74 4.18 47.15
C MET D 165 1.58 5.58 46.56
N ASN D 166 0.42 6.20 46.79
CA ASN D 166 0.20 7.51 46.27
C ASN D 166 0.96 8.51 47.11
N VAL D 167 1.92 9.13 46.45
CA VAL D 167 2.73 10.17 47.06
C VAL D 167 2.01 11.53 46.97
N THR D 168 1.98 12.26 48.09
CA THR D 168 1.45 13.61 48.12
C THR D 168 2.61 14.60 48.24
N ALA D 169 2.76 15.43 47.23
CA ALA D 169 3.89 16.36 47.17
C ALA D 169 3.62 17.35 46.06
N PRO D 170 3.99 18.62 46.27
CA PRO D 170 3.74 19.60 45.23
C PRO D 170 4.65 19.37 44.02
N ALA D 171 4.14 19.68 42.83
CA ALA D 171 4.88 19.47 41.56
C ALA D 171 6.18 20.28 41.54
N LEU D 172 6.12 21.48 42.10
CA LEU D 172 7.30 22.30 42.38
C LEU D 172 7.41 22.53 43.88
N SER D 173 8.53 22.12 44.49
CA SER D 173 8.83 22.46 45.90
C SER D 173 9.39 23.87 46.01
N GLU D 174 9.61 24.34 47.23
CA GLU D 174 10.27 25.62 47.42
C GLU D 174 11.66 25.62 46.80
N LYS D 175 12.41 24.54 47.01
CA LYS D 175 13.73 24.37 46.39
C LYS D 175 13.66 24.43 44.86
N ASP D 176 12.66 23.79 44.26
CA ASP D 176 12.49 23.86 42.81
C ASP D 176 12.28 25.29 42.33
N ILE D 177 11.49 26.05 43.07
CA ILE D 177 11.17 27.43 42.70
C ILE D 177 12.41 28.29 42.78
N GLU D 178 13.20 28.10 43.82
CA GLU D 178 14.49 28.80 43.95
C GLU D 178 15.42 28.40 42.83
N ASP D 179 15.54 27.11 42.57
CA ASP D 179 16.41 26.61 41.49
C ASP D 179 15.99 27.16 40.11
N LEU D 180 14.67 27.22 39.87
CA LEU D 180 14.13 27.68 38.61
C LEU D 180 14.40 29.17 38.44
N THR D 181 14.28 29.91 39.53
CA THR D 181 14.52 31.35 39.54
C THR D 181 15.98 31.61 39.24
N PHE D 182 16.86 30.88 39.94
CA PHE D 182 18.30 30.97 39.72
C PHE D 182 18.62 30.64 38.26
N ALA D 183 18.03 29.56 37.74
CA ALA D 183 18.35 29.11 36.38
C ALA D 183 17.88 30.10 35.29
N LEU D 184 16.69 30.67 35.49
CA LEU D 184 16.15 31.65 34.56
C LEU D 184 17.03 32.89 34.56
N ASN D 185 17.38 33.37 35.75
CA ASN D 185 18.22 34.54 35.87
C ASN D 185 19.62 34.28 35.33
N LEU D 186 20.12 33.08 35.53
CA LEU D 186 21.44 32.71 35.03
C LEU D 186 21.48 32.73 33.48
N GLY D 187 20.35 32.38 32.85
CA GLY D 187 20.19 32.47 31.40
C GLY D 187 20.02 31.13 30.67
N VAL D 188 19.63 30.08 31.37
CA VAL D 188 19.47 28.76 30.71
C VAL D 188 18.42 28.81 29.59
N ASP D 189 18.47 27.84 28.68
CA ASP D 189 17.69 27.90 27.42
C ASP D 189 16.41 27.07 27.49
N MET D 190 16.40 26.09 28.38
CA MET D 190 15.23 25.26 28.60
C MET D 190 15.22 24.73 30.02
N VAL D 191 14.05 24.27 30.46
CA VAL D 191 13.86 23.74 31.79
C VAL D 191 13.14 22.41 31.71
N ALA D 192 13.60 21.44 32.48
CA ALA D 192 12.97 20.12 32.57
C ALA D 192 12.38 19.94 33.99
N LEU D 193 11.12 19.50 34.05
CA LEU D 193 10.45 19.23 35.31
C LEU D 193 10.31 17.71 35.55
N SER D 194 10.92 17.25 36.65
CA SER D 194 10.86 15.85 37.06
C SER D 194 9.46 15.49 37.65
N PHE D 195 9.06 14.26 37.44
CA PHE D 195 7.85 13.69 38.05
C PHE D 195 6.55 14.40 37.68
N VAL D 196 6.50 14.91 36.46
CA VAL D 196 5.28 15.45 35.91
C VAL D 196 4.17 14.40 35.99
N ARG D 197 2.99 14.84 36.39
CA ARG D 197 1.84 13.97 36.51
C ARG D 197 0.66 14.44 35.67
N SER D 198 0.64 15.74 35.35
CA SER D 198 -0.52 16.33 34.74
C SER D 198 -0.09 17.40 33.75
N PRO D 199 -0.88 17.61 32.67
CA PRO D 199 -0.65 18.75 31.79
C PRO D 199 -0.67 20.09 32.53
N ALA D 200 -1.42 20.19 33.61
CA ALA D 200 -1.52 21.44 34.37
C ALA D 200 -0.25 21.76 35.15
N ASP D 201 0.68 20.81 35.25
CA ASP D 201 1.97 21.09 35.92
C ASP D 201 2.74 22.17 35.18
N VAL D 202 2.54 22.28 33.86
CA VAL D 202 3.28 23.29 33.10
C VAL D 202 2.86 24.69 33.49
N GLU D 203 1.60 24.83 33.89
CA GLU D 203 1.06 26.10 34.34
C GLU D 203 1.75 26.60 35.59
N LEU D 204 2.12 25.71 36.49
CA LEU D 204 2.89 26.09 37.68
C LEU D 204 4.29 26.61 37.31
N VAL D 205 4.92 25.98 36.32
CA VAL D 205 6.24 26.44 35.88
C VAL D 205 6.12 27.83 35.21
N HIS D 206 5.06 27.99 34.40
CA HIS D 206 4.79 29.27 33.74
C HIS D 206 4.53 30.41 34.73
N GLU D 207 3.83 30.10 35.83
CA GLU D 207 3.62 31.07 36.92
C GLU D 207 4.94 31.70 37.40
N VAL D 208 5.89 30.84 37.72
CA VAL D 208 7.20 31.31 38.19
C VAL D 208 7.88 32.13 37.10
N MET D 209 7.90 31.58 35.90
CA MET D 209 8.51 32.25 34.75
C MET D 209 7.96 33.66 34.56
N ASP D 210 6.64 33.82 34.68
CA ASP D 210 6.00 35.09 34.39
C ASP D 210 6.23 36.10 35.49
N ARG D 211 6.29 35.63 36.73
CA ARG D 211 6.66 36.48 37.84
C ARG D 211 8.09 37.00 37.66
N ILE D 212 9.01 36.12 37.25
CA ILE D 212 10.41 36.49 37.10
C ILE D 212 10.63 37.28 35.81
N GLY D 213 9.77 37.07 34.83
CA GLY D 213 9.77 37.88 33.62
C GLY D 213 10.50 37.23 32.45
N ARG D 214 10.64 35.91 32.49
CA ARG D 214 11.37 35.20 31.45
C ARG D 214 10.83 33.78 31.27
N ARG D 215 10.27 33.50 30.09
CA ARG D 215 9.93 32.13 29.70
C ARG D 215 11.00 31.48 28.86
N VAL D 216 11.15 30.17 29.05
CA VAL D 216 11.94 29.35 28.15
C VAL D 216 11.12 28.05 27.99
N PRO D 217 11.44 27.26 26.97
CA PRO D 217 10.72 25.99 26.76
C PRO D 217 10.79 25.03 27.94
N VAL D 218 9.67 24.34 28.18
CA VAL D 218 9.55 23.39 29.28
C VAL D 218 9.44 21.97 28.77
N ILE D 219 10.33 21.13 29.28
CA ILE D 219 10.34 19.68 29.06
C ILE D 219 9.68 18.93 30.20
N ALA D 220 8.70 18.11 29.88
CA ALA D 220 8.10 17.23 30.86
C ALA D 220 8.91 15.95 30.91
N LYS D 221 9.48 15.64 32.07
CA LYS D 221 10.06 14.32 32.28
C LYS D 221 8.97 13.28 32.59
N LEU D 222 9.01 12.18 31.84
CA LEU D 222 8.01 11.14 31.93
C LEU D 222 8.60 10.01 32.76
N GLU D 223 8.13 9.89 34.00
CA GLU D 223 8.66 8.92 34.94
C GLU D 223 7.65 8.51 36.00
N LYS D 224 6.37 8.68 35.70
CA LYS D 224 5.27 8.35 36.61
C LYS D 224 4.16 7.73 35.79
N PRO D 225 3.43 6.78 36.37
CA PRO D 225 2.30 6.22 35.62
C PRO D 225 1.28 7.28 35.18
N GLU D 226 1.04 8.29 36.02
CA GLU D 226 0.05 9.34 35.70
C GLU D 226 0.46 10.09 34.43
N ALA D 227 1.76 10.30 34.28
CA ALA D 227 2.30 10.93 33.08
C ALA D 227 1.97 10.11 31.83
N ILE D 228 2.12 8.80 31.93
CA ILE D 228 1.87 7.93 30.78
C ILE D 228 0.37 7.85 30.49
N ASP D 229 -0.46 7.83 31.54
CA ASP D 229 -1.91 7.89 31.35
C ASP D 229 -2.36 9.18 30.66
N ASN D 230 -1.63 10.26 30.89
CA ASN D 230 -1.98 11.57 30.37
C ASN D 230 -1.02 11.97 29.26
N LEU D 231 -0.44 10.99 28.57
CA LEU D 231 0.70 11.25 27.68
C LEU D 231 0.41 12.27 26.61
N GLU D 232 -0.72 12.12 25.92
CA GLU D 232 -1.00 13.02 24.83
C GLU D 232 -1.23 14.43 25.34
N ALA D 233 -2.01 14.58 26.42
CA ALA D 233 -2.29 15.92 26.92
C ALA D 233 -0.99 16.56 27.42
N ILE D 234 -0.07 15.76 27.94
CA ILE D 234 1.23 16.30 28.40
C ILE D 234 2.11 16.76 27.22
N VAL D 235 2.19 15.94 26.18
CA VAL D 235 2.94 16.31 24.97
C VAL D 235 2.39 17.63 24.38
N LEU D 236 1.08 17.80 24.43
CA LEU D 236 0.44 18.98 23.90
C LEU D 236 0.72 20.20 24.74
N ALA D 237 0.71 20.03 26.05
CA ALA D 237 0.83 21.17 27.00
C ALA D 237 2.26 21.62 27.18
N PHE D 238 3.21 20.70 27.12
CA PHE D 238 4.64 21.05 27.31
C PHE D 238 5.30 21.29 25.94
N ASP D 239 6.55 21.73 25.94
CA ASP D 239 7.24 22.05 24.70
C ASP D 239 8.04 20.86 24.18
N ALA D 240 8.27 19.90 25.06
CA ALA D 240 9.09 18.75 24.75
C ALA D 240 8.93 17.70 25.85
N VAL D 241 9.40 16.48 25.60
CA VAL D 241 9.34 15.44 26.60
C VAL D 241 10.64 14.67 26.68
N MET D 242 10.88 14.11 27.86
CA MET D 242 12.02 13.24 28.13
C MET D 242 11.49 11.93 28.68
N VAL D 243 11.87 10.83 28.04
CA VAL D 243 11.62 9.52 28.60
C VAL D 243 12.68 9.26 29.68
N ALA D 244 12.29 9.48 30.91
CA ALA D 244 13.20 9.43 32.05
C ALA D 244 13.19 8.01 32.64
N ARG D 245 13.95 7.13 32.01
CA ARG D 245 13.71 5.67 32.14
C ARG D 245 14.11 5.10 33.47
N GLY D 246 15.04 5.80 34.15
CA GLY D 246 15.46 5.40 35.49
C GLY D 246 14.30 5.27 36.45
N ASP D 247 13.65 6.40 36.72
CA ASP D 247 12.52 6.40 37.61
C ASP D 247 11.30 5.70 36.97
N LEU D 248 11.12 5.85 35.67
CA LEU D 248 9.96 5.25 35.01
C LEU D 248 9.94 3.71 35.22
N GLY D 249 11.11 3.09 35.20
CA GLY D 249 11.23 1.64 35.38
C GLY D 249 11.23 1.15 36.80
N VAL D 250 11.07 2.07 37.77
CA VAL D 250 10.68 1.68 39.10
C VAL D 250 9.26 2.04 39.39
N GLU D 251 8.80 3.16 38.87
CA GLU D 251 7.41 3.58 39.06
C GLU D 251 6.44 2.71 38.27
N LEU D 252 6.92 2.13 37.16
CA LEU D 252 6.21 1.14 36.36
C LEU D 252 7.04 -0.13 36.38
N PRO D 253 6.43 -1.28 36.08
CA PRO D 253 7.26 -2.48 35.92
C PRO D 253 8.30 -2.24 34.81
N LEU D 254 9.53 -2.62 35.06
CA LEU D 254 10.61 -2.29 34.14
C LEU D 254 10.35 -2.89 32.76
N GLU D 255 9.60 -3.99 32.70
CA GLU D 255 9.30 -4.62 31.41
C GLU D 255 8.33 -3.80 30.51
N GLU D 256 7.66 -2.80 31.08
CA GLU D 256 6.75 -1.97 30.35
C GLU D 256 7.40 -0.74 29.71
N VAL D 257 8.64 -0.45 30.10
CA VAL D 257 9.31 0.76 29.64
C VAL D 257 9.58 0.79 28.13
N PRO D 258 10.02 -0.35 27.54
CA PRO D 258 10.36 -0.28 26.09
C PRO D 258 9.20 0.14 25.18
N LEU D 259 8.03 -0.37 25.41
CA LEU D 259 6.92 0.06 24.55
C LEU D 259 6.42 1.48 24.95
N VAL D 260 6.55 1.86 26.22
CA VAL D 260 6.19 3.21 26.59
C VAL D 260 7.11 4.21 25.87
N GLN D 261 8.43 3.94 25.89
CA GLN D 261 9.40 4.74 25.21
C GLN D 261 9.00 4.99 23.76
N LYS D 262 8.66 3.93 23.07
CA LYS D 262 8.35 4.03 21.66
C LYS D 262 7.06 4.81 21.43
N ARG D 263 6.05 4.58 22.28
CA ARG D 263 4.79 5.35 22.21
C ARG D 263 5.07 6.88 22.39
N ALA D 264 5.94 7.21 23.33
CA ALA D 264 6.17 8.57 23.69
C ALA D 264 6.93 9.31 22.56
N ILE D 265 7.91 8.64 21.98
CA ILE D 265 8.64 9.17 20.85
C ILE D 265 7.69 9.42 19.66
N GLN D 266 6.85 8.44 19.34
CA GLN D 266 5.90 8.60 18.26
C GLN D 266 4.95 9.78 18.50
N MET D 267 4.44 9.90 19.72
CA MET D 267 3.50 10.97 20.07
C MET D 267 4.17 12.35 19.93
N ALA D 268 5.39 12.48 20.44
CA ALA D 268 6.16 13.70 20.30
C ALA D 268 6.33 14.07 18.82
N ARG D 269 6.73 13.11 17.99
CA ARG D 269 6.92 13.37 16.56
C ARG D 269 5.63 13.77 15.86
N GLU D 270 4.52 13.10 16.19
CA GLU D 270 3.20 13.46 15.57
C GLU D 270 2.81 14.91 15.90
N ASN D 271 3.28 15.39 17.05
CA ASN D 271 2.98 16.73 17.51
C ASN D 271 4.12 17.75 17.32
N ALA D 272 5.17 17.32 16.63
CA ALA D 272 6.30 18.16 16.32
C ALA D 272 6.92 18.75 17.60
N LYS D 273 7.04 17.93 18.61
CA LYS D 273 7.72 18.34 19.86
C LYS D 273 8.98 17.51 20.01
N PRO D 274 10.08 18.12 20.45
CA PRO D 274 11.29 17.32 20.75
C PRO D 274 11.08 16.22 21.81
N VAL D 275 11.73 15.08 21.59
CA VAL D 275 11.78 13.98 22.56
C VAL D 275 13.23 13.51 22.81
N ILE D 276 13.58 13.46 24.09
CA ILE D 276 14.85 12.98 24.57
C ILE D 276 14.65 11.61 25.26
N VAL D 277 15.50 10.63 24.92
CA VAL D 277 15.50 9.33 25.58
C VAL D 277 16.68 9.32 26.56
N ALA D 278 16.41 9.03 27.83
CA ALA D 278 17.40 9.22 28.89
C ALA D 278 17.61 8.00 29.75
N THR D 279 18.85 7.85 30.22
CA THR D 279 19.19 7.08 31.42
C THR D 279 19.57 5.64 31.14
N GLN D 280 20.79 5.31 31.59
CA GLN D 280 21.41 4.00 31.46
C GLN D 280 21.66 3.54 30.02
N MET D 281 21.67 4.46 29.07
CA MET D 281 21.86 4.09 27.68
C MET D 281 23.22 3.45 27.49
N LEU D 282 24.24 3.96 28.20
CA LEU D 282 25.59 3.39 28.12
C LEU D 282 26.11 3.22 29.56
N ASP D 283 25.22 2.77 30.44
CA ASP D 283 25.45 2.73 31.90
C ASP D 283 26.83 2.17 32.28
N SER D 284 27.23 1.05 31.67
CA SER D 284 28.44 0.36 32.08
C SER D 284 29.69 1.22 31.83
N MET D 285 29.56 2.24 30.99
CA MET D 285 30.68 3.14 30.72
C MET D 285 30.96 4.12 31.86
N ILE D 286 30.16 4.08 32.91
CA ILE D 286 30.55 4.71 34.18
C ILE D 286 31.87 4.13 34.68
N GLU D 287 32.06 2.83 34.50
CA GLU D 287 33.30 2.15 34.95
C GLU D 287 34.15 1.56 33.84
N ASN D 288 33.60 1.38 32.64
CA ASN D 288 34.26 0.59 31.57
C ASN D 288 34.43 1.45 30.33
N SER D 289 35.51 1.23 29.59
CA SER D 289 35.89 2.02 28.44
C SER D 289 35.03 1.69 27.19
N ARG D 290 34.36 0.55 27.22
CA ARG D 290 33.53 0.10 26.14
C ARG D 290 32.21 -0.39 26.76
N PRO D 291 31.10 -0.17 26.04
CA PRO D 291 29.78 -0.51 26.54
C PRO D 291 29.42 -2.01 26.34
N THR D 292 28.34 -2.45 26.92
CA THR D 292 27.85 -3.82 26.67
C THR D 292 27.11 -3.90 25.32
N ARG D 293 26.84 -5.11 24.86
CA ARG D 293 26.14 -5.26 23.59
C ARG D 293 24.68 -4.77 23.70
N ALA D 294 24.12 -4.92 24.88
CA ALA D 294 22.76 -4.41 25.13
C ALA D 294 22.75 -2.91 25.05
N GLU D 295 23.80 -2.29 25.52
CA GLU D 295 23.89 -0.82 25.51
C GLU D 295 23.99 -0.23 24.11
N ALA D 296 24.83 -0.82 23.26
CA ALA D 296 24.91 -0.37 21.89
C ALA D 296 23.58 -0.58 21.19
N SER D 297 22.93 -1.69 21.50
CA SER D 297 21.62 -1.99 20.92
C SER D 297 20.59 -0.92 21.34
N ASP D 298 20.60 -0.59 22.63
CA ASP D 298 19.63 0.36 23.16
C ASP D 298 19.80 1.74 22.47
N VAL D 299 21.03 2.18 22.29
CA VAL D 299 21.30 3.45 21.59
C VAL D 299 20.82 3.37 20.13
N ALA D 300 21.23 2.34 19.41
CA ALA D 300 20.78 2.15 18.03
C ALA D 300 19.26 2.15 17.92
N ASN D 301 18.59 1.43 18.83
CA ASN D 301 17.16 1.30 18.76
C ASN D 301 16.38 2.60 19.07
N ALA D 302 16.93 3.41 19.98
CA ALA D 302 16.35 4.72 20.28
C ALA D 302 16.47 5.65 19.04
N VAL D 303 17.55 5.48 18.27
CA VAL D 303 17.66 6.17 16.98
C VAL D 303 16.58 5.73 16.00
N LEU D 304 16.44 4.40 15.84
CA LEU D 304 15.47 3.85 14.94
C LEU D 304 14.05 4.17 15.33
N ASP D 305 13.82 4.33 16.63
CA ASP D 305 12.48 4.65 17.15
C ASP D 305 12.07 6.06 16.68
N GLY D 306 13.05 6.90 16.38
CA GLY D 306 12.76 8.30 16.01
C GLY D 306 13.08 9.39 17.01
N ALA D 307 13.90 9.11 18.03
CA ALA D 307 14.23 10.11 19.03
C ALA D 307 15.03 11.31 18.43
N ASP D 308 14.73 12.50 18.90
CA ASP D 308 15.48 13.71 18.49
C ASP D 308 16.86 13.63 19.12
N ALA D 309 16.89 13.21 20.38
CA ALA D 309 18.08 13.29 21.21
C ALA D 309 18.16 12.15 22.18
N LEU D 310 19.41 11.80 22.53
CA LEU D 310 19.69 10.77 23.52
C LEU D 310 20.56 11.41 24.58
N MET D 311 20.37 10.98 25.82
CA MET D 311 21.00 11.63 26.96
C MET D 311 21.97 10.69 27.65
N LEU D 312 23.08 11.25 28.10
CA LEU D 312 23.96 10.59 29.01
C LEU D 312 23.82 11.24 30.38
N SER D 313 23.75 10.43 31.43
CA SER D 313 23.66 10.93 32.81
C SER D 313 24.94 10.69 33.58
N GLY D 314 24.99 9.65 34.40
CA GLY D 314 26.19 9.36 35.13
C GLY D 314 27.40 9.06 34.26
N GLU D 315 27.16 8.55 33.08
CA GLU D 315 28.24 8.30 32.08
C GLU D 315 29.13 9.54 31.86
N THR D 316 28.53 10.72 31.93
CA THR D 316 29.32 11.99 31.83
C THR D 316 29.45 12.73 33.14
N SER D 317 28.45 12.64 34.03
CA SER D 317 28.46 13.50 35.23
C SER D 317 29.38 12.98 36.36
N VAL D 318 29.46 11.66 36.53
CA VAL D 318 30.32 11.10 37.59
C VAL D 318 31.26 10.01 37.11
N GLY D 319 31.10 9.54 35.88
CA GLY D 319 31.83 8.35 35.41
C GLY D 319 33.28 8.57 35.11
N LYS D 320 33.99 7.47 34.81
CA LYS D 320 35.45 7.54 34.56
C LYS D 320 35.77 7.87 33.11
N TYR D 321 34.77 7.78 32.22
CA TYR D 321 35.01 7.90 30.78
C TYR D 321 34.05 8.85 30.08
N PRO D 322 33.93 10.10 30.57
CA PRO D 322 32.85 10.97 30.03
C PRO D 322 33.01 11.26 28.55
N LEU D 323 34.25 11.49 28.12
CA LEU D 323 34.50 11.81 26.71
C LEU D 323 34.27 10.59 25.84
N ALA D 324 34.81 9.46 26.27
CA ALA D 324 34.59 8.21 25.53
C ALA D 324 33.10 7.86 25.43
N ALA D 325 32.31 8.18 26.46
CA ALA D 325 30.87 7.87 26.40
C ALA D 325 30.21 8.69 25.28
N VAL D 326 30.55 9.99 25.20
CA VAL D 326 30.01 10.83 24.13
C VAL D 326 30.45 10.33 22.76
N ARG D 327 31.73 10.01 22.62
CA ARG D 327 32.24 9.56 21.33
C ARG D 327 31.59 8.28 20.91
N THR D 328 31.45 7.37 21.87
CA THR D 328 30.84 6.06 21.62
C THR D 328 29.39 6.20 21.21
N MET D 329 28.63 7.02 21.95
CA MET D 329 27.24 7.31 21.59
C MET D 329 27.16 7.88 20.16
N SER D 330 28.04 8.81 19.83
CA SER D 330 28.00 9.44 18.52
C SER D 330 28.32 8.42 17.43
N ARG D 331 29.32 7.57 17.66
CA ARG D 331 29.61 6.50 16.69
C ARG D 331 28.42 5.57 16.40
N ILE D 332 27.65 5.26 17.43
CA ILE D 332 26.53 4.34 17.28
C ILE D 332 25.44 5.03 16.49
N ILE D 333 25.19 6.28 16.82
CA ILE D 333 24.14 7.03 16.15
C ILE D 333 24.47 7.12 14.68
N CYS D 334 25.73 7.45 14.37
CA CYS D 334 26.17 7.62 12.98
C CYS D 334 26.14 6.30 12.19
N ALA D 335 26.49 5.21 12.82
CA ALA D 335 26.43 3.91 12.15
C ALA D 335 25.01 3.60 11.70
N VAL D 336 24.02 3.86 12.56
CA VAL D 336 22.63 3.65 12.20
C VAL D 336 22.19 4.59 11.10
N GLU D 337 22.52 5.87 11.25
CA GLU D 337 22.13 6.88 10.28
C GLU D 337 22.71 6.67 8.92
N GLU D 338 23.92 6.15 8.86
CA GLU D 338 24.57 5.88 7.59
C GLU D 338 23.77 4.88 6.77
N ASN D 339 23.21 3.88 7.45
CA ASN D 339 22.31 2.93 6.79
C ASN D 339 21.02 3.62 6.31
N SER D 340 20.34 4.33 7.21
CA SER D 340 19.14 5.07 6.85
C SER D 340 18.73 6.05 7.96
N THR D 341 18.18 7.20 7.57
CA THR D 341 17.62 8.14 8.56
C THR D 341 16.10 7.93 8.77
N ALA D 342 15.52 6.93 8.10
CA ALA D 342 14.06 6.74 8.16
C ALA D 342 13.60 6.56 9.60
N ALA D 343 12.49 7.19 9.92
CA ALA D 343 11.81 6.98 11.19
C ALA D 343 10.47 6.30 10.91
N PRO D 344 9.80 5.80 11.94
CA PRO D 344 8.46 5.27 11.71
C PRO D 344 7.52 6.31 11.08
N PRO D 345 6.67 5.89 10.15
CA PRO D 345 5.82 6.89 9.53
C PRO D 345 4.91 7.59 10.55
N LEU D 346 4.55 8.84 10.29
CA LEU D 346 3.51 9.50 11.08
C LEU D 346 2.19 8.92 10.66
N THR D 347 1.24 8.82 11.57
CA THR D 347 -0.04 8.16 11.26
C THR D 347 -1.09 9.12 10.74
N HIS D 348 -0.81 10.43 10.78
CA HIS D 348 -1.69 11.43 10.20
C HIS D 348 -0.95 12.24 9.15
N ILE D 349 -1.64 12.50 8.05
CA ILE D 349 -1.17 13.47 7.08
C ILE D 349 -1.23 14.87 7.72
N PRO D 350 -0.18 15.64 7.57
CA PRO D 350 -0.19 17.00 8.12
C PRO D 350 -1.42 17.85 7.77
N ARG D 351 -1.94 18.56 8.76
CA ARG D 351 -3.15 19.36 8.63
C ARG D 351 -2.89 20.88 8.68
N THR D 352 -1.86 21.30 9.42
CA THR D 352 -1.58 22.73 9.60
C THR D 352 -0.80 23.26 8.42
N LYS D 353 -0.88 24.55 8.20
CA LYS D 353 -0.14 25.18 7.13
C LYS D 353 1.34 24.88 7.25
N ARG D 354 1.91 25.05 8.43
CA ARG D 354 3.34 24.82 8.58
C ARG D 354 3.70 23.35 8.32
N GLY D 355 2.85 22.44 8.76
CA GLY D 355 3.10 21.01 8.55
C GLY D 355 2.99 20.61 7.09
N VAL D 356 1.99 21.17 6.43
CA VAL D 356 1.69 20.83 5.04
C VAL D 356 2.84 21.32 4.17
N ILE D 357 3.28 22.56 4.44
CA ILE D 357 4.37 23.17 3.69
C ILE D 357 5.72 22.52 3.96
N SER D 358 6.02 22.22 5.22
CA SER D 358 7.28 21.54 5.52
C SER D 358 7.33 20.14 4.87
N TYR D 359 6.21 19.46 4.83
CA TYR D 359 6.14 18.15 4.22
C TYR D 359 6.37 18.26 2.70
N ALA D 360 5.71 19.21 2.07
CA ALA D 360 5.89 19.48 0.65
C ALA D 360 7.34 19.87 0.34
N ALA D 361 7.95 20.69 1.20
CA ALA D 361 9.32 21.13 0.97
C ALA D 361 10.27 19.96 0.98
N ARG D 362 10.05 19.03 1.90
CA ARG D 362 10.84 17.82 1.93
C ARG D 362 10.72 17.02 0.66
N ASP D 363 9.48 16.83 0.18
CA ASP D 363 9.21 16.15 -1.11
C ASP D 363 10.04 16.78 -2.22
N ILE D 364 9.92 18.10 -2.35
CA ILE D 364 10.56 18.82 -3.45
C ILE D 364 12.07 18.65 -3.39
N GLY D 365 12.62 18.86 -2.21
CA GLY D 365 14.05 18.80 -2.00
C GLY D 365 14.62 17.44 -2.32
N GLU D 366 13.98 16.39 -1.80
CA GLU D 366 14.44 15.05 -2.09
C GLU D 366 14.31 14.67 -3.58
N ARG D 367 13.18 15.02 -4.20
CA ARG D 367 12.95 14.60 -5.56
C ARG D 367 13.84 15.37 -6.56
N LEU D 368 14.19 16.60 -6.22
CA LEU D 368 15.09 17.40 -7.05
C LEU D 368 16.56 17.28 -6.64
N ASP D 369 16.86 16.42 -5.67
CA ASP D 369 18.23 16.24 -5.20
C ASP D 369 18.89 17.53 -4.75
N ALA D 370 18.18 18.30 -3.95
CA ALA D 370 18.71 19.56 -3.44
C ALA D 370 19.83 19.28 -2.42
N LYS D 371 20.72 20.26 -2.22
CA LYS D 371 21.83 20.10 -1.27
C LYS D 371 21.37 20.32 0.17
N ALA D 372 20.26 21.03 0.35
CA ALA D 372 19.77 21.32 1.69
C ALA D 372 18.36 21.82 1.67
N LEU D 373 17.70 21.62 2.80
CA LEU D 373 16.43 22.21 3.08
C LEU D 373 16.66 23.31 4.10
N VAL D 374 16.08 24.46 3.80
CA VAL D 374 16.32 25.65 4.62
C VAL D 374 14.94 26.13 5.08
N ALA D 375 14.80 26.41 6.36
CA ALA D 375 13.52 26.93 6.86
C ALA D 375 13.71 28.06 7.85
N PHE D 376 13.00 29.16 7.58
CA PHE D 376 12.97 30.29 8.49
C PHE D 376 11.94 30.04 9.57
N THR D 377 12.35 30.30 10.81
CA THR D 377 11.52 30.05 11.94
C THR D 377 11.82 31.01 13.06
N GLN D 378 10.73 31.54 13.61
CA GLN D 378 10.78 32.49 14.68
C GLN D 378 10.67 31.78 16.06
N SER D 379 9.82 30.75 16.13
CA SER D 379 9.60 29.98 17.35
C SER D 379 10.24 28.61 17.30
N GLY D 380 10.65 28.19 16.10
CA GLY D 380 11.18 26.82 15.92
C GLY D 380 10.17 25.91 15.25
N ASP D 381 8.90 26.27 15.29
CA ASP D 381 7.83 25.37 14.87
C ASP D 381 7.97 24.87 13.43
N THR D 382 8.24 25.77 12.49
CA THR D 382 8.26 25.34 11.08
C THR D 382 9.36 24.27 10.89
N VAL D 383 10.51 24.50 11.55
CA VAL D 383 11.65 23.59 11.47
C VAL D 383 11.38 22.27 12.17
N ARG D 384 10.77 22.33 13.35
CA ARG D 384 10.35 21.10 14.03
C ARG D 384 9.38 20.24 13.22
N ARG D 385 8.46 20.86 12.48
CA ARG D 385 7.54 20.10 11.65
C ARG D 385 8.22 19.39 10.50
N LEU D 386 9.34 19.94 10.03
CA LEU D 386 10.18 19.28 9.04
C LEU D 386 11.10 18.25 9.68
N ALA D 387 11.75 18.61 10.79
CA ALA D 387 12.73 17.71 11.41
C ALA D 387 12.14 16.36 11.77
N ARG D 388 10.91 16.38 12.29
CA ARG D 388 10.30 15.16 12.73
C ARG D 388 10.07 14.18 11.57
N LEU D 389 10.14 14.63 10.33
CA LEU D 389 9.93 13.77 9.18
C LEU D 389 11.17 12.94 8.93
N HIS D 390 12.30 13.45 9.35
CA HIS D 390 13.59 12.86 9.03
C HIS D 390 13.77 12.97 7.51
N THR D 391 14.96 13.34 7.11
CA THR D 391 15.36 13.41 5.74
C THR D 391 16.88 13.26 5.76
N PRO D 392 17.43 12.60 4.76
CA PRO D 392 18.86 12.53 4.66
C PRO D 392 19.46 13.88 4.29
N LEU D 393 18.64 14.84 3.87
CA LEU D 393 19.17 16.17 3.52
C LEU D 393 19.50 16.98 4.79
N PRO D 394 20.58 17.79 4.75
CA PRO D 394 20.74 18.82 5.74
C PRO D 394 19.48 19.66 5.93
N LEU D 395 19.21 19.96 7.20
CA LEU D 395 18.11 20.81 7.60
C LEU D 395 18.69 22.06 8.33
N LEU D 396 18.54 23.20 7.67
CA LEU D 396 19.17 24.44 8.10
C LEU D 396 18.11 25.41 8.51
N ALA D 397 18.06 25.67 9.80
CA ALA D 397 17.12 26.61 10.36
C ALA D 397 17.72 27.99 10.31
N PHE D 398 16.91 28.96 9.91
CA PHE D 398 17.33 30.35 9.92
C PHE D 398 16.40 31.11 10.85
N THR D 399 16.98 31.96 11.67
CA THR D 399 16.22 32.73 12.63
C THR D 399 16.93 34.04 12.94
N ALA D 400 16.21 34.97 13.55
CA ALA D 400 16.77 36.22 14.02
C ALA D 400 16.96 36.22 15.53
N TRP D 401 16.47 35.18 16.19
CA TRP D 401 16.47 35.12 17.63
C TRP D 401 17.50 34.13 18.14
N PRO D 402 18.59 34.62 18.77
CA PRO D 402 19.70 33.77 19.17
C PRO D 402 19.30 32.57 20.04
N GLU D 403 18.32 32.77 20.92
CA GLU D 403 17.89 31.70 21.83
C GLU D 403 17.34 30.51 21.04
N VAL D 404 16.78 30.78 19.84
CA VAL D 404 16.24 29.70 19.01
C VAL D 404 17.34 28.74 18.53
N ARG D 405 18.54 29.26 18.32
CA ARG D 405 19.65 28.38 17.97
C ARG D 405 19.97 27.40 19.10
N SER D 406 19.93 27.88 20.34
CA SER D 406 20.21 27.00 21.47
C SER D 406 19.05 26.02 21.70
N GLN D 407 17.83 26.48 21.48
CA GLN D 407 16.65 25.63 21.66
C GLN D 407 16.62 24.48 20.64
N LEU D 408 17.00 24.79 19.41
CA LEU D 408 16.99 23.85 18.33
C LEU D 408 18.16 22.88 18.39
N ALA D 409 19.06 23.09 19.34
CA ALA D 409 20.15 22.17 19.54
C ALA D 409 19.62 20.78 19.90
N MET D 410 18.42 20.70 20.48
CA MET D 410 17.84 19.40 20.81
C MET D 410 16.93 18.82 19.74
N THR D 411 16.74 19.52 18.61
CA THR D 411 15.83 19.06 17.57
C THR D 411 16.62 18.26 16.52
N TRP D 412 16.06 17.11 16.13
CA TRP D 412 16.70 16.23 15.15
C TRP D 412 17.23 16.92 13.90
N GLY D 413 18.50 16.65 13.60
CA GLY D 413 19.06 16.85 12.30
C GLY D 413 19.24 18.30 11.90
N THR D 414 19.13 19.21 12.87
CA THR D 414 19.01 20.62 12.59
C THR D 414 20.24 21.45 13.05
N GLU D 415 20.72 22.30 12.15
CA GLU D 415 21.72 23.33 12.47
C GLU D 415 21.05 24.67 12.24
N THR D 416 21.39 25.66 13.06
CA THR D 416 20.73 26.94 13.00
C THR D 416 21.70 28.09 12.70
N PHE D 417 21.23 29.02 11.86
CA PHE D 417 21.97 30.22 11.47
C PHE D 417 21.19 31.41 11.96
N ILE D 418 21.89 32.28 12.68
CA ILE D 418 21.31 33.54 13.14
C ILE D 418 21.58 34.62 12.09
N VAL D 419 20.52 35.30 11.69
CA VAL D 419 20.65 36.38 10.70
C VAL D 419 19.79 37.54 11.14
N PRO D 420 19.94 38.68 10.49
CA PRO D 420 19.17 39.83 10.92
C PRO D 420 17.67 39.62 10.70
N LYS D 421 16.85 40.37 11.43
CA LYS D 421 15.41 40.39 11.21
C LYS D 421 15.13 41.10 9.89
N MET D 422 14.49 40.41 8.95
CA MET D 422 14.34 40.93 7.60
C MET D 422 12.94 41.44 7.36
N GLN D 423 12.78 42.30 6.36
CA GLN D 423 11.50 42.95 6.07
C GLN D 423 10.83 42.36 4.85
N SER D 424 11.40 41.30 4.29
CA SER D 424 10.86 40.71 3.08
C SER D 424 11.39 39.29 2.90
N THR D 425 10.65 38.45 2.17
CA THR D 425 11.14 37.12 1.92
C THR D 425 12.34 37.13 0.95
N ASP D 426 12.40 38.12 0.04
CA ASP D 426 13.56 38.26 -0.84
C ASP D 426 14.83 38.45 0.02
N GLY D 427 14.69 39.28 1.05
CA GLY D 427 15.77 39.55 1.99
C GLY D 427 16.17 38.31 2.74
N MET D 428 15.18 37.57 3.22
CA MET D 428 15.45 36.27 3.84
C MET D 428 16.32 35.39 2.93
N ILE D 429 15.93 35.31 1.65
CA ILE D 429 16.65 34.47 0.72
C ILE D 429 18.08 34.95 0.46
N ARG D 430 18.26 36.27 0.35
CA ARG D 430 19.62 36.83 0.27
C ARG D 430 20.46 36.47 1.49
N GLN D 431 19.85 36.46 2.67
CA GLN D 431 20.60 36.11 3.89
C GLN D 431 21.03 34.64 3.86
N VAL D 432 20.22 33.79 3.23
CA VAL D 432 20.58 32.40 3.10
C VAL D 432 21.85 32.28 2.31
N ASP D 433 21.92 32.96 1.18
CA ASP D 433 23.07 32.85 0.34
C ASP D 433 24.32 33.39 1.04
N LYS D 434 24.17 34.54 1.71
CA LYS D 434 25.32 35.15 2.38
C LYS D 434 25.84 34.20 3.44
N SER D 435 24.95 33.66 4.28
CA SER D 435 25.36 32.76 5.35
C SER D 435 26.01 31.49 4.81
N LEU D 436 25.38 30.87 3.83
CA LEU D 436 25.87 29.57 3.35
C LEU D 436 27.17 29.69 2.58
N LEU D 437 27.34 30.79 1.89
CA LEU D 437 28.54 30.96 1.07
C LEU D 437 29.79 31.15 1.91
N GLU D 438 29.62 31.54 3.17
CA GLU D 438 30.74 31.67 4.09
C GLU D 438 31.24 30.29 4.54
N LEU D 439 30.42 29.25 4.37
CA LEU D 439 30.83 27.87 4.65
C LEU D 439 31.61 27.28 3.48
N ALA D 440 32.66 26.52 3.78
CA ALA D 440 33.40 25.80 2.75
C ALA D 440 32.48 24.83 1.99
N ARG D 441 31.52 24.26 2.70
CA ARG D 441 30.61 23.24 2.20
C ARG D 441 29.67 23.67 1.05
N TYR D 442 29.31 24.95 0.99
CA TYR D 442 28.35 25.40 -0.05
C TYR D 442 28.99 26.34 -1.06
N LYS D 443 28.56 26.27 -2.32
CA LYS D 443 29.06 27.18 -3.35
C LYS D 443 27.95 27.71 -4.26
N ARG D 444 28.31 28.70 -5.06
CA ARG D 444 27.37 29.29 -6.00
C ARG D 444 26.87 28.24 -6.94
N GLY D 445 25.58 28.26 -7.18
CA GLY D 445 24.97 27.27 -8.06
C GLY D 445 24.29 26.13 -7.31
N ASP D 446 24.61 25.95 -6.04
CA ASP D 446 24.05 24.84 -5.26
C ASP D 446 22.55 25.00 -5.10
N LEU D 447 21.82 23.92 -5.29
CA LEU D 447 20.36 23.96 -5.24
C LEU D 447 19.90 23.79 -3.81
N VAL D 448 19.04 24.68 -3.37
CA VAL D 448 18.47 24.58 -2.04
C VAL D 448 16.98 24.83 -2.15
N VAL D 449 16.23 24.28 -1.21
CA VAL D 449 14.81 24.53 -1.13
C VAL D 449 14.58 25.34 0.15
N ILE D 450 13.96 26.51 -0.01
CA ILE D 450 13.80 27.45 1.09
C ILE D 450 12.34 27.63 1.46
N VAL D 451 12.05 27.42 2.72
CA VAL D 451 10.74 27.68 3.26
C VAL D 451 10.77 28.99 4.05
N ALA D 452 9.83 29.89 3.73
CA ALA D 452 9.76 31.19 4.41
C ALA D 452 8.33 31.66 4.48
N GLY D 453 8.10 32.86 5.02
CA GLY D 453 6.75 33.34 5.12
C GLY D 453 6.66 34.86 5.29
N ALA D 454 5.59 35.42 4.73
CA ALA D 454 5.22 36.79 5.00
C ALA D 454 3.78 36.79 5.56
N PRO D 455 3.46 37.71 6.48
CA PRO D 455 4.33 38.86 6.82
C PRO D 455 5.59 38.46 7.57
N PRO D 456 6.71 39.13 7.27
CA PRO D 456 7.98 38.77 7.93
C PRO D 456 7.88 38.99 9.43
N GLY D 457 8.72 38.29 10.19
CA GLY D 457 8.79 38.48 11.61
C GLY D 457 7.51 38.13 12.34
N THR D 458 6.72 37.22 11.78
CA THR D 458 5.46 36.81 12.40
C THR D 458 5.43 35.28 12.56
N VAL D 459 5.30 34.82 13.80
CA VAL D 459 5.17 33.39 14.04
C VAL D 459 3.97 32.87 13.26
N GLY D 460 4.18 31.74 12.55
CA GLY D 460 3.09 31.09 11.85
C GLY D 460 2.82 31.55 10.42
N SER D 461 3.53 32.59 9.94
CA SER D 461 3.20 33.17 8.63
C SER D 461 3.72 32.31 7.45
N THR D 462 4.54 31.32 7.76
CA THR D 462 5.12 30.40 6.78
C THR D 462 4.15 30.09 5.62
N ASN D 463 4.52 30.52 4.41
CA ASN D 463 3.60 30.39 3.27
C ASN D 463 4.23 30.35 1.90
N LEU D 464 5.52 30.09 1.85
CA LEU D 464 6.18 29.99 0.57
C LEU D 464 7.30 28.96 0.53
N ILE D 465 7.41 28.28 -0.62
CA ILE D 465 8.56 27.41 -0.89
C ILE D 465 9.24 27.89 -2.16
N HIS D 466 10.52 28.14 -2.07
CA HIS D 466 11.29 28.66 -3.22
C HIS D 466 12.45 27.72 -3.48
N VAL D 467 12.51 27.23 -4.70
CA VAL D 467 13.63 26.42 -5.12
C VAL D 467 14.64 27.40 -5.68
N HIS D 468 15.85 27.37 -5.16
CA HIS D 468 16.80 28.46 -5.41
C HIS D 468 18.18 27.89 -5.63
N ARG D 469 18.92 28.43 -6.58
CA ARG D 469 20.35 28.15 -6.66
C ARG D 469 21.12 29.29 -6.02
N ILE D 470 21.98 28.94 -5.10
CA ILE D 470 22.73 29.92 -4.32
C ILE D 470 23.44 30.91 -5.21
N GLY D 471 23.14 32.20 -5.00
CA GLY D 471 23.80 33.29 -5.74
C GLY D 471 23.27 33.52 -7.14
N GLU D 472 22.30 32.73 -7.58
CA GLU D 472 21.78 32.90 -8.94
C GLU D 472 20.56 33.80 -8.92
N ASP D 473 20.27 34.39 -10.06
CA ASP D 473 19.24 35.41 -10.19
C ASP D 473 17.88 34.77 -10.48
N ASP D 474 17.33 34.04 -9.52
CA ASP D 474 16.09 33.29 -9.76
C ASP D 474 15.02 33.62 -8.75
N VAL D 475 15.15 34.77 -8.10
CA VAL D 475 14.13 35.26 -7.18
C VAL D 475 13.52 36.53 -7.75
MG MG E . -36.55 -3.22 -19.07
C1 OXL F . -33.85 -3.21 -20.04
C2 OXL F . -34.18 -4.64 -19.95
O1 OXL F . -34.72 -2.37 -19.73
O2 OXL F . -35.26 -4.94 -19.39
O3 OXL F . -32.71 -2.88 -20.40
O4 OXL F . -33.41 -5.51 -20.46
P AMP G . -21.88 -25.24 -1.33
O1P AMP G . -23.32 -25.11 -1.77
O2P AMP G . -20.91 -24.60 -2.31
O3P AMP G . -21.75 -24.72 0.07
O5' AMP G . -21.55 -26.81 -1.37
C5' AMP G . -20.25 -27.30 -1.05
C4' AMP G . -20.42 -28.77 -0.64
O4' AMP G . -21.13 -29.50 -1.64
C3' AMP G . -19.13 -29.51 -0.42
O3' AMP G . -18.73 -29.28 0.94
C2' AMP G . -19.53 -30.96 -0.68
O2' AMP G . -19.77 -31.59 0.57
C1' AMP G . -20.85 -30.87 -1.46
N9 AMP G . -20.75 -31.54 -2.77
C8 AMP G . -20.68 -30.97 -3.99
N7 AMP G . -20.60 -31.90 -4.98
C5 AMP G . -20.70 -33.10 -4.38
C6 AMP G . -20.70 -34.49 -4.81
N6 AMP G . -20.57 -34.83 -6.12
N1 AMP G . -20.78 -35.44 -3.84
C2 AMP G . -20.89 -35.13 -2.55
N3 AMP G . -20.89 -33.88 -2.09
C4 AMP G . -20.79 -32.85 -2.93
K K H . -39.32 -8.31 -20.19
PG ATP I . -38.65 -5.30 -25.49
O1G ATP I . -39.10 -5.98 -24.21
O2G ATP I . -39.83 -5.09 -26.40
O3G ATP I . -37.99 -3.96 -25.21
PB ATP I . -36.11 -6.62 -25.73
O1B ATP I . -36.00 -8.12 -25.63
O2B ATP I . -35.84 -6.05 -24.36
O3B ATP I . -37.60 -6.24 -26.27
PA ATP I . -34.86 -4.73 -27.57
O1A ATP I . -33.37 -4.52 -27.87
O2A ATP I . -35.41 -3.67 -26.65
O3A ATP I . -35.00 -6.17 -26.84
O5' ATP I . -35.73 -4.70 -28.95
C5' ATP I . -35.61 -3.67 -29.93
C4' ATP I . -36.97 -3.37 -30.56
O4' ATP I . -37.52 -4.55 -31.19
C3' ATP I . -37.99 -2.94 -29.51
O3' ATP I . -38.73 -1.83 -30.01
C2' ATP I . -38.88 -4.14 -29.30
O2' ATP I . -40.24 -3.79 -29.06
C1' ATP I . -38.76 -4.94 -30.58
N9 ATP I . -38.78 -6.40 -30.29
C8 ATP I . -37.90 -7.07 -29.51
N7 ATP I . -38.19 -8.40 -29.49
C5 ATP I . -39.27 -8.58 -30.26
C6 ATP I . -40.09 -9.75 -30.66
N6 ATP I . -39.78 -10.97 -30.20
N1 ATP I . -41.15 -9.54 -31.48
C2 ATP I . -41.44 -8.30 -31.94
N3 ATP I . -40.73 -7.21 -31.62
C4 ATP I . -39.66 -7.28 -30.79
P PO4 J . -17.19 -14.24 2.15
O1 PO4 J . -17.65 -15.39 1.32
O2 PO4 J . -16.22 -14.74 3.22
O3 PO4 J . -18.39 -13.63 2.87
O4 PO4 J . -16.51 -13.18 1.30
MG MG K . -9.45 8.78 -39.36
C1 OXL L . -11.00 8.62 -36.90
C2 OXL L . -10.69 10.06 -37.02
O1 OXL L . -11.61 8.21 -35.89
O2 OXL L . -11.24 10.86 -36.23
O3 OXL L . -10.61 7.84 -37.80
O4 OXL L . -9.90 10.44 -37.92
P AMP M . 6.24 27.12 -18.52
O1P AMP M . 4.97 26.55 -17.84
O2P AMP M . 7.50 26.44 -18.11
O3P AMP M . 6.14 27.18 -20.01
O5' AMP M . 6.30 28.67 -18.06
C5' AMP M . 6.25 29.03 -16.67
C4' AMP M . 6.87 30.42 -16.57
O4' AMP M . 6.20 31.36 -17.42
C3' AMP M . 6.83 31.01 -15.18
O3' AMP M . 8.00 30.57 -14.48
C2' AMP M . 6.80 32.52 -15.45
O2' AMP M . 8.09 33.06 -15.27
C1' AMP M . 6.42 32.66 -16.92
N9 AMP M . 5.19 33.47 -17.06
C8 AMP M . 3.95 33.01 -17.33
N7 AMP M . 3.06 34.04 -17.37
C5 AMP M . 3.74 35.17 -17.17
C6 AMP M . 3.43 36.61 -17.10
N6 AMP M . 2.17 37.08 -17.25
N1 AMP M . 4.45 37.45 -16.80
C2 AMP M . 5.70 37.01 -16.62
N3 AMP M . 6.07 35.72 -16.69
C4 AMP M . 5.14 34.77 -16.95
K K N . -9.31 14.05 -41.58
PG ATP O . -15.07 11.85 -42.68
O1G ATP O . -15.09 10.42 -42.19
O2G ATP O . -13.65 12.42 -42.66
O3G ATP O . -15.67 11.93 -44.06
PB ATP O . -15.82 12.42 -40.09
O1B ATP O . -15.30 11.02 -39.85
O2B ATP O . -14.87 13.42 -39.50
O3B ATP O . -15.98 12.69 -41.67
PA ATP O . -18.29 11.25 -39.45
O1A ATP O . -17.54 10.08 -40.03
O2A ATP O . -18.78 10.96 -38.02
O3A ATP O . -17.28 12.53 -39.41
O5' ATP O . -19.52 11.56 -40.45
C5' ATP O . -20.45 10.53 -40.84
C4' ATP O . -20.67 10.46 -42.36
O4' ATP O . -20.92 11.75 -42.92
C3' ATP O . -19.50 9.89 -43.13
O3' ATP O . -20.02 9.12 -44.21
C2' ATP O . -18.77 11.10 -43.68
O2' ATP O . -18.12 10.83 -44.94
C1' ATP O . -19.89 12.11 -43.87
N9 ATP O . -19.46 13.49 -43.61
C8 ATP O . -18.84 13.96 -42.52
N7 ATP O . -18.61 15.30 -42.64
C5 ATP O . -19.12 15.68 -43.83
C6 ATP O . -19.23 16.93 -44.59
N6 ATP O . -18.75 18.09 -44.10
N1 ATP O . -19.82 16.91 -45.80
C2 ATP O . -20.33 15.75 -46.32
N3 ATP O . -20.25 14.58 -45.66
C4 ATP O . -19.67 14.49 -44.45
P PO4 P . 7.51 15.44 -14.47
O1 PO4 P . 6.20 14.75 -14.19
O2 PO4 P . 8.30 14.67 -15.52
O3 PO4 P . 8.33 15.51 -13.19
O4 PO4 P . 7.28 16.84 -14.98
MG MG Q . 31.91 -16.22 20.77
MG MG R . 30.50 -14.59 25.89
C1 OXL S . 29.41 -14.81 21.85
C2 OXL S . 29.03 -16.23 21.96
O1 OXL S . 30.52 -14.55 21.35
O2 OXL S . 27.91 -16.55 22.43
O3 OXL S . 28.66 -13.92 22.28
O4 OXL S . 29.84 -17.08 21.53
P AMP T . 8.03 -31.71 6.76
O1P AMP T . 9.35 -32.07 7.40
O2P AMP T . 7.35 -30.54 7.43
O3P AMP T . 8.21 -31.46 5.29
O5' AMP T . 7.05 -32.98 6.89
C5' AMP T . 5.64 -32.87 6.77
C4' AMP T . 5.10 -34.28 6.55
O4' AMP T . 5.42 -35.10 7.67
C3' AMP T . 3.59 -34.39 6.41
O3' AMP T . 3.20 -34.13 5.06
C2' AMP T . 3.31 -35.83 6.85
O2' AMP T . 3.21 -36.69 5.71
C1' AMP T . 4.54 -36.22 7.65
N9 AMP T . 4.20 -36.57 9.04
C8 AMP T . 4.47 -35.81 10.12
N7 AMP T . 4.04 -36.41 11.24
C5 AMP T . 3.56 -37.60 10.89
C6 AMP T . 2.93 -38.71 11.59
N6 AMP T . 2.79 -38.67 12.94
N1 AMP T . 2.50 -39.75 10.85
C2 AMP T . 2.66 -39.79 9.51
N3 AMP T . 3.21 -38.79 8.80
C4 AMP T . 3.64 -37.69 9.44
PG ATP U . 32.67 -17.79 27.26
O1G ATP U . 32.49 -18.88 26.21
O2G ATP U . 32.45 -16.42 26.63
O3G ATP U . 34.05 -17.87 27.86
PB ATP U . 29.99 -17.72 28.04
O1B ATP U . 29.21 -19.02 28.16
O2B ATP U . 29.91 -17.21 26.62
O3B ATP U . 31.55 -17.98 28.42
PA ATP U . 29.83 -15.22 29.42
O1A ATP U . 28.66 -14.28 29.63
O2A ATP U . 30.73 -14.76 28.27
O3A ATP U . 29.27 -16.68 29.05
O5' ATP U . 30.63 -15.43 30.80
C5' ATP U . 30.84 -14.45 31.81
C4' ATP U . 32.35 -14.35 32.05
O4' ATP U . 32.82 -15.47 32.81
C3' ATP U . 33.09 -14.36 30.73
O3' ATP U . 34.21 -13.45 30.81
C2' ATP U . 33.52 -15.81 30.56
O2' ATP U . 34.78 -15.93 29.88
C1' ATP U . 33.59 -16.37 31.97
N9 ATP U . 32.96 -17.70 32.10
C8 ATP U . 31.82 -18.11 31.50
N7 ATP U . 31.53 -19.39 31.87
C5 ATP U . 32.47 -19.80 32.72
C6 ATP U . 32.76 -21.04 33.48
N6 ATP U . 31.93 -22.10 33.39
N1 ATP U . 33.85 -21.06 34.26
C2 ATP U . 34.69 -19.99 34.37
N3 ATP U . 34.49 -18.83 33.70
C4 ATP U . 33.41 -18.69 32.88
P PO4 V . 8.73 -20.41 1.18
O1 PO4 V . 8.11 -21.24 0.10
O2 PO4 V . 8.21 -20.78 2.55
O3 PO4 V . 10.23 -20.62 1.16
O4 PO4 V . 8.47 -18.93 0.93
MG MG W . 14.01 10.69 37.46
MG MG X . 19.31 8.42 37.28
C1 OXL Y . 15.46 9.40 35.12
C2 OXL Y . 15.85 10.80 34.93
O1 OXL Y . 15.82 8.53 34.30
O2 OXL Y . 15.47 11.61 35.79
O3 OXL Y . 14.75 9.10 36.10
O4 OXL Y . 16.51 11.17 33.93
P AMP Z . 7.55 29.83 12.97
O1P AMP Z . 8.28 28.69 12.32
O2P AMP Z . 6.06 29.75 12.79
O3P AMP Z . 7.86 30.00 14.44
O5' AMP Z . 8.04 31.15 12.20
C5' AMP Z . 8.16 31.19 10.80
C4' AMP Z . 8.27 32.66 10.42
O4' AMP Z . 9.35 33.27 11.11
C3' AMP Z . 8.50 32.94 8.94
O3' AMP Z . 7.27 32.93 8.23
C2' AMP Z . 9.18 34.30 8.95
O2' AMP Z . 8.26 35.36 8.66
C1' AMP Z . 9.68 34.47 10.39
N9 AMP Z . 11.13 34.68 10.40
C8 AMP Z . 12.04 33.80 10.81
N7 AMP Z . 13.28 34.32 10.71
C5 AMP Z . 13.14 35.59 10.29
C6 AMP Z . 14.05 36.68 9.98
N6 AMP Z . 15.37 36.52 10.13
N1 AMP Z . 13.50 37.82 9.52
C2 AMP Z . 12.17 37.98 9.38
N3 AMP Z . 11.28 37.01 9.65
C4 AMP Z . 11.72 35.82 10.08
K K AA . 16.50 15.76 38.53
PG ATP BA . 20.24 11.45 39.89
O1G ATP BA . 19.58 10.21 39.33
O2G ATP BA . 20.54 11.30 41.36
O3G ATP BA . 19.35 12.67 39.68
PB ATP BA . 21.64 11.58 37.44
O1B ATP BA . 20.29 11.15 36.92
O2B ATP BA . 22.04 12.92 36.84
O3B ATP BA . 21.62 11.67 39.06
PA ATP BA . 22.72 8.95 37.33
O1A ATP BA . 21.36 8.61 37.94
O2A ATP BA . 23.03 8.11 36.09
O3A ATP BA . 22.75 10.52 36.94
O5' ATP BA . 23.94 8.79 38.39
C5' ATP BA . 24.61 7.57 38.70
C4' ATP BA . 24.58 7.39 40.23
O4' ATP BA . 25.37 8.39 40.88
C3' ATP BA . 23.15 7.56 40.73
O3' ATP BA . 22.88 6.63 41.78
C2' ATP BA . 23.10 8.99 41.26
O2' ATP BA . 22.23 9.14 42.38
C1' ATP BA . 24.55 9.33 41.61
N9 ATP BA . 24.92 10.71 41.19
C8 ATP BA . 24.55 11.34 40.06
N7 ATP BA . 25.10 12.59 40.00
C5 ATP BA . 25.83 12.76 41.10
C6 ATP BA . 26.66 13.84 41.67
N6 ATP BA . 26.82 15.01 41.01
N1 ATP BA . 27.27 13.61 42.86
C2 ATP BA . 27.13 12.44 43.53
N3 ATP BA . 26.38 11.42 43.07
C4 ATP BA . 25.72 11.52 41.88
P PO4 CA . 0.86 19.42 11.07
O1 PO4 CA . -0.01 18.24 11.43
O2 PO4 CA . 2.28 18.96 10.88
O3 PO4 CA . 0.82 20.45 12.19
O4 PO4 CA . 0.32 20.06 9.81
#